data_1M3V
#
_entry.id   1M3V
#
loop_
_entity.id
_entity.type
_entity.pdbx_description
1 polymer 'fusion of the LIM interacting domain of ldb1 and the N-terminal LIM domain of LMO4'
2 non-polymer 'ZINC ION'
#
_entity_poly.entity_id   1
_entity_poly.type   'polypeptide(L)'
_entity_poly.pdbx_seq_one_letter_code
;GSLSWKRCAGCGGKIADRFLLYAMDSYWHSRCLKCSSCQAQLGDIGTSSYTKSGMILCRNDYIRLFGNSGAGGSGGHMGS
GGDVMVVGEPTLMGGEFGDEDERLITRLENTQFDAANGIDDE
;
_entity_poly.pdbx_strand_id   A
#
loop_
_chem_comp.id
_chem_comp.type
_chem_comp.name
_chem_comp.formula
ZN non-polymer 'ZINC ION' 'Zn 2'
#
# COMPACT_ATOMS: atom_id res chain seq x y z
N GLY A 1 -13.83 -14.47 0.45
CA GLY A 1 -13.85 -14.49 1.93
C GLY A 1 -15.02 -13.72 2.49
N SER A 2 -14.74 -12.61 3.16
CA SER A 2 -15.78 -11.73 3.66
C SER A 2 -16.59 -11.16 2.51
N LEU A 3 -15.93 -10.98 1.38
CA LEU A 3 -16.59 -10.60 0.14
C LEU A 3 -16.12 -11.52 -0.99
N SER A 4 -16.43 -11.14 -2.22
CA SER A 4 -16.00 -11.91 -3.38
C SER A 4 -14.53 -11.64 -3.68
N TRP A 5 -13.89 -12.58 -4.34
CA TRP A 5 -12.49 -12.44 -4.69
C TRP A 5 -12.27 -11.31 -5.67
N LYS A 6 -11.15 -10.63 -5.52
CA LYS A 6 -10.84 -9.48 -6.35
C LYS A 6 -9.60 -9.74 -7.18
N ARG A 7 -9.08 -10.97 -7.03
CA ARG A 7 -7.96 -11.48 -7.84
C ARG A 7 -6.65 -10.71 -7.64
N CYS A 8 -5.53 -11.39 -7.87
CA CYS A 8 -4.22 -10.73 -7.85
C CYS A 8 -4.00 -9.99 -9.15
N ALA A 9 -3.86 -8.69 -9.07
CA ALA A 9 -3.58 -7.87 -10.23
C ALA A 9 -2.08 -7.89 -10.53
N GLY A 10 -1.34 -8.63 -9.70
CA GLY A 10 0.09 -8.74 -9.89
C GLY A 10 0.45 -9.84 -10.87
N CYS A 11 -0.13 -11.02 -10.70
CA CYS A 11 0.20 -12.14 -11.57
C CYS A 11 -1.02 -12.59 -12.38
N GLY A 12 -1.39 -13.86 -12.22
CA GLY A 12 -2.45 -14.44 -13.02
C GLY A 12 -3.84 -13.99 -12.61
N GLY A 13 -4.23 -14.33 -11.39
CA GLY A 13 -5.55 -13.98 -10.92
C GLY A 13 -5.89 -14.62 -9.60
N LYS A 14 -6.22 -15.90 -9.63
CA LYS A 14 -6.60 -16.61 -8.41
C LYS A 14 -5.43 -16.74 -7.46
N ILE A 15 -5.63 -16.32 -6.22
CA ILE A 15 -4.59 -16.38 -5.21
C ILE A 15 -4.79 -17.58 -4.30
N ALA A 16 -4.14 -18.69 -4.63
CA ALA A 16 -4.21 -19.89 -3.81
C ALA A 16 -3.03 -19.95 -2.86
N ASP A 17 -2.49 -18.78 -2.55
CA ASP A 17 -1.33 -18.68 -1.68
C ASP A 17 -1.74 -18.26 -0.28
N ARG A 18 -0.79 -18.35 0.65
CA ARG A 18 -1.02 -17.92 2.01
C ARG A 18 -0.71 -16.43 2.14
N PHE A 19 0.21 -15.96 1.32
CA PHE A 19 0.65 -14.58 1.38
C PHE A 19 -0.13 -13.72 0.40
N LEU A 20 -1.21 -13.10 0.89
CA LEU A 20 -2.04 -12.25 0.07
C LEU A 20 -2.07 -10.82 0.61
N LEU A 21 -2.30 -9.88 -0.28
CA LEU A 21 -2.41 -8.48 0.06
C LEU A 21 -3.59 -7.87 -0.70
N TYR A 22 -4.21 -6.85 -0.13
CA TYR A 22 -5.28 -6.15 -0.82
C TYR A 22 -4.79 -4.77 -1.22
N ALA A 23 -4.94 -4.43 -2.49
CA ALA A 23 -4.62 -3.10 -2.95
C ALA A 23 -5.42 -2.74 -4.18
N MET A 24 -5.88 -1.48 -4.24
CA MET A 24 -6.67 -0.98 -5.36
C MET A 24 -8.02 -1.69 -5.47
N ASP A 25 -8.49 -2.22 -4.33
CA ASP A 25 -9.74 -2.99 -4.29
C ASP A 25 -9.58 -4.33 -5.00
N SER A 26 -8.33 -4.66 -5.29
CA SER A 26 -7.98 -5.94 -5.86
C SER A 26 -7.07 -6.66 -4.87
N TYR A 27 -6.59 -7.83 -5.25
CA TYR A 27 -5.66 -8.54 -4.42
C TYR A 27 -4.30 -8.55 -5.10
N TRP A 28 -3.28 -8.81 -4.31
CA TRP A 28 -1.92 -8.85 -4.81
C TRP A 28 -1.13 -9.87 -4.01
N HIS A 29 0.04 -10.21 -4.50
CA HIS A 29 0.98 -11.00 -3.72
C HIS A 29 2.02 -10.05 -3.13
N SER A 30 2.78 -10.53 -2.16
CA SER A 30 3.77 -9.67 -1.50
C SER A 30 4.74 -9.05 -2.49
N ARG A 31 5.22 -9.85 -3.45
CA ARG A 31 6.15 -9.38 -4.46
C ARG A 31 5.44 -9.08 -5.78
N CYS A 32 4.14 -9.32 -5.82
CA CYS A 32 3.34 -8.97 -7.00
C CYS A 32 2.99 -7.48 -6.96
N LEU A 33 2.59 -7.02 -5.77
CA LEU A 33 2.29 -5.61 -5.56
C LEU A 33 3.52 -4.77 -5.83
N LYS A 34 4.48 -4.85 -4.91
CA LYS A 34 5.81 -4.26 -5.09
C LYS A 34 5.79 -2.77 -5.40
N CYS A 35 6.96 -2.20 -5.28
CA CYS A 35 7.17 -0.78 -5.42
C CYS A 35 7.12 -0.35 -6.88
N SER A 36 7.46 0.90 -7.12
CA SER A 36 7.64 1.39 -8.48
C SER A 36 9.12 1.42 -8.82
N SER A 37 9.91 2.09 -8.01
CA SER A 37 11.33 2.23 -8.27
C SER A 37 12.18 1.29 -7.40
N CYS A 38 11.92 1.28 -6.10
CA CYS A 38 12.71 0.49 -5.16
C CYS A 38 12.52 -1.02 -5.37
N GLN A 39 11.31 -1.40 -5.71
CA GLN A 39 10.93 -2.82 -5.84
C GLN A 39 11.11 -3.54 -4.51
N ALA A 40 10.62 -2.92 -3.44
CA ALA A 40 10.72 -3.50 -2.13
C ALA A 40 9.41 -4.16 -1.72
N GLN A 41 9.24 -4.38 -0.44
CA GLN A 41 8.03 -4.98 0.09
C GLN A 41 7.13 -3.91 0.69
N LEU A 42 6.12 -3.51 -0.09
CA LEU A 42 5.20 -2.46 0.32
C LEU A 42 4.55 -2.77 1.68
N GLY A 43 4.28 -4.04 1.93
CA GLY A 43 3.64 -4.44 3.17
C GLY A 43 4.61 -4.59 4.33
N ASP A 44 5.89 -4.34 4.09
CA ASP A 44 6.89 -4.47 5.14
C ASP A 44 7.37 -3.10 5.63
N ILE A 45 7.16 -2.07 4.80
CA ILE A 45 7.57 -0.72 5.16
C ILE A 45 6.50 -0.05 6.02
N GLY A 46 5.42 -0.77 6.27
CA GLY A 46 4.30 -0.21 6.97
C GLY A 46 3.06 -0.31 6.11
N THR A 47 1.92 0.13 6.62
CA THR A 47 0.71 0.07 5.83
C THR A 47 0.49 1.39 5.10
N SER A 48 0.87 1.43 3.83
CA SER A 48 0.67 2.60 2.98
C SER A 48 0.82 2.21 1.51
N SER A 49 0.08 2.88 0.64
CA SER A 49 0.15 2.61 -0.78
C SER A 49 -0.34 3.82 -1.57
N TYR A 50 0.44 4.23 -2.55
CA TYR A 50 0.07 5.38 -3.37
C TYR A 50 -0.18 4.94 -4.80
N THR A 51 -1.33 5.32 -5.32
CA THR A 51 -1.72 4.96 -6.67
C THR A 51 -1.89 6.20 -7.53
N LYS A 52 -0.97 6.37 -8.46
CA LYS A 52 -1.00 7.49 -9.38
C LYS A 52 -0.34 7.09 -10.68
N SER A 53 -0.86 7.59 -11.80
CA SER A 53 -0.37 7.21 -13.13
C SER A 53 -0.64 5.73 -13.41
N GLY A 54 -1.58 5.15 -12.66
CA GLY A 54 -1.85 3.73 -12.79
C GLY A 54 -0.73 2.90 -12.18
N MET A 55 0.11 3.56 -11.40
CA MET A 55 1.25 2.91 -10.76
C MET A 55 0.98 2.67 -9.29
N ILE A 56 1.80 1.83 -8.69
CA ILE A 56 1.74 1.57 -7.26
C ILE A 56 3.06 1.94 -6.61
N LEU A 57 3.00 2.91 -5.71
CA LEU A 57 4.21 3.45 -5.12
C LEU A 57 4.15 3.39 -3.60
N CYS A 58 5.32 3.26 -2.99
CA CYS A 58 5.45 3.37 -1.55
C CYS A 58 5.48 4.85 -1.17
N ARG A 59 5.73 5.13 0.10
CA ARG A 59 5.83 6.51 0.55
C ARG A 59 7.06 7.20 -0.04
N ASN A 60 8.19 6.50 -0.02
CA ASN A 60 9.44 7.03 -0.57
C ASN A 60 9.33 7.19 -2.08
N ASP A 61 8.77 6.17 -2.74
CA ASP A 61 8.55 6.19 -4.18
C ASP A 61 7.72 7.40 -4.57
N TYR A 62 6.69 7.64 -3.78
CA TYR A 62 5.78 8.75 -4.01
C TYR A 62 6.50 10.09 -3.97
N ILE A 63 7.31 10.28 -2.94
CA ILE A 63 8.06 11.53 -2.78
C ILE A 63 9.03 11.75 -3.94
N ARG A 64 9.50 10.66 -4.52
CA ARG A 64 10.43 10.73 -5.64
C ARG A 64 9.71 11.04 -6.95
N LEU A 65 8.52 10.46 -7.11
CA LEU A 65 7.76 10.65 -8.35
C LEU A 65 6.92 11.93 -8.31
N PHE A 66 6.02 12.01 -7.35
CA PHE A 66 5.08 13.13 -7.25
C PHE A 66 5.27 13.85 -5.91
N GLY A 67 6.50 14.00 -5.49
CA GLY A 67 6.78 14.62 -4.21
C GLY A 67 6.76 16.13 -4.27
N ASN A 68 5.56 16.69 -4.44
CA ASN A 68 5.37 18.13 -4.44
C ASN A 68 5.66 18.67 -3.05
N SER A 69 6.37 19.79 -2.97
CA SER A 69 6.79 20.37 -1.70
C SER A 69 5.58 20.78 -0.86
N GLY A 70 5.20 19.93 0.06
CA GLY A 70 4.09 20.22 0.96
C GLY A 70 4.54 20.24 2.40
N ALA A 71 5.67 20.89 2.64
CA ALA A 71 6.23 20.99 3.97
C ALA A 71 6.66 22.42 4.26
N GLY A 72 5.88 23.11 5.07
CA GLY A 72 6.16 24.50 5.38
C GLY A 72 4.91 25.34 5.40
N GLY A 73 3.99 25.02 4.51
CA GLY A 73 2.70 25.69 4.49
C GLY A 73 1.59 24.74 4.90
N SER A 74 1.96 23.72 5.66
CA SER A 74 1.04 22.69 6.07
C SER A 74 0.78 22.75 7.57
N GLY A 75 -0.35 23.32 7.94
CA GLY A 75 -0.71 23.42 9.34
C GLY A 75 -1.22 22.11 9.88
N GLY A 76 -2.04 21.44 9.07
CA GLY A 76 -2.55 20.15 9.45
C GLY A 76 -1.99 19.05 8.56
N HIS A 77 -2.89 18.29 7.94
CA HIS A 77 -2.50 17.22 7.01
C HIS A 77 -1.56 16.22 7.66
N MET A 78 -1.88 15.83 8.89
CA MET A 78 -1.07 14.86 9.61
C MET A 78 -1.91 13.64 9.98
N GLY A 79 -1.23 12.58 10.39
CA GLY A 79 -1.90 11.35 10.72
C GLY A 79 -1.82 10.36 9.59
N SER A 80 -1.67 10.88 8.37
CA SER A 80 -1.49 10.05 7.19
C SER A 80 -0.10 9.44 7.17
N GLY A 81 0.03 8.30 6.51
CA GLY A 81 1.29 7.60 6.50
C GLY A 81 1.29 6.47 7.52
N GLY A 82 0.85 5.29 7.10
CA GLY A 82 0.81 4.16 8.00
C GLY A 82 2.12 3.42 8.02
N ASP A 83 3.08 3.97 7.30
CA ASP A 83 4.42 3.43 7.20
C ASP A 83 5.15 3.52 8.53
N VAL A 84 6.28 2.83 8.60
CA VAL A 84 7.16 2.92 9.74
C VAL A 84 8.52 3.43 9.30
N MET A 85 8.51 4.29 8.28
CA MET A 85 9.73 4.83 7.71
C MET A 85 9.87 6.31 8.07
N VAL A 86 8.77 7.04 8.01
CA VAL A 86 8.78 8.46 8.34
C VAL A 86 7.80 8.77 9.47
N VAL A 87 6.68 8.05 9.51
CA VAL A 87 5.68 8.26 10.56
C VAL A 87 5.67 7.11 11.55
N GLY A 88 6.63 6.19 11.40
CA GLY A 88 6.73 5.07 12.32
C GLY A 88 7.19 5.51 13.68
N GLU A 89 8.20 6.36 13.70
CA GLU A 89 8.72 6.93 14.93
C GLU A 89 8.68 8.46 14.85
N PRO A 90 8.31 9.13 15.95
CA PRO A 90 8.19 10.59 15.97
C PRO A 90 9.47 11.30 15.57
N THR A 91 9.50 11.80 14.34
CA THR A 91 10.64 12.53 13.83
C THR A 91 10.25 13.95 13.45
N LEU A 92 9.15 14.06 12.72
CA LEU A 92 8.61 15.36 12.33
C LEU A 92 7.12 15.24 12.01
N MET A 93 6.31 15.55 13.00
CA MET A 93 4.86 15.51 12.86
C MET A 93 4.35 16.86 12.34
N GLY A 94 5.02 17.38 11.33
CA GLY A 94 4.67 18.68 10.79
C GLY A 94 3.84 18.56 9.53
N GLY A 95 3.52 17.33 9.15
CA GLY A 95 2.72 17.11 7.96
C GLY A 95 3.47 17.44 6.69
N GLU A 96 4.65 16.86 6.54
CA GLU A 96 5.45 17.04 5.34
C GLU A 96 4.95 16.13 4.24
N PHE A 97 4.01 16.63 3.45
CA PHE A 97 3.35 15.84 2.42
C PHE A 97 2.66 14.62 3.03
N GLY A 98 1.76 14.89 3.98
CA GLY A 98 1.02 13.82 4.62
C GLY A 98 -0.24 13.51 3.84
N ASP A 99 -0.06 13.08 2.60
CA ASP A 99 -1.19 12.84 1.72
C ASP A 99 -2.01 11.64 2.15
N GLU A 100 -3.31 11.85 2.27
CA GLU A 100 -4.23 10.78 2.69
C GLU A 100 -4.72 9.99 1.48
N ASP A 101 -4.00 10.11 0.38
CA ASP A 101 -4.33 9.37 -0.84
C ASP A 101 -3.91 7.91 -0.71
N GLU A 102 -3.25 7.59 0.40
CA GLU A 102 -2.78 6.23 0.64
C GLU A 102 -3.88 5.37 1.28
N ARG A 103 -3.48 4.54 2.25
CA ARG A 103 -4.40 3.66 2.99
C ARG A 103 -5.13 2.72 2.05
N LEU A 104 -4.38 2.09 1.15
CA LEU A 104 -4.98 1.15 0.20
C LEU A 104 -4.53 -0.27 0.50
N ILE A 105 -3.62 -0.44 1.45
CA ILE A 105 -3.08 -1.76 1.76
C ILE A 105 -3.86 -2.45 2.87
N THR A 106 -4.34 -3.64 2.56
CA THR A 106 -4.96 -4.52 3.53
C THR A 106 -4.17 -5.83 3.55
N ARG A 107 -3.53 -6.14 4.67
CA ARG A 107 -2.58 -7.25 4.68
C ARG A 107 -2.73 -8.14 5.89
N LEU A 108 -3.00 -9.41 5.61
CA LEU A 108 -2.84 -10.48 6.58
C LEU A 108 -2.41 -11.72 5.84
N GLU A 109 -1.12 -12.03 5.91
CA GLU A 109 -0.58 -13.10 5.10
C GLU A 109 -0.70 -14.43 5.80
N ASN A 110 -1.90 -15.00 5.71
CA ASN A 110 -2.23 -16.30 6.26
C ASN A 110 -3.70 -16.55 6.00
N THR A 111 -4.27 -17.59 6.61
CA THR A 111 -5.70 -17.86 6.50
C THR A 111 -6.52 -16.87 7.32
N GLN A 112 -5.85 -15.81 7.79
CA GLN A 112 -6.50 -14.74 8.55
C GLN A 112 -7.39 -13.92 7.62
N PHE A 113 -6.83 -13.54 6.49
CA PHE A 113 -7.57 -12.78 5.49
C PHE A 113 -8.02 -13.70 4.36
N ASP A 114 -8.35 -13.13 3.20
CA ASP A 114 -8.86 -13.91 2.07
C ASP A 114 -7.75 -14.63 1.31
N ALA A 115 -6.85 -15.26 2.04
CA ALA A 115 -5.81 -16.08 1.44
C ALA A 115 -6.24 -17.53 1.45
N ALA A 116 -7.51 -17.75 1.76
CA ALA A 116 -8.07 -19.08 1.84
C ALA A 116 -8.86 -19.42 0.58
N ASN A 117 -8.17 -19.95 -0.41
CA ASN A 117 -8.81 -20.39 -1.64
C ASN A 117 -9.47 -21.75 -1.39
N GLY A 118 -8.75 -22.58 -0.68
CA GLY A 118 -9.25 -23.89 -0.32
C GLY A 118 -8.27 -24.63 0.56
N ILE A 119 -8.79 -25.47 1.44
CA ILE A 119 -7.94 -26.24 2.33
C ILE A 119 -7.91 -27.70 1.89
N ASP A 120 -6.94 -28.02 1.06
CA ASP A 120 -6.82 -29.36 0.52
C ASP A 120 -5.39 -29.86 0.62
N ASP A 121 -5.23 -31.05 1.16
CA ASP A 121 -3.90 -31.64 1.32
C ASP A 121 -3.49 -32.37 0.04
N GLU A 122 -2.31 -32.95 0.05
CA GLU A 122 -1.80 -33.62 -1.14
C GLU A 122 -2.39 -35.02 -1.27
ZN ZN B . 0.18 -12.49 -7.57
ZN ZN C . 9.33 2.07 -3.07
N GLY A 1 -20.31 -12.52 2.19
CA GLY A 1 -19.87 -11.26 1.53
C GLY A 1 -18.66 -11.50 0.65
N SER A 2 -18.04 -10.41 0.21
CA SER A 2 -16.86 -10.48 -0.65
C SER A 2 -17.18 -11.19 -1.96
N LEU A 3 -17.70 -10.44 -2.92
CA LEU A 3 -18.01 -11.00 -4.23
C LEU A 3 -16.77 -10.99 -5.12
N SER A 4 -15.72 -10.34 -4.64
CA SER A 4 -14.45 -10.32 -5.35
C SER A 4 -13.70 -11.63 -5.14
N TRP A 5 -12.99 -12.07 -6.16
CA TRP A 5 -12.27 -13.31 -6.09
C TRP A 5 -10.78 -13.07 -5.87
N LYS A 6 -10.12 -14.07 -5.31
CA LYS A 6 -8.70 -13.96 -4.97
C LYS A 6 -7.83 -14.05 -6.21
N ARG A 7 -7.75 -12.97 -6.95
CA ARG A 7 -6.89 -12.88 -8.11
C ARG A 7 -5.93 -11.70 -7.95
N CYS A 8 -4.66 -11.95 -8.25
CA CYS A 8 -3.61 -10.98 -8.03
C CYS A 8 -3.48 -10.03 -9.21
N ALA A 9 -3.42 -8.74 -8.93
CA ALA A 9 -3.24 -7.73 -9.95
C ALA A 9 -1.76 -7.44 -10.16
N GLY A 10 -0.92 -8.15 -9.43
CA GLY A 10 0.51 -7.96 -9.53
C GLY A 10 1.12 -8.77 -10.65
N CYS A 11 0.96 -10.08 -10.58
CA CYS A 11 1.50 -10.95 -11.62
C CYS A 11 0.43 -11.26 -12.66
N GLY A 12 -0.77 -11.52 -12.19
CA GLY A 12 -1.89 -11.70 -13.10
C GLY A 12 -2.59 -13.05 -12.97
N GLY A 13 -2.27 -13.79 -11.91
CA GLY A 13 -2.92 -15.06 -11.72
C GLY A 13 -3.88 -15.02 -10.57
N LYS A 14 -4.12 -16.19 -10.00
CA LYS A 14 -4.97 -16.32 -8.83
C LYS A 14 -4.10 -16.50 -7.58
N ILE A 15 -4.61 -16.08 -6.44
CA ILE A 15 -3.86 -16.20 -5.20
C ILE A 15 -4.34 -17.42 -4.42
N ALA A 16 -3.59 -18.50 -4.52
CA ALA A 16 -3.88 -19.71 -3.78
C ALA A 16 -3.03 -19.76 -2.52
N ASP A 17 -2.12 -18.80 -2.42
CA ASP A 17 -1.23 -18.68 -1.29
C ASP A 17 -2.00 -18.28 -0.04
N ARG A 18 -1.57 -18.77 1.11
CA ARG A 18 -2.22 -18.49 2.37
C ARG A 18 -2.04 -17.01 2.74
N PHE A 19 -0.91 -16.45 2.33
CA PHE A 19 -0.61 -15.06 2.63
C PHE A 19 -0.81 -14.21 1.38
N LEU A 20 -1.57 -13.13 1.51
CA LEU A 20 -1.87 -12.27 0.38
C LEU A 20 -2.22 -10.85 0.84
N LEU A 21 -2.41 -9.96 -0.13
CA LEU A 21 -2.73 -8.57 0.15
C LEU A 21 -3.96 -8.13 -0.64
N TYR A 22 -4.59 -7.06 -0.19
CA TYR A 22 -5.73 -6.47 -0.86
C TYR A 22 -5.47 -5.00 -1.06
N ALA A 23 -5.58 -4.51 -2.29
CA ALA A 23 -5.32 -3.12 -2.57
C ALA A 23 -6.11 -2.64 -3.78
N MET A 24 -6.87 -1.56 -3.59
CA MET A 24 -7.68 -0.98 -4.65
C MET A 24 -8.75 -1.95 -5.12
N ASP A 25 -9.31 -2.70 -4.17
CA ASP A 25 -10.34 -3.72 -4.44
C ASP A 25 -9.80 -4.85 -5.32
N SER A 26 -8.52 -4.80 -5.62
CA SER A 26 -7.87 -5.89 -6.31
C SER A 26 -6.97 -6.61 -5.34
N TYR A 27 -6.84 -7.91 -5.49
CA TYR A 27 -6.02 -8.68 -4.57
C TYR A 27 -4.62 -8.79 -5.14
N TRP A 28 -3.66 -9.01 -4.25
CA TRP A 28 -2.25 -8.98 -4.61
C TRP A 28 -1.50 -10.07 -3.87
N HIS A 29 -0.31 -10.38 -4.37
CA HIS A 29 0.61 -11.21 -3.61
C HIS A 29 1.44 -10.29 -2.73
N SER A 30 2.03 -10.83 -1.67
CA SER A 30 2.86 -10.02 -0.79
C SER A 30 4.04 -9.42 -1.56
N ARG A 31 4.75 -10.26 -2.29
CA ARG A 31 5.90 -9.83 -3.07
C ARG A 31 5.47 -9.10 -4.35
N CYS A 32 4.23 -9.32 -4.77
CA CYS A 32 3.70 -8.67 -5.96
C CYS A 32 3.30 -7.23 -5.65
N LEU A 33 2.94 -6.96 -4.40
CA LEU A 33 2.63 -5.59 -3.99
C LEU A 33 3.92 -4.85 -3.67
N LYS A 34 4.67 -4.53 -4.71
CA LYS A 34 5.96 -3.89 -4.58
C LYS A 34 5.95 -2.54 -5.28
N CYS A 35 6.98 -1.75 -5.02
CA CYS A 35 7.12 -0.48 -5.70
C CYS A 35 7.42 -0.70 -7.18
N SER A 36 6.86 0.15 -8.02
CA SER A 36 7.11 0.08 -9.45
C SER A 36 8.52 0.58 -9.77
N SER A 37 9.16 1.18 -8.77
CA SER A 37 10.50 1.71 -8.95
C SER A 37 11.52 0.94 -8.10
N CYS A 38 11.18 0.71 -6.84
CA CYS A 38 12.08 0.01 -5.94
C CYS A 38 12.00 -1.50 -6.13
N GLN A 39 10.80 -1.98 -6.48
CA GLN A 39 10.52 -3.41 -6.60
C GLN A 39 10.64 -4.08 -5.23
N ALA A 40 10.55 -3.26 -4.19
CA ALA A 40 10.58 -3.73 -2.83
C ALA A 40 9.17 -3.82 -2.29
N GLN A 41 8.88 -4.92 -1.65
CA GLN A 41 7.56 -5.19 -1.11
C GLN A 41 7.09 -4.04 -0.22
N LEU A 42 5.95 -3.48 -0.55
CA LEU A 42 5.39 -2.37 0.22
C LEU A 42 4.91 -2.84 1.58
N GLY A 43 4.48 -4.09 1.63
CA GLY A 43 4.04 -4.69 2.89
C GLY A 43 5.21 -5.17 3.74
N ASP A 44 6.43 -4.99 3.22
CA ASP A 44 7.64 -5.39 3.94
C ASP A 44 8.09 -4.26 4.86
N ILE A 45 7.58 -3.06 4.61
CA ILE A 45 7.91 -1.91 5.44
C ILE A 45 6.74 -1.55 6.35
N GLY A 46 5.78 -2.44 6.42
CA GLY A 46 4.58 -2.20 7.20
C GLY A 46 3.38 -2.03 6.30
N THR A 47 2.44 -1.21 6.70
CA THR A 47 1.31 -0.90 5.84
C THR A 47 1.45 0.49 5.25
N SER A 48 1.89 0.56 4.00
CA SER A 48 2.04 1.83 3.31
C SER A 48 2.13 1.62 1.81
N SER A 49 1.51 2.51 1.04
CA SER A 49 1.59 2.45 -0.42
C SER A 49 0.88 3.63 -1.05
N TYR A 50 1.41 4.06 -2.18
CA TYR A 50 0.78 5.11 -2.98
C TYR A 50 0.36 4.53 -4.33
N THR A 51 -0.79 4.95 -4.82
CA THR A 51 -1.28 4.46 -6.11
C THR A 51 -1.85 5.62 -6.93
N LYS A 52 -1.08 6.07 -7.90
CA LYS A 52 -1.48 7.17 -8.76
C LYS A 52 -1.00 6.89 -10.18
N SER A 53 -1.87 7.13 -11.16
CA SER A 53 -1.60 6.80 -12.56
C SER A 53 -1.64 5.28 -12.77
N GLY A 54 -2.16 4.57 -11.78
CA GLY A 54 -2.07 3.12 -11.79
C GLY A 54 -0.70 2.66 -11.35
N MET A 55 0.16 3.64 -11.06
CA MET A 55 1.51 3.38 -10.61
C MET A 55 1.54 3.24 -9.10
N ILE A 56 2.00 2.09 -8.66
CA ILE A 56 2.11 1.82 -7.23
C ILE A 56 3.54 2.08 -6.77
N LEU A 57 3.71 3.09 -5.94
CA LEU A 57 5.03 3.48 -5.48
C LEU A 57 5.10 3.47 -3.96
N CYS A 58 6.29 3.71 -3.45
CA CYS A 58 6.48 3.85 -2.01
C CYS A 58 6.10 5.26 -1.58
N ARG A 59 6.18 5.51 -0.28
CA ARG A 59 5.89 6.84 0.26
C ARG A 59 6.96 7.82 -0.20
N ASN A 60 8.19 7.34 -0.24
CA ASN A 60 9.33 8.16 -0.65
C ASN A 60 9.29 8.46 -2.15
N ASP A 61 9.00 7.44 -2.95
CA ASP A 61 9.03 7.60 -4.40
C ASP A 61 7.91 8.49 -4.90
N TYR A 62 6.80 8.51 -4.19
CA TYR A 62 5.68 9.36 -4.58
C TYR A 62 6.09 10.82 -4.55
N ILE A 63 6.85 11.22 -3.54
CA ILE A 63 7.30 12.60 -3.42
C ILE A 63 8.39 12.91 -4.45
N ARG A 64 8.98 11.86 -5.00
CA ARG A 64 10.01 12.02 -6.02
C ARG A 64 9.38 12.08 -7.41
N LEU A 65 8.32 11.31 -7.60
CA LEU A 65 7.68 11.20 -8.91
C LEU A 65 6.55 12.23 -9.08
N PHE A 66 5.76 12.42 -8.04
CA PHE A 66 4.64 13.35 -8.10
C PHE A 66 4.92 14.59 -7.26
N GLY A 67 5.48 14.38 -6.08
CA GLY A 67 5.81 15.48 -5.19
C GLY A 67 4.59 16.24 -4.73
N ASN A 68 4.58 17.54 -4.97
CA ASN A 68 3.48 18.43 -4.59
C ASN A 68 3.44 18.68 -3.09
N SER A 69 3.34 17.63 -2.31
CA SER A 69 3.25 17.75 -0.87
C SER A 69 4.46 17.13 -0.18
N GLY A 70 5.15 17.93 0.62
CA GLY A 70 6.30 17.45 1.36
C GLY A 70 6.09 17.58 2.85
N ALA A 71 5.00 18.26 3.22
CA ALA A 71 4.64 18.51 4.62
C ALA A 71 5.69 19.34 5.33
N GLY A 72 5.62 20.65 5.13
CA GLY A 72 6.60 21.56 5.71
C GLY A 72 7.67 21.91 4.71
N GLY A 73 8.74 21.13 4.72
CA GLY A 73 9.75 21.25 3.70
C GLY A 73 9.75 20.05 2.78
N SER A 74 10.23 20.23 1.57
CA SER A 74 10.22 19.14 0.60
C SER A 74 11.64 18.74 0.20
N GLY A 75 12.42 19.73 -0.22
CA GLY A 75 13.79 19.47 -0.64
C GLY A 75 14.68 19.03 0.50
N GLY A 76 14.63 19.77 1.61
CA GLY A 76 15.44 19.42 2.76
C GLY A 76 14.86 18.28 3.57
N HIS A 77 13.63 17.90 3.22
CA HIS A 77 12.95 16.81 3.90
C HIS A 77 13.33 15.46 3.29
N MET A 78 14.07 15.52 2.19
CA MET A 78 14.47 14.32 1.45
C MET A 78 13.24 13.57 0.97
N GLY A 79 12.22 14.34 0.57
CA GLY A 79 10.95 13.75 0.20
C GLY A 79 9.93 13.91 1.29
N SER A 80 9.65 12.83 1.99
CA SER A 80 8.72 12.86 3.11
C SER A 80 9.43 12.44 4.40
N GLY A 81 10.45 11.60 4.26
CA GLY A 81 11.17 11.09 5.40
C GLY A 81 10.80 9.65 5.70
N GLY A 82 10.08 9.04 4.77
CA GLY A 82 9.62 7.68 4.95
C GLY A 82 8.22 7.64 5.51
N ASP A 83 7.83 6.48 6.03
CA ASP A 83 6.51 6.33 6.63
C ASP A 83 6.57 6.62 8.13
N VAL A 84 5.63 7.41 8.61
CA VAL A 84 5.64 7.84 10.01
C VAL A 84 5.28 6.71 10.97
N MET A 85 4.66 5.66 10.45
CA MET A 85 4.25 4.53 11.29
C MET A 85 5.48 3.70 11.69
N VAL A 86 6.48 3.68 10.82
CA VAL A 86 7.72 2.95 11.12
C VAL A 86 8.57 3.73 12.12
N VAL A 87 8.40 5.05 12.13
CA VAL A 87 9.11 5.90 13.05
C VAL A 87 8.41 5.93 14.41
N GLY A 88 7.11 6.17 14.36
CA GLY A 88 6.33 6.26 15.59
C GLY A 88 5.59 7.57 15.67
N GLU A 89 4.58 7.61 16.53
CA GLU A 89 3.76 8.81 16.73
C GLU A 89 3.10 9.24 15.42
N PRO A 90 2.02 8.55 15.00
CA PRO A 90 1.30 8.86 13.78
C PRO A 90 0.31 10.00 13.98
N THR A 91 0.66 10.92 14.86
CA THR A 91 -0.18 12.05 15.19
C THR A 91 0.03 13.19 14.19
N LEU A 92 -0.68 13.13 13.08
CA LEU A 92 -0.59 14.17 12.08
C LEU A 92 -1.53 15.32 12.40
N MET A 93 -1.16 16.53 12.02
CA MET A 93 -1.97 17.70 12.29
C MET A 93 -2.31 18.39 10.97
N GLY A 94 -2.73 17.60 10.00
CA GLY A 94 -3.00 18.13 8.68
C GLY A 94 -1.73 18.28 7.88
N GLY A 95 -1.54 19.47 7.31
CA GLY A 95 -0.37 19.72 6.52
C GLY A 95 -0.61 19.45 5.05
N GLU A 96 0.45 19.52 4.25
CA GLU A 96 0.34 19.30 2.81
C GLU A 96 -0.19 17.89 2.53
N PHE A 97 0.31 16.92 3.28
CA PHE A 97 -0.14 15.55 3.13
C PHE A 97 -0.16 14.84 4.48
N GLY A 98 -1.35 14.54 4.97
CA GLY A 98 -1.48 13.83 6.22
C GLY A 98 -1.82 12.38 5.97
N ASP A 99 -1.14 11.79 4.99
CA ASP A 99 -1.34 10.39 4.59
C ASP A 99 -2.71 10.24 3.93
N GLU A 100 -3.18 11.31 3.30
CA GLU A 100 -4.50 11.32 2.65
C GLU A 100 -4.61 10.25 1.57
N ASP A 101 -3.59 10.15 0.73
CA ASP A 101 -3.61 9.20 -0.38
C ASP A 101 -2.84 7.94 -0.04
N GLU A 102 -2.46 7.82 1.23
CA GLU A 102 -1.68 6.68 1.68
C GLU A 102 -2.56 5.67 2.42
N ARG A 103 -1.89 4.68 3.01
CA ARG A 103 -2.55 3.63 3.78
C ARG A 103 -3.52 2.85 2.89
N LEU A 104 -3.06 2.53 1.70
CA LEU A 104 -3.87 1.82 0.73
C LEU A 104 -3.75 0.32 0.90
N ILE A 105 -2.72 -0.11 1.63
CA ILE A 105 -2.48 -1.53 1.86
C ILE A 105 -3.51 -2.10 2.83
N THR A 106 -4.22 -3.12 2.35
CA THR A 106 -5.14 -3.86 3.18
C THR A 106 -4.66 -5.31 3.21
N ARG A 107 -4.05 -5.73 4.30
CA ARG A 107 -3.46 -7.06 4.35
C ARG A 107 -4.09 -7.90 5.45
N LEU A 108 -4.66 -9.02 5.04
CA LEU A 108 -5.19 -9.98 5.99
C LEU A 108 -5.00 -11.38 5.43
N GLU A 109 -3.99 -12.06 5.93
CA GLU A 109 -3.66 -13.39 5.47
C GLU A 109 -4.44 -14.43 6.26
N ASN A 110 -4.66 -15.59 5.65
CA ASN A 110 -5.44 -16.64 6.26
C ASN A 110 -4.81 -17.10 7.57
N THR A 111 -5.49 -16.80 8.67
CA THR A 111 -5.02 -17.17 10.00
C THR A 111 -3.64 -16.57 10.31
N GLN A 112 -3.47 -15.31 9.95
CA GLN A 112 -2.21 -14.62 10.21
C GLN A 112 -2.44 -13.46 11.18
N PHE A 113 -3.63 -13.43 11.77
CA PHE A 113 -4.01 -12.39 12.72
C PHE A 113 -3.04 -12.37 13.90
N ASP A 114 -2.74 -13.55 14.42
CA ASP A 114 -1.87 -13.70 15.59
C ASP A 114 -0.52 -13.02 15.37
N ALA A 115 0.01 -13.16 14.17
CA ALA A 115 1.33 -12.60 13.85
C ALA A 115 1.22 -11.15 13.39
N ALA A 116 0.12 -10.81 12.75
CA ALA A 116 -0.09 -9.45 12.25
C ALA A 116 -0.49 -8.51 13.38
N ASN A 117 0.44 -8.32 14.33
CA ASN A 117 0.25 -7.46 15.50
C ASN A 117 -0.64 -8.13 16.54
N GLY A 118 -1.16 -9.32 16.21
CA GLY A 118 -2.05 -10.03 17.11
C GLY A 118 -3.43 -9.39 17.14
N ILE A 119 -3.51 -8.31 17.91
CA ILE A 119 -4.68 -7.45 17.90
C ILE A 119 -4.23 -6.03 17.61
N ASP A 120 -4.49 -5.56 16.40
CA ASP A 120 -3.97 -4.27 15.96
C ASP A 120 -4.44 -3.14 16.85
N ASP A 121 -5.71 -3.18 17.21
CA ASP A 121 -6.28 -2.20 18.12
C ASP A 121 -7.01 -2.89 19.26
N GLU A 122 -8.11 -3.52 18.91
CA GLU A 122 -8.91 -4.30 19.84
C GLU A 122 -10.01 -5.00 19.05
ZN ZN B . 0.95 -12.10 -7.83
ZN ZN C . 9.93 3.14 -4.34
N GLY A 1 -19.35 -18.22 -14.61
CA GLY A 1 -19.05 -19.28 -13.63
C GLY A 1 -19.77 -19.05 -12.32
N SER A 2 -19.31 -19.71 -11.26
CA SER A 2 -19.90 -19.56 -9.94
C SER A 2 -19.58 -18.18 -9.37
N LEU A 3 -18.28 -17.90 -9.23
CA LEU A 3 -17.83 -16.61 -8.75
C LEU A 3 -16.63 -16.13 -9.54
N SER A 4 -16.71 -14.91 -10.04
CA SER A 4 -15.59 -14.32 -10.77
C SER A 4 -14.56 -13.79 -9.79
N TRP A 5 -13.39 -14.40 -9.79
CA TRP A 5 -12.36 -14.06 -8.83
C TRP A 5 -11.67 -12.77 -9.19
N LYS A 6 -11.18 -12.07 -8.17
CA LYS A 6 -10.49 -10.81 -8.36
C LYS A 6 -9.12 -11.05 -8.96
N ARG A 7 -8.43 -12.04 -8.43
CA ARG A 7 -7.12 -12.48 -8.92
C ARG A 7 -6.06 -11.40 -8.67
N CYS A 8 -4.78 -11.79 -8.61
CA CYS A 8 -3.71 -10.87 -8.28
C CYS A 8 -3.51 -9.84 -9.37
N ALA A 9 -3.65 -8.57 -9.00
CA ALA A 9 -3.38 -7.47 -9.92
C ALA A 9 -1.89 -7.14 -9.92
N GLY A 10 -1.15 -7.80 -9.04
CA GLY A 10 0.28 -7.60 -8.97
C GLY A 10 1.01 -8.25 -10.12
N CYS A 11 0.65 -9.49 -10.42
CA CYS A 11 1.24 -10.17 -11.55
C CYS A 11 0.18 -10.40 -12.63
N GLY A 12 -0.51 -11.51 -12.51
CA GLY A 12 -1.56 -11.84 -13.45
C GLY A 12 -1.97 -13.28 -13.35
N GLY A 13 -2.61 -13.64 -12.25
CA GLY A 13 -2.99 -15.00 -12.01
C GLY A 13 -3.67 -15.14 -10.67
N LYS A 14 -4.66 -16.01 -10.62
CA LYS A 14 -5.41 -16.24 -9.40
C LYS A 14 -4.49 -16.71 -8.30
N ILE A 15 -4.48 -15.97 -7.20
CA ILE A 15 -3.59 -16.27 -6.09
C ILE A 15 -3.98 -17.58 -5.42
N ALA A 16 -3.10 -18.55 -5.47
CA ALA A 16 -3.34 -19.85 -4.85
C ALA A 16 -2.75 -19.89 -3.45
N ASP A 17 -2.53 -18.73 -2.89
CA ASP A 17 -2.02 -18.60 -1.53
C ASP A 17 -3.17 -18.28 -0.59
N ARG A 18 -3.07 -18.74 0.65
CA ARG A 18 -4.10 -18.47 1.64
C ARG A 18 -3.76 -17.21 2.42
N PHE A 19 -2.67 -16.57 2.02
CA PHE A 19 -2.26 -15.30 2.59
C PHE A 19 -2.11 -14.27 1.47
N LEU A 20 -3.21 -13.59 1.13
CA LEU A 20 -3.19 -12.65 0.03
C LEU A 20 -3.22 -11.21 0.53
N LEU A 21 -2.76 -10.32 -0.32
CA LEU A 21 -2.88 -8.90 -0.08
C LEU A 21 -4.10 -8.39 -0.84
N TYR A 22 -4.70 -7.33 -0.36
CA TYR A 22 -5.87 -6.75 -1.01
C TYR A 22 -5.66 -5.26 -1.20
N ALA A 23 -5.81 -4.79 -2.42
CA ALA A 23 -5.59 -3.39 -2.71
C ALA A 23 -6.42 -2.94 -3.90
N MET A 24 -7.31 -1.98 -3.65
CA MET A 24 -8.20 -1.43 -4.69
C MET A 24 -9.09 -2.53 -5.28
N ASP A 25 -9.79 -3.25 -4.40
CA ASP A 25 -10.71 -4.34 -4.77
C ASP A 25 -9.97 -5.60 -5.22
N SER A 26 -8.92 -5.43 -5.98
CA SER A 26 -8.15 -6.57 -6.48
C SER A 26 -7.23 -7.11 -5.41
N TYR A 27 -6.86 -8.36 -5.54
CA TYR A 27 -5.97 -8.98 -4.59
C TYR A 27 -4.56 -9.01 -5.17
N TRP A 28 -3.58 -9.11 -4.30
CA TRP A 28 -2.18 -9.03 -4.72
C TRP A 28 -1.38 -10.10 -3.99
N HIS A 29 -0.20 -10.39 -4.51
CA HIS A 29 0.75 -11.19 -3.78
C HIS A 29 1.47 -10.27 -2.80
N SER A 30 1.99 -10.82 -1.72
CA SER A 30 2.70 -10.02 -0.74
C SER A 30 3.93 -9.37 -1.37
N ARG A 31 4.48 -10.03 -2.39
CA ARG A 31 5.64 -9.52 -3.10
C ARG A 31 5.23 -8.85 -4.43
N CYS A 32 3.93 -8.80 -4.70
CA CYS A 32 3.45 -8.20 -5.94
C CYS A 32 3.07 -6.73 -5.73
N LEU A 33 2.65 -6.40 -4.52
CA LEU A 33 2.36 -5.00 -4.18
C LEU A 33 3.66 -4.30 -3.79
N LYS A 34 4.40 -3.87 -4.80
CA LYS A 34 5.70 -3.25 -4.58
C LYS A 34 5.85 -1.98 -5.41
N CYS A 35 6.89 -1.22 -5.11
CA CYS A 35 7.22 -0.01 -5.83
C CYS A 35 7.59 -0.34 -7.28
N SER A 36 7.23 0.54 -8.19
CA SER A 36 7.57 0.36 -9.59
C SER A 36 9.05 0.64 -9.82
N SER A 37 9.68 1.30 -8.85
CA SER A 37 11.09 1.64 -8.95
C SER A 37 11.92 0.85 -7.95
N CYS A 38 11.43 0.73 -6.72
CA CYS A 38 12.14 -0.03 -5.70
C CYS A 38 11.96 -1.52 -5.92
N GLN A 39 10.71 -1.94 -6.06
CA GLN A 39 10.37 -3.36 -6.19
C GLN A 39 10.72 -4.12 -4.92
N ALA A 40 10.66 -3.43 -3.79
CA ALA A 40 10.98 -4.03 -2.51
C ALA A 40 9.70 -4.39 -1.76
N GLN A 41 9.79 -4.46 -0.45
CA GLN A 41 8.65 -4.79 0.39
C GLN A 41 7.99 -3.52 0.91
N LEU A 42 6.89 -3.13 0.26
CA LEU A 42 6.18 -1.92 0.62
C LEU A 42 5.39 -2.09 1.93
N GLY A 43 5.43 -3.31 2.45
CA GLY A 43 4.74 -3.59 3.70
C GLY A 43 5.68 -4.11 4.77
N ASP A 44 6.96 -3.83 4.62
CA ASP A 44 7.96 -4.28 5.58
C ASP A 44 8.43 -3.14 6.46
N ILE A 45 8.82 -2.05 5.81
CA ILE A 45 9.32 -0.87 6.51
C ILE A 45 8.20 0.13 6.74
N GLY A 46 7.11 -0.35 7.33
CA GLY A 46 5.93 0.48 7.49
C GLY A 46 4.97 0.26 6.36
N THR A 47 3.76 -0.22 6.67
CA THR A 47 2.82 -0.57 5.64
C THR A 47 2.13 0.67 5.08
N SER A 48 2.59 1.12 3.93
CA SER A 48 2.00 2.27 3.25
C SER A 48 2.41 2.29 1.78
N SER A 49 1.47 2.05 0.90
CA SER A 49 1.72 2.11 -0.54
C SER A 49 0.95 3.28 -1.13
N TYR A 50 1.36 3.75 -2.30
CA TYR A 50 0.69 4.86 -2.96
C TYR A 50 0.07 4.41 -4.28
N THR A 51 -1.24 4.54 -4.37
CA THR A 51 -1.96 4.18 -5.58
C THR A 51 -2.09 5.38 -6.51
N LYS A 52 -1.25 5.43 -7.54
CA LYS A 52 -1.29 6.52 -8.50
C LYS A 52 -0.82 6.04 -9.87
N SER A 53 -1.47 6.53 -10.93
CA SER A 53 -1.14 6.15 -12.29
C SER A 53 -1.34 4.66 -12.54
N GLY A 54 -2.24 4.05 -11.78
CA GLY A 54 -2.48 2.62 -11.89
C GLY A 54 -1.26 1.81 -11.49
N MET A 55 -0.37 2.44 -10.75
CA MET A 55 0.85 1.80 -10.29
C MET A 55 1.02 2.02 -8.79
N ILE A 56 1.98 1.32 -8.20
CA ILE A 56 2.22 1.41 -6.77
C ILE A 56 3.64 1.89 -6.50
N LEU A 57 3.76 2.99 -5.77
CA LEU A 57 5.06 3.55 -5.44
C LEU A 57 5.23 3.64 -3.93
N CYS A 58 6.47 3.84 -3.51
CA CYS A 58 6.75 4.11 -2.11
C CYS A 58 6.55 5.60 -1.85
N ARG A 59 6.68 6.02 -0.60
CA ARG A 59 6.56 7.44 -0.28
C ARG A 59 7.66 8.23 -0.95
N ASN A 60 8.88 7.71 -0.89
CA ASN A 60 10.04 8.37 -1.48
C ASN A 60 9.89 8.51 -2.99
N ASP A 61 9.51 7.42 -3.64
CA ASP A 61 9.35 7.42 -5.10
C ASP A 61 8.14 8.25 -5.50
N TYR A 62 7.12 8.25 -4.65
CA TYR A 62 5.95 9.08 -4.87
C TYR A 62 6.32 10.55 -4.82
N ILE A 63 7.11 10.92 -3.82
CA ILE A 63 7.56 12.31 -3.65
C ILE A 63 8.36 12.78 -4.85
N ARG A 64 9.18 11.88 -5.40
CA ARG A 64 10.00 12.23 -6.55
C ARG A 64 9.20 12.14 -7.85
N LEU A 65 7.93 11.79 -7.75
CA LEU A 65 7.07 11.68 -8.92
C LEU A 65 5.97 12.75 -8.89
N PHE A 66 5.03 12.60 -7.97
CA PHE A 66 3.90 13.52 -7.87
C PHE A 66 3.92 14.28 -6.55
N GLY A 67 4.58 13.72 -5.56
CA GLY A 67 4.60 14.32 -4.24
C GLY A 67 5.65 15.40 -4.10
N ASN A 68 5.73 16.28 -5.09
CA ASN A 68 6.65 17.41 -5.03
C ASN A 68 6.14 18.45 -4.04
N SER A 69 7.00 18.87 -3.14
CA SER A 69 6.63 19.83 -2.11
C SER A 69 6.47 21.23 -2.68
N GLY A 70 5.42 21.41 -3.46
CA GLY A 70 5.15 22.69 -4.08
C GLY A 70 3.68 22.86 -4.36
N ALA A 71 2.99 23.53 -3.45
CA ALA A 71 1.55 23.74 -3.58
C ALA A 71 1.26 24.83 -4.59
N GLY A 72 1.41 24.49 -5.86
CA GLY A 72 1.20 25.44 -6.92
C GLY A 72 1.89 25.02 -8.20
N GLY A 73 2.32 25.98 -8.99
CA GLY A 73 3.01 25.67 -10.23
C GLY A 73 4.26 26.50 -10.41
N SER A 74 5.02 26.65 -9.33
CA SER A 74 6.24 27.45 -9.37
C SER A 74 7.35 26.72 -10.11
N GLY A 75 7.42 25.41 -9.91
CA GLY A 75 8.44 24.62 -10.57
C GLY A 75 7.91 23.94 -11.81
N GLY A 76 8.11 22.63 -11.90
CA GLY A 76 7.64 21.88 -13.04
C GLY A 76 6.51 20.93 -12.67
N HIS A 77 6.88 19.70 -12.33
CA HIS A 77 5.91 18.69 -11.93
C HIS A 77 5.69 18.73 -10.42
N MET A 78 5.07 19.80 -9.94
CA MET A 78 4.76 19.93 -8.52
C MET A 78 3.46 19.20 -8.21
N GLY A 79 3.17 18.98 -6.94
CA GLY A 79 1.98 18.26 -6.58
C GLY A 79 1.72 18.20 -5.10
N SER A 80 1.91 17.01 -4.53
CA SER A 80 1.61 16.76 -3.12
C SER A 80 2.68 17.35 -2.20
N GLY A 81 2.50 18.60 -1.82
CA GLY A 81 3.44 19.23 -0.92
C GLY A 81 2.98 20.59 -0.46
N GLY A 82 3.79 21.24 0.37
CA GLY A 82 3.48 22.57 0.84
C GLY A 82 4.34 23.61 0.16
N ASP A 83 5.02 24.43 0.96
CA ASP A 83 5.91 25.46 0.40
C ASP A 83 6.67 26.17 1.50
N VAL A 84 7.70 26.91 1.12
CA VAL A 84 8.49 27.69 2.06
C VAL A 84 7.71 28.91 2.54
N MET A 85 6.80 29.39 1.70
CA MET A 85 5.97 30.54 2.03
C MET A 85 4.79 30.64 1.07
N VAL A 86 3.88 29.67 1.14
CA VAL A 86 2.73 29.64 0.25
C VAL A 86 1.68 30.65 0.71
N VAL A 87 1.36 31.57 -0.18
CA VAL A 87 0.38 32.62 0.13
C VAL A 87 -0.87 32.43 -0.72
N GLY A 88 -1.90 33.19 -0.42
CA GLY A 88 -3.16 33.05 -1.12
C GLY A 88 -4.25 32.55 -0.20
N GLU A 89 -4.73 31.34 -0.45
CA GLU A 89 -5.70 30.72 0.43
C GLU A 89 -5.60 29.20 0.35
N PRO A 90 -4.54 28.63 0.96
CA PRO A 90 -4.31 27.19 0.96
C PRO A 90 -5.09 26.50 2.07
N THR A 91 -5.16 25.17 2.00
CA THR A 91 -5.89 24.39 2.99
C THR A 91 -5.10 24.28 4.29
N LEU A 92 -3.79 24.43 4.20
CA LEU A 92 -2.90 24.39 5.34
C LEU A 92 -1.55 24.98 4.93
N MET A 93 -0.46 24.32 5.32
CA MET A 93 0.85 24.67 4.80
C MET A 93 0.99 24.06 3.40
N GLY A 94 0.26 24.64 2.47
CA GLY A 94 0.06 24.01 1.19
C GLY A 94 -1.14 23.08 1.24
N GLY A 95 -1.01 22.01 2.03
CA GLY A 95 -2.13 21.14 2.28
C GLY A 95 -2.22 20.00 1.29
N GLU A 96 -1.43 20.09 0.24
CA GLU A 96 -1.46 19.09 -0.82
C GLU A 96 -0.69 17.84 -0.42
N PHE A 97 0.01 17.90 0.71
CA PHE A 97 0.77 16.77 1.21
C PHE A 97 -0.12 15.80 1.98
N GLY A 98 -1.40 16.09 1.99
CA GLY A 98 -2.35 15.21 2.64
C GLY A 98 -3.05 14.30 1.66
N ASP A 99 -2.32 13.32 1.14
CA ASP A 99 -2.87 12.41 0.15
C ASP A 99 -3.44 11.17 0.81
N GLU A 100 -4.71 10.88 0.55
CA GLU A 100 -5.38 9.72 1.11
C GLU A 100 -5.15 8.49 0.23
N ASP A 101 -4.39 8.67 -0.85
CA ASP A 101 -4.11 7.58 -1.79
C ASP A 101 -3.07 6.63 -1.22
N GLU A 102 -2.66 6.88 0.01
CA GLU A 102 -1.67 6.03 0.68
C GLU A 102 -2.35 5.07 1.65
N ARG A 103 -1.56 4.15 2.20
CA ARG A 103 -2.03 3.22 3.23
C ARG A 103 -3.22 2.40 2.74
N LEU A 104 -3.13 1.89 1.52
CA LEU A 104 -4.18 1.07 0.95
C LEU A 104 -3.85 -0.41 1.09
N ILE A 105 -2.81 -0.70 1.88
CA ILE A 105 -2.38 -2.08 2.09
C ILE A 105 -3.34 -2.80 3.01
N THR A 106 -4.18 -3.63 2.43
CA THR A 106 -5.05 -4.49 3.19
C THR A 106 -4.50 -5.90 3.11
N ARG A 107 -4.08 -6.44 4.23
CA ARG A 107 -3.40 -7.72 4.23
C ARG A 107 -3.93 -8.61 5.35
N LEU A 108 -4.60 -9.67 4.95
CA LEU A 108 -5.10 -10.64 5.90
C LEU A 108 -4.66 -12.02 5.46
N GLU A 109 -4.71 -12.97 6.38
CA GLU A 109 -4.26 -14.32 6.09
C GLU A 109 -5.27 -15.32 6.62
N ASN A 110 -5.18 -16.54 6.12
CA ASN A 110 -6.04 -17.62 6.58
C ASN A 110 -5.74 -17.95 8.03
N THR A 111 -4.55 -17.54 8.48
CA THR A 111 -4.13 -17.72 9.85
C THR A 111 -4.65 -16.60 10.74
N GLN A 112 -5.41 -15.67 10.15
CA GLN A 112 -5.97 -14.55 10.88
C GLN A 112 -7.46 -14.77 11.15
N PHE A 113 -8.32 -14.15 10.37
CA PHE A 113 -9.76 -14.29 10.54
C PHE A 113 -10.33 -15.34 9.60
N ASP A 114 -9.61 -15.63 8.54
CA ASP A 114 -10.05 -16.61 7.56
C ASP A 114 -9.94 -18.03 8.12
N ALA A 115 -10.34 -19.01 7.32
CA ALA A 115 -10.29 -20.40 7.75
C ALA A 115 -9.07 -21.10 7.16
N ALA A 116 -8.80 -22.31 7.62
CA ALA A 116 -7.69 -23.09 7.09
C ALA A 116 -8.12 -23.86 5.85
N ASN A 117 -9.17 -23.37 5.20
CA ASN A 117 -9.68 -23.95 3.97
C ASN A 117 -9.18 -23.15 2.77
N GLY A 118 -7.94 -22.68 2.87
CA GLY A 118 -7.38 -21.84 1.83
C GLY A 118 -7.90 -20.43 1.90
N ILE A 119 -8.97 -20.16 1.15
CA ILE A 119 -9.63 -18.87 1.18
C ILE A 119 -11.13 -19.06 1.38
N ASP A 120 -11.64 -18.63 2.52
CA ASP A 120 -13.05 -18.77 2.82
C ASP A 120 -13.70 -17.40 2.97
N ASP A 121 -12.93 -16.43 3.43
CA ASP A 121 -13.40 -15.06 3.57
C ASP A 121 -13.40 -14.36 2.21
N GLU A 122 -14.53 -13.77 1.85
CA GLU A 122 -14.70 -13.09 0.56
C GLU A 122 -14.50 -14.06 -0.60
ZN ZN B . 0.88 -11.71 -7.93
ZN ZN C . 10.27 3.32 -4.35
N GLY A 1 -10.83 -26.97 -9.10
CA GLY A 1 -11.00 -25.51 -9.34
C GLY A 1 -12.32 -25.01 -8.80
N SER A 2 -12.26 -24.34 -7.66
CA SER A 2 -13.44 -23.83 -7.01
C SER A 2 -13.32 -22.33 -6.76
N LEU A 3 -12.30 -21.73 -7.38
CA LEU A 3 -12.02 -20.31 -7.22
C LEU A 3 -11.80 -19.97 -5.75
N SER A 4 -11.04 -20.82 -5.06
CA SER A 4 -10.82 -20.66 -3.64
C SER A 4 -9.67 -19.70 -3.37
N TRP A 5 -8.99 -19.27 -4.43
CA TRP A 5 -7.94 -18.29 -4.30
C TRP A 5 -8.54 -16.89 -4.26
N LYS A 6 -7.72 -15.92 -3.94
CA LYS A 6 -8.19 -14.54 -3.85
C LYS A 6 -8.00 -13.83 -5.17
N ARG A 7 -7.21 -14.44 -6.04
CA ARG A 7 -7.00 -13.99 -7.40
C ARG A 7 -6.18 -12.68 -7.44
N CYS A 8 -4.93 -12.83 -7.89
CA CYS A 8 -3.97 -11.74 -7.94
C CYS A 8 -4.30 -10.79 -9.08
N ALA A 9 -3.84 -9.55 -8.94
CA ALA A 9 -3.96 -8.57 -9.98
C ALA A 9 -2.56 -8.19 -10.48
N GLY A 10 -1.57 -8.98 -10.09
CA GLY A 10 -0.20 -8.66 -10.43
C GLY A 10 0.42 -9.66 -11.38
N CYS A 11 0.12 -10.94 -11.19
CA CYS A 11 0.75 -11.98 -12.00
C CYS A 11 -0.29 -12.83 -12.74
N GLY A 12 -0.28 -14.13 -12.45
CA GLY A 12 -1.23 -15.03 -13.05
C GLY A 12 -2.54 -15.07 -12.30
N GLY A 13 -2.47 -15.03 -10.98
CA GLY A 13 -3.68 -14.97 -10.18
C GLY A 13 -3.67 -15.90 -8.99
N LYS A 14 -2.70 -16.79 -8.94
CA LYS A 14 -2.60 -17.73 -7.83
C LYS A 14 -1.85 -17.10 -6.66
N ILE A 15 -2.55 -16.31 -5.88
CA ILE A 15 -1.96 -15.68 -4.71
C ILE A 15 -1.64 -16.72 -3.65
N ALA A 16 -0.66 -16.41 -2.82
CA ALA A 16 -0.46 -17.15 -1.59
C ALA A 16 -1.38 -16.54 -0.55
N ASP A 17 -2.66 -16.84 -0.70
CA ASP A 17 -3.73 -16.13 0.02
C ASP A 17 -3.60 -16.28 1.53
N ARG A 18 -2.68 -17.13 1.97
CA ARG A 18 -2.37 -17.23 3.38
C ARG A 18 -1.75 -15.92 3.86
N PHE A 19 -1.40 -15.08 2.90
CA PHE A 19 -0.74 -13.81 3.16
C PHE A 19 -0.90 -12.90 1.97
N LEU A 20 -2.12 -12.46 1.73
CA LEU A 20 -2.41 -11.66 0.55
C LEU A 20 -2.66 -10.20 0.90
N LEU A 21 -2.70 -9.37 -0.13
CA LEU A 21 -2.93 -7.93 0.02
C LEU A 21 -4.22 -7.53 -0.71
N TYR A 22 -4.88 -6.51 -0.19
CA TYR A 22 -6.08 -5.97 -0.81
C TYR A 22 -5.87 -4.51 -1.20
N ALA A 23 -5.58 -4.28 -2.48
CA ALA A 23 -5.31 -2.92 -2.96
C ALA A 23 -6.03 -2.65 -4.28
N MET A 24 -6.52 -1.43 -4.42
CA MET A 24 -7.21 -0.98 -5.65
C MET A 24 -8.47 -1.81 -5.89
N ASP A 25 -9.09 -2.27 -4.80
CA ASP A 25 -10.27 -3.13 -4.85
C ASP A 25 -9.96 -4.47 -5.51
N SER A 26 -8.67 -4.78 -5.60
CA SER A 26 -8.24 -6.05 -6.13
C SER A 26 -7.30 -6.73 -5.15
N TYR A 27 -7.08 -8.01 -5.32
CA TYR A 27 -6.21 -8.75 -4.44
C TYR A 27 -4.85 -8.94 -5.09
N TRP A 28 -3.82 -9.09 -4.27
CA TRP A 28 -2.45 -9.02 -4.74
C TRP A 28 -1.55 -9.99 -4.01
N HIS A 29 -0.32 -10.10 -4.51
CA HIS A 29 0.74 -10.82 -3.82
C HIS A 29 1.57 -9.84 -3.00
N SER A 30 2.45 -10.39 -2.19
CA SER A 30 3.42 -9.59 -1.45
C SER A 30 4.45 -9.00 -2.42
N ARG A 31 4.79 -9.79 -3.43
CA ARG A 31 5.76 -9.37 -4.44
C ARG A 31 5.08 -8.59 -5.56
N CYS A 32 3.82 -8.91 -5.86
CA CYS A 32 3.12 -8.31 -6.99
C CYS A 32 2.62 -6.92 -6.65
N LEU A 33 2.29 -6.69 -5.39
CA LEU A 33 1.99 -5.34 -4.93
C LEU A 33 3.31 -4.63 -4.67
N LYS A 34 3.95 -4.24 -5.75
CA LYS A 34 5.30 -3.70 -5.68
C LYS A 34 5.36 -2.30 -6.19
N CYS A 35 6.43 -1.65 -5.80
CA CYS A 35 6.74 -0.31 -6.17
C CYS A 35 6.96 -0.17 -7.67
N SER A 36 6.94 1.05 -8.15
CA SER A 36 7.22 1.32 -9.55
C SER A 36 8.71 1.59 -9.76
N SER A 37 9.39 1.93 -8.67
CA SER A 37 10.82 2.21 -8.73
C SER A 37 11.60 1.19 -7.91
N CYS A 38 11.36 1.16 -6.60
CA CYS A 38 12.03 0.21 -5.71
C CYS A 38 11.76 -1.23 -6.14
N GLN A 39 10.51 -1.48 -6.53
CA GLN A 39 10.04 -2.81 -6.98
C GLN A 39 10.46 -3.90 -5.99
N ALA A 40 10.37 -3.61 -4.71
CA ALA A 40 10.74 -4.56 -3.69
C ALA A 40 9.52 -5.38 -3.26
N GLN A 41 9.51 -5.80 -2.01
CA GLN A 41 8.36 -6.51 -1.47
C GLN A 41 7.48 -5.52 -0.71
N LEU A 42 6.92 -4.58 -1.46
CA LEU A 42 6.10 -3.53 -0.89
C LEU A 42 4.89 -4.13 -0.18
N GLY A 43 4.38 -5.23 -0.71
CA GLY A 43 3.24 -5.90 -0.12
C GLY A 43 3.59 -6.75 1.09
N ASP A 44 4.79 -6.54 1.64
CA ASP A 44 5.21 -7.30 2.80
C ASP A 44 5.81 -6.38 3.88
N ILE A 45 5.65 -5.08 3.69
CA ILE A 45 6.19 -4.12 4.64
C ILE A 45 5.15 -3.74 5.70
N GLY A 46 3.88 -3.82 5.33
CA GLY A 46 2.80 -3.55 6.26
C GLY A 46 2.29 -2.12 6.20
N THR A 47 3.16 -1.20 5.81
CA THR A 47 2.80 0.20 5.72
C THR A 47 2.03 0.47 4.43
N SER A 48 1.13 1.45 4.47
CA SER A 48 0.30 1.76 3.32
C SER A 48 1.09 2.55 2.29
N SER A 49 0.87 2.22 1.02
CA SER A 49 1.58 2.84 -0.08
C SER A 49 0.73 3.99 -0.66
N TYR A 50 1.17 4.52 -1.79
CA TYR A 50 0.47 5.61 -2.46
C TYR A 50 0.27 5.26 -3.93
N THR A 51 -0.86 5.66 -4.50
CA THR A 51 -1.16 5.33 -5.88
C THR A 51 -1.14 6.56 -6.78
N LYS A 52 -0.33 6.50 -7.84
CA LYS A 52 -0.23 7.60 -8.79
C LYS A 52 0.09 7.07 -10.17
N SER A 53 -0.43 7.73 -11.20
CA SER A 53 -0.21 7.33 -12.59
C SER A 53 -0.72 5.92 -12.85
N GLY A 54 -1.66 5.48 -12.01
CA GLY A 54 -2.18 4.13 -12.11
C GLY A 54 -1.19 3.10 -11.60
N MET A 55 -0.02 3.56 -11.19
CA MET A 55 1.02 2.68 -10.68
C MET A 55 0.94 2.58 -9.17
N ILE A 56 1.70 1.66 -8.61
CA ILE A 56 1.76 1.47 -7.17
C ILE A 56 3.13 1.90 -6.66
N LEU A 57 3.14 2.90 -5.80
CA LEU A 57 4.38 3.43 -5.25
C LEU A 57 4.33 3.39 -3.73
N CYS A 58 5.47 3.50 -3.09
CA CYS A 58 5.51 3.69 -1.66
C CYS A 58 5.28 5.16 -1.36
N ARG A 59 5.21 5.51 -0.08
CA ARG A 59 5.08 6.90 0.30
C ARG A 59 6.41 7.60 0.05
N ASN A 60 7.49 6.84 0.19
CA ASN A 60 8.83 7.32 -0.15
C ASN A 60 8.92 7.65 -1.64
N ASP A 61 8.49 6.71 -2.47
CA ASP A 61 8.45 6.90 -3.93
C ASP A 61 7.65 8.14 -4.26
N TYR A 62 6.48 8.26 -3.63
CA TYR A 62 5.59 9.40 -3.83
C TYR A 62 6.32 10.71 -3.56
N ILE A 63 7.06 10.77 -2.46
CA ILE A 63 7.76 12.00 -2.09
C ILE A 63 8.89 12.33 -3.06
N ARG A 64 9.41 11.30 -3.72
CA ARG A 64 10.48 11.50 -4.70
C ARG A 64 9.91 11.91 -6.06
N LEU A 65 8.75 11.37 -6.38
CA LEU A 65 8.12 11.60 -7.68
C LEU A 65 7.21 12.81 -7.67
N PHE A 66 6.38 12.93 -6.63
CA PHE A 66 5.41 14.00 -6.53
C PHE A 66 5.50 14.68 -5.17
N GLY A 67 6.73 14.87 -4.70
CA GLY A 67 6.95 15.43 -3.38
C GLY A 67 6.79 16.94 -3.35
N ASN A 68 5.72 17.42 -3.96
CA ASN A 68 5.40 18.85 -3.92
C ASN A 68 4.66 19.17 -2.63
N SER A 69 5.30 19.96 -1.78
CA SER A 69 4.77 20.31 -0.46
C SER A 69 4.60 19.06 0.40
N GLY A 70 5.63 18.22 0.40
CA GLY A 70 5.60 17.02 1.20
C GLY A 70 6.12 17.25 2.61
N ALA A 71 5.30 17.87 3.44
CA ALA A 71 5.71 18.18 4.80
C ALA A 71 5.92 16.91 5.62
N GLY A 72 4.90 16.07 5.65
CA GLY A 72 5.01 14.82 6.38
C GLY A 72 4.27 13.69 5.70
N GLY A 73 2.96 13.87 5.53
CA GLY A 73 2.16 12.87 4.88
C GLY A 73 0.92 12.52 5.69
N SER A 74 0.23 13.54 6.15
CA SER A 74 -0.98 13.36 6.94
C SER A 74 -2.09 12.74 6.09
N GLY A 75 -2.76 11.74 6.64
CA GLY A 75 -3.84 11.07 5.93
C GLY A 75 -4.43 9.95 6.75
N GLY A 76 -5.66 9.57 6.43
CA GLY A 76 -6.32 8.52 7.18
C GLY A 76 -7.49 7.92 6.44
N HIS A 77 -7.50 8.07 5.12
CA HIS A 77 -8.58 7.54 4.29
C HIS A 77 -8.46 6.03 4.18
N MET A 78 -9.56 5.33 4.39
CA MET A 78 -9.58 3.88 4.28
C MET A 78 -9.67 3.46 2.83
N GLY A 79 -8.59 3.69 2.10
CA GLY A 79 -8.57 3.46 0.68
C GLY A 79 -7.96 4.63 -0.05
N SER A 80 -7.02 4.35 -0.94
CA SER A 80 -6.29 5.40 -1.62
C SER A 80 -7.19 6.17 -2.57
N GLY A 81 -7.65 7.33 -2.12
CA GLY A 81 -8.55 8.13 -2.90
C GLY A 81 -8.90 9.43 -2.21
N GLY A 82 -8.02 10.41 -2.30
CA GLY A 82 -8.24 11.69 -1.65
C GLY A 82 -8.39 12.82 -2.64
N ASP A 83 -9.59 13.00 -3.14
CA ASP A 83 -9.88 14.07 -4.07
C ASP A 83 -10.59 15.22 -3.36
N VAL A 84 -10.33 16.44 -3.80
CA VAL A 84 -10.99 17.61 -3.23
C VAL A 84 -12.38 17.77 -3.83
N MET A 85 -13.29 16.92 -3.37
CA MET A 85 -14.65 16.91 -3.88
C MET A 85 -15.64 16.83 -2.72
N VAL A 86 -16.85 16.38 -2.99
CA VAL A 86 -17.84 16.17 -1.95
C VAL A 86 -17.58 14.85 -1.24
N VAL A 87 -16.78 14.90 -0.19
CA VAL A 87 -16.36 13.69 0.50
C VAL A 87 -16.28 13.92 2.02
N GLY A 88 -16.19 15.19 2.41
CA GLY A 88 -16.07 15.51 3.82
C GLY A 88 -14.63 15.76 4.20
N GLU A 89 -13.89 16.41 3.32
CA GLU A 89 -12.48 16.70 3.56
C GLU A 89 -12.32 18.14 4.04
N PRO A 90 -11.42 18.37 5.01
CA PRO A 90 -11.16 19.69 5.56
C PRO A 90 -10.45 20.59 4.56
N THR A 91 -10.29 21.85 4.92
CA THR A 91 -9.59 22.81 4.08
C THR A 91 -8.11 22.45 3.95
N LEU A 92 -7.62 22.44 2.74
CA LEU A 92 -6.23 22.10 2.47
C LEU A 92 -5.31 23.18 3.02
N MET A 93 -4.29 22.76 3.76
CA MET A 93 -3.39 23.70 4.44
C MET A 93 -2.46 24.39 3.45
N GLY A 94 -1.92 23.64 2.52
CA GLY A 94 -1.02 24.21 1.53
C GLY A 94 0.41 23.76 1.72
N GLY A 95 0.89 23.83 2.96
CA GLY A 95 2.24 23.41 3.27
C GLY A 95 2.39 21.90 3.23
N GLU A 96 1.43 21.22 3.82
CA GLU A 96 1.41 19.77 3.83
C GLU A 96 0.45 19.28 2.75
N PHE A 97 0.95 18.44 1.85
CA PHE A 97 0.15 17.95 0.73
C PHE A 97 -1.02 17.13 1.22
N GLY A 98 -0.77 16.37 2.26
CA GLY A 98 -1.80 15.59 2.94
C GLY A 98 -2.68 14.82 1.98
N ASP A 99 -2.07 14.03 1.11
CA ASP A 99 -2.82 13.25 0.14
C ASP A 99 -3.51 12.07 0.80
N GLU A 100 -4.83 12.07 0.77
CA GLU A 100 -5.63 11.01 1.39
C GLU A 100 -5.67 9.76 0.52
N ASP A 101 -4.52 9.40 -0.02
CA ASP A 101 -4.37 8.21 -0.84
C ASP A 101 -3.80 7.09 0.00
N GLU A 102 -4.16 7.10 1.27
CA GLU A 102 -3.61 6.17 2.23
C GLU A 102 -4.33 4.83 2.22
N ARG A 103 -3.82 3.93 3.05
CA ARG A 103 -4.40 2.60 3.23
C ARG A 103 -4.49 1.82 1.93
N LEU A 104 -3.57 2.11 1.01
CA LEU A 104 -3.50 1.38 -0.26
C LEU A 104 -3.10 -0.06 0.00
N ILE A 105 -2.08 -0.25 0.83
CA ILE A 105 -1.69 -1.59 1.23
C ILE A 105 -2.57 -2.07 2.37
N THR A 106 -3.19 -3.21 2.15
CA THR A 106 -3.99 -3.87 3.15
C THR A 106 -3.58 -5.33 3.21
N ARG A 107 -2.55 -5.60 4.00
CA ARG A 107 -1.96 -6.93 4.02
C ARG A 107 -2.05 -7.54 5.41
N LEU A 108 -3.07 -8.35 5.60
CA LEU A 108 -3.21 -9.09 6.83
C LEU A 108 -3.84 -10.43 6.53
N GLU A 109 -3.03 -11.48 6.51
CA GLU A 109 -3.54 -12.82 6.26
C GLU A 109 -2.81 -13.87 7.08
N ASN A 110 -3.57 -14.75 7.68
CA ASN A 110 -3.05 -15.92 8.38
C ASN A 110 -4.22 -16.58 9.09
N THR A 111 -4.97 -15.73 9.78
CA THR A 111 -6.24 -16.11 10.37
C THR A 111 -7.19 -14.92 10.25
N GLN A 112 -7.01 -14.15 9.19
CA GLN A 112 -7.78 -12.94 8.96
C GLN A 112 -9.00 -13.24 8.11
N PHE A 113 -8.80 -13.31 6.80
CA PHE A 113 -9.87 -13.68 5.90
C PHE A 113 -9.92 -15.19 5.75
N ASP A 114 -8.74 -15.80 5.78
CA ASP A 114 -8.63 -17.24 5.74
C ASP A 114 -7.76 -17.73 6.88
N ALA A 115 -7.95 -18.98 7.27
CA ALA A 115 -7.13 -19.59 8.30
C ALA A 115 -6.04 -20.44 7.67
N ALA A 116 -5.28 -19.81 6.78
CA ALA A 116 -4.26 -20.50 6.03
C ALA A 116 -2.87 -20.29 6.63
N ASN A 117 -2.18 -21.39 6.88
CA ASN A 117 -0.84 -21.34 7.41
C ASN A 117 0.10 -22.10 6.49
N GLY A 118 1.19 -21.46 6.09
CA GLY A 118 2.09 -22.06 5.15
C GLY A 118 3.31 -22.67 5.80
N ILE A 119 4.48 -22.17 5.45
CA ILE A 119 5.73 -22.70 5.98
C ILE A 119 6.08 -22.11 7.33
N ASP A 120 5.16 -21.31 7.87
CA ASP A 120 5.35 -20.69 9.18
C ASP A 120 4.34 -21.25 10.18
N ASP A 121 3.87 -22.46 9.88
CA ASP A 121 2.87 -23.11 10.72
C ASP A 121 3.53 -23.81 11.90
N GLU A 122 4.51 -24.65 11.60
CA GLU A 122 5.25 -25.37 12.62
C GLU A 122 6.74 -25.32 12.30
ZN ZN B . 0.78 -12.27 -7.94
ZN ZN C . 9.01 2.46 -3.44
N GLY A 1 -17.94 -9.32 -5.07
CA GLY A 1 -18.59 -9.44 -6.40
C GLY A 1 -19.27 -10.77 -6.58
N SER A 2 -19.66 -11.08 -7.81
CA SER A 2 -20.35 -12.32 -8.11
C SER A 2 -19.44 -13.54 -7.90
N LEU A 3 -18.14 -13.32 -8.06
CA LEU A 3 -17.16 -14.36 -7.86
C LEU A 3 -16.10 -13.90 -6.87
N SER A 4 -16.23 -14.30 -5.62
CA SER A 4 -15.32 -13.85 -4.57
C SER A 4 -14.03 -14.67 -4.56
N TRP A 5 -13.40 -14.79 -5.72
CA TRP A 5 -12.13 -15.49 -5.83
C TRP A 5 -10.98 -14.49 -5.75
N LYS A 6 -9.87 -14.92 -5.17
CA LYS A 6 -8.73 -14.05 -4.96
C LYS A 6 -7.73 -14.19 -6.10
N ARG A 7 -7.71 -13.19 -6.97
CA ARG A 7 -6.74 -13.16 -8.05
C ARG A 7 -5.76 -12.02 -7.86
N CYS A 8 -4.51 -12.26 -8.21
CA CYS A 8 -3.45 -11.30 -8.02
C CYS A 8 -3.31 -10.40 -9.24
N ALA A 9 -3.11 -9.12 -8.98
CA ALA A 9 -2.88 -8.15 -10.04
C ALA A 9 -1.40 -7.81 -10.13
N GLY A 10 -0.59 -8.48 -9.31
CA GLY A 10 0.82 -8.23 -9.29
C GLY A 10 1.56 -8.99 -10.35
N CYS A 11 1.20 -10.26 -10.50
CA CYS A 11 1.77 -11.08 -11.57
C CYS A 11 0.73 -11.28 -12.66
N GLY A 12 -0.26 -12.13 -12.37
CA GLY A 12 -1.32 -12.35 -13.33
C GLY A 12 -1.93 -13.73 -13.21
N GLY A 13 -2.33 -14.11 -12.00
CA GLY A 13 -3.00 -15.36 -11.80
C GLY A 13 -3.84 -15.35 -10.56
N LYS A 14 -3.98 -16.50 -9.95
CA LYS A 14 -4.71 -16.65 -8.70
C LYS A 14 -3.74 -16.73 -7.54
N ILE A 15 -4.16 -16.25 -6.38
CA ILE A 15 -3.33 -16.30 -5.20
C ILE A 15 -3.62 -17.55 -4.37
N ALA A 16 -2.72 -18.51 -4.42
CA ALA A 16 -2.86 -19.74 -3.67
C ALA A 16 -2.19 -19.59 -2.30
N ASP A 17 -1.52 -18.47 -2.12
CA ASP A 17 -0.83 -18.16 -0.87
C ASP A 17 -1.83 -17.73 0.19
N ARG A 18 -1.56 -18.09 1.43
CA ARG A 18 -2.44 -17.75 2.54
C ARG A 18 -2.44 -16.26 2.80
N PHE A 19 -1.25 -15.66 2.82
CA PHE A 19 -1.11 -14.24 3.09
C PHE A 19 -1.19 -13.43 1.80
N LEU A 20 -2.37 -12.90 1.53
CA LEU A 20 -2.57 -12.05 0.37
C LEU A 20 -2.60 -10.60 0.77
N LEU A 21 -2.50 -9.73 -0.22
CA LEU A 21 -2.64 -8.31 0.02
C LEU A 21 -3.82 -7.77 -0.77
N TYR A 22 -4.55 -6.87 -0.15
CA TYR A 22 -5.72 -6.28 -0.77
C TYR A 22 -5.45 -4.81 -1.04
N ALA A 23 -5.39 -4.42 -2.29
CA ALA A 23 -5.09 -3.03 -2.65
C ALA A 23 -5.69 -2.66 -3.99
N MET A 24 -6.21 -1.44 -4.08
CA MET A 24 -6.82 -0.92 -5.31
C MET A 24 -8.03 -1.74 -5.72
N ASP A 25 -8.75 -2.26 -4.72
CA ASP A 25 -9.92 -3.10 -4.94
C ASP A 25 -9.54 -4.40 -5.64
N SER A 26 -8.25 -4.71 -5.61
CA SER A 26 -7.74 -5.94 -6.18
C SER A 26 -6.86 -6.66 -5.18
N TYR A 27 -6.55 -7.91 -5.46
CA TYR A 27 -5.76 -8.72 -4.56
C TYR A 27 -4.40 -8.99 -5.18
N TRP A 28 -3.41 -9.19 -4.33
CA TRP A 28 -2.03 -9.30 -4.75
C TRP A 28 -1.33 -10.40 -3.96
N HIS A 29 -0.18 -10.82 -4.45
CA HIS A 29 0.68 -11.72 -3.69
C HIS A 29 1.45 -10.92 -2.67
N SER A 30 2.15 -11.60 -1.78
CA SER A 30 2.99 -10.94 -0.80
C SER A 30 4.16 -10.23 -1.50
N ARG A 31 4.80 -10.91 -2.44
CA ARG A 31 5.93 -10.34 -3.17
C ARG A 31 5.49 -9.65 -4.45
N CYS A 32 4.19 -9.62 -4.71
CA CYS A 32 3.69 -8.95 -5.90
C CYS A 32 3.26 -7.52 -5.58
N LEU A 33 3.00 -7.25 -4.30
CA LEU A 33 2.71 -5.90 -3.88
C LEU A 33 4.01 -5.18 -3.55
N LYS A 34 4.70 -4.80 -4.59
CA LYS A 34 6.00 -4.16 -4.48
C LYS A 34 6.00 -2.87 -5.29
N CYS A 35 6.98 -2.01 -5.02
CA CYS A 35 7.07 -0.74 -5.71
C CYS A 35 7.23 -0.95 -7.21
N SER A 36 6.68 -0.03 -7.98
CA SER A 36 6.77 -0.11 -9.44
C SER A 36 8.14 0.34 -9.93
N SER A 37 8.92 0.94 -9.04
CA SER A 37 10.26 1.38 -9.41
C SER A 37 11.32 0.63 -8.62
N CYS A 38 11.12 0.50 -7.31
CA CYS A 38 12.09 -0.16 -6.46
C CYS A 38 11.96 -1.69 -6.55
N GLN A 39 10.74 -2.16 -6.78
CA GLN A 39 10.43 -3.58 -6.79
C GLN A 39 10.72 -4.20 -5.42
N ALA A 40 10.57 -3.36 -4.39
CA ALA A 40 10.73 -3.79 -3.02
C ALA A 40 9.38 -4.01 -2.41
N GLN A 41 9.28 -5.07 -1.65
CA GLN A 41 8.04 -5.48 -1.02
C GLN A 41 7.49 -4.36 -0.13
N LEU A 42 6.34 -3.83 -0.51
CA LEU A 42 5.78 -2.67 0.18
C LEU A 42 5.10 -3.07 1.49
N GLY A 43 4.58 -4.29 1.52
CA GLY A 43 3.97 -4.79 2.75
C GLY A 43 5.03 -5.18 3.77
N ASP A 44 6.29 -5.15 3.33
CA ASP A 44 7.42 -5.46 4.18
C ASP A 44 7.63 -4.37 5.23
N ILE A 45 7.19 -3.17 4.90
CA ILE A 45 7.34 -2.03 5.81
C ILE A 45 6.04 -1.76 6.55
N GLY A 46 5.02 -2.55 6.25
CA GLY A 46 3.73 -2.40 6.89
C GLY A 46 2.64 -2.19 5.88
N THR A 47 1.92 -1.08 6.00
CA THR A 47 0.93 -0.72 5.00
C THR A 47 1.16 0.71 4.54
N SER A 48 1.74 0.84 3.35
CA SER A 48 2.02 2.13 2.78
C SER A 48 2.23 2.01 1.27
N SER A 49 1.29 2.53 0.52
CA SER A 49 1.37 2.56 -0.93
C SER A 49 0.57 3.74 -1.44
N TYR A 50 1.21 4.60 -2.21
CA TYR A 50 0.56 5.82 -2.64
C TYR A 50 -0.28 5.58 -3.88
N THR A 51 -1.59 5.70 -3.69
CA THR A 51 -2.53 5.42 -4.76
C THR A 51 -2.74 6.64 -5.64
N LYS A 52 -2.07 6.64 -6.77
CA LYS A 52 -2.21 7.68 -7.77
C LYS A 52 -1.78 7.12 -9.11
N SER A 53 -2.53 7.43 -10.16
CA SER A 53 -2.24 6.91 -11.51
C SER A 53 -2.41 5.40 -11.57
N GLY A 54 -3.03 4.83 -10.54
CA GLY A 54 -3.12 3.38 -10.43
C GLY A 54 -1.74 2.75 -10.31
N MET A 55 -0.78 3.56 -9.90
CA MET A 55 0.61 3.15 -9.86
C MET A 55 1.09 3.07 -8.42
N ILE A 56 1.47 1.88 -8.01
CA ILE A 56 1.95 1.64 -6.65
C ILE A 56 3.38 2.13 -6.48
N LEU A 57 3.56 3.14 -5.65
CA LEU A 57 4.89 3.67 -5.36
C LEU A 57 5.13 3.69 -3.86
N CYS A 58 6.39 3.86 -3.48
CA CYS A 58 6.75 3.99 -2.08
C CYS A 58 6.50 5.41 -1.60
N ARG A 59 6.86 5.67 -0.36
CA ARG A 59 6.75 7.01 0.20
C ARG A 59 7.94 7.87 -0.23
N ASN A 60 8.94 7.23 -0.81
CA ASN A 60 10.13 7.94 -1.26
C ASN A 60 10.01 8.34 -2.72
N ASP A 61 9.63 7.38 -3.56
CA ASP A 61 9.54 7.62 -4.99
C ASP A 61 8.46 8.65 -5.29
N TYR A 62 7.39 8.62 -4.51
CA TYR A 62 6.29 9.56 -4.65
C TYR A 62 6.77 11.00 -4.59
N ILE A 63 7.68 11.28 -3.69
CA ILE A 63 8.17 12.64 -3.46
C ILE A 63 8.92 13.17 -4.68
N ARG A 64 9.62 12.29 -5.38
CA ARG A 64 10.42 12.70 -6.53
C ARG A 64 9.57 12.75 -7.80
N LEU A 65 8.58 11.87 -7.88
CA LEU A 65 7.79 11.74 -9.10
C LEU A 65 6.55 12.63 -9.09
N PHE A 66 5.90 12.75 -7.94
CA PHE A 66 4.61 13.45 -7.87
C PHE A 66 4.62 14.57 -6.83
N GLY A 67 5.22 14.29 -5.68
CA GLY A 67 5.19 15.25 -4.60
C GLY A 67 6.21 16.36 -4.76
N ASN A 68 6.31 17.21 -3.75
CA ASN A 68 7.31 18.25 -3.75
C ASN A 68 8.61 17.72 -3.19
N SER A 69 9.63 17.65 -4.03
CA SER A 69 10.90 17.07 -3.65
C SER A 69 11.72 18.03 -2.77
N GLY A 70 11.22 18.24 -1.56
CA GLY A 70 11.90 19.10 -0.62
C GLY A 70 12.11 18.39 0.71
N ALA A 71 11.92 19.13 1.80
CA ALA A 71 12.05 18.56 3.14
C ALA A 71 11.25 19.38 4.15
N GLY A 72 10.50 18.69 4.99
CA GLY A 72 9.71 19.36 6.00
C GLY A 72 10.38 19.35 7.35
N GLY A 73 11.38 18.49 7.50
CA GLY A 73 12.09 18.36 8.75
C GLY A 73 11.34 17.52 9.75
N SER A 74 10.41 18.15 10.47
CA SER A 74 9.60 17.46 11.44
C SER A 74 8.58 16.56 10.73
N GLY A 75 7.82 17.15 9.80
CA GLY A 75 6.89 16.36 9.02
C GLY A 75 5.95 17.20 8.19
N GLY A 76 5.67 18.42 8.64
CA GLY A 76 4.73 19.27 7.95
C GLY A 76 3.33 18.68 7.97
N HIS A 77 2.69 18.63 6.81
CA HIS A 77 1.40 17.97 6.68
C HIS A 77 1.62 16.48 6.44
N MET A 78 1.84 15.75 7.52
CA MET A 78 2.13 14.33 7.41
C MET A 78 0.93 13.49 7.86
N GLY A 79 0.15 13.03 6.89
CA GLY A 79 -0.98 12.17 7.20
C GLY A 79 -0.59 10.71 7.12
N SER A 80 0.66 10.47 6.80
CA SER A 80 1.20 9.13 6.66
C SER A 80 1.55 8.54 8.02
N GLY A 81 1.48 7.22 8.13
CA GLY A 81 1.82 6.56 9.37
C GLY A 81 1.51 5.07 9.35
N GLY A 82 1.35 4.51 8.16
CA GLY A 82 1.01 3.10 8.05
C GLY A 82 2.22 2.18 8.14
N ASP A 83 3.33 2.70 8.65
CA ASP A 83 4.55 1.91 8.82
C ASP A 83 4.39 0.98 10.03
N VAL A 84 3.45 0.04 9.93
CA VAL A 84 3.14 -0.85 11.05
C VAL A 84 4.14 -2.01 11.14
N MET A 85 5.02 -2.11 10.14
CA MET A 85 6.05 -3.13 10.15
C MET A 85 7.42 -2.48 9.96
N VAL A 86 7.52 -1.23 10.38
CA VAL A 86 8.77 -0.49 10.31
C VAL A 86 9.66 -0.87 11.50
N VAL A 87 10.91 -0.43 11.48
CA VAL A 87 11.88 -0.76 12.53
C VAL A 87 11.33 -0.42 13.92
N GLY A 88 10.54 0.64 14.00
CA GLY A 88 9.94 1.02 15.27
C GLY A 88 10.32 2.43 15.66
N GLU A 89 11.60 2.75 15.50
CA GLU A 89 12.10 4.08 15.80
C GLU A 89 11.48 5.10 14.85
N PRO A 90 11.10 6.27 15.36
CA PRO A 90 10.41 7.31 14.59
C PRO A 90 11.33 8.07 13.64
N THR A 91 12.38 7.41 13.17
CA THR A 91 13.34 8.00 12.24
C THR A 91 12.83 7.88 10.81
N LEU A 92 11.60 8.31 10.58
CA LEU A 92 10.98 8.24 9.27
C LEU A 92 11.57 9.30 8.35
N MET A 93 11.56 10.54 8.83
CA MET A 93 12.08 11.68 8.08
C MET A 93 11.42 11.77 6.71
N GLY A 94 10.10 11.78 6.72
CA GLY A 94 9.35 11.84 5.49
C GLY A 94 8.33 12.96 5.52
N GLY A 95 8.80 14.17 5.78
CA GLY A 95 7.92 15.30 5.87
C GLY A 95 7.95 16.15 4.62
N GLU A 96 8.54 15.62 3.55
CA GLU A 96 8.64 16.34 2.29
C GLU A 96 7.26 16.47 1.65
N PHE A 97 6.50 15.39 1.67
CA PHE A 97 5.14 15.40 1.15
C PHE A 97 4.38 14.19 1.67
N GLY A 98 4.05 14.23 2.96
CA GLY A 98 3.35 13.13 3.58
C GLY A 98 1.86 13.11 3.26
N ASP A 99 1.54 12.75 2.02
CA ASP A 99 0.15 12.68 1.57
C ASP A 99 -0.58 11.57 2.32
N GLU A 100 -1.84 11.80 2.64
CA GLU A 100 -2.61 10.84 3.42
C GLU A 100 -3.29 9.82 2.50
N ASP A 101 -2.51 9.24 1.60
CA ASP A 101 -3.02 8.22 0.68
C ASP A 101 -2.08 7.03 0.64
N GLU A 102 -1.49 6.71 1.77
CA GLU A 102 -0.53 5.61 1.84
C GLU A 102 -1.17 4.36 2.41
N ARG A 103 -2.29 4.51 3.11
CA ARG A 103 -2.97 3.38 3.73
C ARG A 103 -3.77 2.58 2.69
N LEU A 104 -3.10 2.20 1.62
CA LEU A 104 -3.72 1.43 0.55
C LEU A 104 -3.53 -0.06 0.78
N ILE A 105 -2.51 -0.42 1.55
CA ILE A 105 -2.24 -1.83 1.83
C ILE A 105 -3.22 -2.37 2.86
N THR A 106 -4.16 -3.17 2.39
CA THR A 106 -5.12 -3.81 3.26
C THR A 106 -4.69 -5.26 3.48
N ARG A 107 -4.18 -5.56 4.67
CA ARG A 107 -3.69 -6.89 4.97
C ARG A 107 -4.84 -7.79 5.39
N LEU A 108 -5.15 -8.76 4.55
CA LEU A 108 -6.19 -9.72 4.86
C LEU A 108 -5.82 -11.08 4.29
N GLU A 109 -5.32 -11.95 5.14
CA GLU A 109 -4.95 -13.28 4.74
C GLU A 109 -6.14 -14.22 4.82
N ASN A 110 -6.07 -15.35 4.14
CA ASN A 110 -7.13 -16.34 4.19
C ASN A 110 -7.09 -17.02 5.56
N THR A 111 -8.12 -16.76 6.36
CA THR A 111 -8.13 -17.14 7.77
C THR A 111 -7.11 -16.31 8.53
N GLN A 112 -7.51 -15.09 8.87
CA GLN A 112 -6.62 -14.12 9.50
C GLN A 112 -5.96 -14.68 10.75
N PHE A 113 -4.67 -14.44 10.89
CA PHE A 113 -3.90 -14.92 12.02
C PHE A 113 -3.79 -13.83 13.08
N ASP A 114 -4.14 -14.17 14.32
CA ASP A 114 -3.97 -13.24 15.43
C ASP A 114 -2.49 -13.20 15.80
N ALA A 115 -1.90 -14.38 15.87
CA ALA A 115 -0.45 -14.51 16.03
C ALA A 115 0.17 -14.85 14.69
N ALA A 116 0.80 -13.85 14.07
CA ALA A 116 1.35 -14.00 12.72
C ALA A 116 2.64 -14.80 12.72
N ASN A 117 3.35 -14.79 13.83
CA ASN A 117 4.60 -15.53 13.94
C ASN A 117 4.36 -17.03 13.97
N GLY A 118 3.12 -17.40 14.26
CA GLY A 118 2.73 -18.79 14.22
C GLY A 118 1.64 -19.03 13.20
N ILE A 119 1.09 -20.23 13.18
CA ILE A 119 -0.03 -20.54 12.31
C ILE A 119 -1.31 -20.52 13.12
N ASP A 120 -1.87 -19.32 13.29
CA ASP A 120 -3.04 -19.14 14.14
C ASP A 120 -4.30 -19.68 13.47
N ASP A 121 -4.45 -20.99 13.51
CA ASP A 121 -5.61 -21.69 12.96
C ASP A 121 -5.56 -23.15 13.34
N GLU A 122 -4.35 -23.70 13.32
CA GLU A 122 -4.14 -25.08 13.73
C GLU A 122 -3.30 -25.13 15.00
ZN ZN B . 1.10 -12.39 -7.87
ZN ZN C . 9.94 2.94 -4.73
N GLY A 1 -12.22 -7.16 -1.12
CA GLY A 1 -13.11 -7.90 -0.19
C GLY A 1 -12.38 -9.06 0.45
N SER A 2 -13.14 -10.01 1.00
CA SER A 2 -12.56 -11.18 1.63
C SER A 2 -13.21 -12.46 1.10
N LEU A 3 -14.14 -12.29 0.16
CA LEU A 3 -14.80 -13.41 -0.46
C LEU A 3 -14.25 -13.63 -1.86
N SER A 4 -15.12 -13.95 -2.82
CA SER A 4 -14.72 -14.15 -4.21
C SER A 4 -13.58 -15.15 -4.32
N TRP A 5 -12.73 -14.99 -5.32
CA TRP A 5 -11.54 -15.81 -5.45
C TRP A 5 -10.30 -14.94 -5.50
N LYS A 6 -9.39 -15.16 -4.57
CA LYS A 6 -8.22 -14.33 -4.44
C LYS A 6 -7.30 -14.50 -5.64
N ARG A 7 -7.24 -13.48 -6.47
CA ARG A 7 -6.41 -13.50 -7.66
C ARG A 7 -5.43 -12.33 -7.66
N CYS A 8 -4.17 -12.65 -7.90
CA CYS A 8 -3.10 -11.68 -7.86
C CYS A 8 -3.07 -10.84 -9.12
N ALA A 9 -2.69 -9.59 -8.95
CA ALA A 9 -2.46 -8.68 -10.06
C ALA A 9 -0.96 -8.41 -10.19
N GLY A 10 -0.18 -9.16 -9.42
CA GLY A 10 1.25 -8.96 -9.40
C GLY A 10 1.99 -10.00 -10.20
N CYS A 11 1.61 -11.26 -10.05
CA CYS A 11 2.28 -12.32 -10.77
C CYS A 11 1.36 -12.93 -11.84
N GLY A 12 0.68 -14.02 -11.48
CA GLY A 12 -0.19 -14.69 -12.42
C GLY A 12 -1.65 -14.44 -12.13
N GLY A 13 -2.26 -15.32 -11.34
CA GLY A 13 -3.67 -15.21 -11.05
C GLY A 13 -4.03 -15.77 -9.69
N LYS A 14 -4.50 -17.01 -9.68
CA LYS A 14 -4.95 -17.65 -8.44
C LYS A 14 -3.88 -17.61 -7.36
N ILE A 15 -4.16 -16.89 -6.28
CA ILE A 15 -3.23 -16.77 -5.17
C ILE A 15 -3.16 -18.06 -4.36
N ALA A 16 -4.24 -18.34 -3.60
CA ALA A 16 -4.32 -19.54 -2.75
C ALA A 16 -3.25 -19.53 -1.67
N ASP A 17 -2.73 -18.34 -1.39
CA ASP A 17 -1.77 -18.17 -0.31
C ASP A 17 -2.48 -17.61 0.91
N ARG A 18 -1.90 -17.85 2.08
CA ARG A 18 -2.43 -17.31 3.32
C ARG A 18 -2.08 -15.83 3.41
N PHE A 19 -0.87 -15.51 3.00
CA PHE A 19 -0.40 -14.12 3.02
C PHE A 19 -0.68 -13.47 1.67
N LEU A 20 -1.57 -12.48 1.67
CA LEU A 20 -1.88 -11.75 0.46
C LEU A 20 -2.32 -10.32 0.80
N LEU A 21 -2.41 -9.48 -0.22
CA LEU A 21 -2.76 -8.09 -0.02
C LEU A 21 -3.92 -7.68 -0.92
N TYR A 22 -4.64 -6.67 -0.49
CA TYR A 22 -5.75 -6.12 -1.25
C TYR A 22 -5.49 -4.65 -1.53
N ALA A 23 -5.31 -4.31 -2.79
CA ALA A 23 -4.97 -2.94 -3.16
C ALA A 23 -5.58 -2.56 -4.50
N MET A 24 -6.24 -1.39 -4.52
CA MET A 24 -6.87 -0.86 -5.72
C MET A 24 -7.96 -1.79 -6.23
N ASP A 25 -8.71 -2.39 -5.31
CA ASP A 25 -9.77 -3.34 -5.64
C ASP A 25 -9.22 -4.55 -6.40
N SER A 26 -7.93 -4.81 -6.21
CA SER A 26 -7.30 -5.97 -6.80
C SER A 26 -6.48 -6.69 -5.74
N TYR A 27 -6.39 -7.99 -5.86
CA TYR A 27 -5.68 -8.78 -4.88
C TYR A 27 -4.26 -9.08 -5.35
N TRP A 28 -3.34 -9.19 -4.41
CA TRP A 28 -1.93 -9.31 -4.70
C TRP A 28 -1.28 -10.29 -3.73
N HIS A 29 -0.01 -10.57 -3.95
CA HIS A 29 0.80 -11.24 -2.95
C HIS A 29 1.53 -10.17 -2.14
N SER A 30 2.10 -10.54 -1.02
CA SER A 30 2.81 -9.59 -0.19
C SER A 30 4.03 -9.02 -0.93
N ARG A 31 4.75 -9.89 -1.62
CA ARG A 31 5.91 -9.47 -2.40
C ARG A 31 5.50 -8.99 -3.78
N CYS A 32 4.31 -9.38 -4.23
CA CYS A 32 3.83 -8.96 -5.54
C CYS A 32 3.32 -7.53 -5.47
N LEU A 33 2.92 -7.09 -4.29
CA LEU A 33 2.57 -5.70 -4.08
C LEU A 33 3.85 -4.92 -3.78
N LYS A 34 4.48 -4.46 -4.84
CA LYS A 34 5.76 -3.77 -4.74
C LYS A 34 5.72 -2.50 -5.56
N CYS A 35 6.76 -1.68 -5.41
CA CYS A 35 6.85 -0.43 -6.13
C CYS A 35 6.87 -0.70 -7.63
N SER A 36 6.28 0.20 -8.39
CA SER A 36 6.25 0.09 -9.83
C SER A 36 7.54 0.65 -10.43
N SER A 37 8.34 1.29 -9.59
CA SER A 37 9.58 1.88 -10.05
C SER A 37 10.79 1.14 -9.48
N CYS A 38 10.75 0.79 -8.19
CA CYS A 38 11.88 0.12 -7.55
C CYS A 38 11.67 -1.38 -7.44
N GLN A 39 10.42 -1.82 -7.57
CA GLN A 39 10.04 -3.20 -7.27
C GLN A 39 10.28 -3.49 -5.80
N ALA A 40 10.30 -2.42 -5.01
CA ALA A 40 10.52 -2.50 -3.60
C ALA A 40 9.29 -3.01 -2.91
N GLN A 41 9.49 -4.10 -2.19
CA GLN A 41 8.43 -4.77 -1.45
C GLN A 41 7.62 -3.77 -0.62
N LEU A 42 6.34 -3.64 -0.94
CA LEU A 42 5.48 -2.67 -0.28
C LEU A 42 4.51 -3.35 0.67
N GLY A 43 3.97 -4.48 0.23
CA GLY A 43 2.99 -5.17 1.03
C GLY A 43 3.61 -6.11 2.05
N ASP A 44 4.75 -6.68 1.69
CA ASP A 44 5.41 -7.67 2.54
C ASP A 44 6.11 -7.01 3.73
N ILE A 45 6.11 -5.68 3.78
CA ILE A 45 6.68 -4.97 4.92
C ILE A 45 5.59 -4.61 5.92
N GLY A 46 4.33 -4.73 5.49
CA GLY A 46 3.22 -4.50 6.39
C GLY A 46 2.69 -3.07 6.35
N THR A 47 3.50 -2.15 5.88
CA THR A 47 3.13 -0.74 5.82
C THR A 47 2.32 -0.44 4.56
N SER A 48 1.81 0.78 4.45
CA SER A 48 0.99 1.16 3.31
C SER A 48 1.84 1.74 2.18
N SER A 49 1.30 1.71 0.98
CA SER A 49 1.98 2.22 -0.19
C SER A 49 1.38 3.56 -0.61
N TYR A 50 2.01 4.21 -1.57
CA TYR A 50 1.51 5.46 -2.09
C TYR A 50 1.02 5.28 -3.52
N THR A 51 -0.28 5.44 -3.71
CA THR A 51 -0.88 5.25 -5.01
C THR A 51 -1.38 6.57 -5.59
N LYS A 52 -0.78 6.98 -6.68
CA LYS A 52 -1.19 8.19 -7.37
C LYS A 52 -1.02 8.00 -8.88
N SER A 53 -2.01 8.41 -9.65
CA SER A 53 -2.02 8.21 -11.10
C SER A 53 -2.19 6.74 -11.45
N GLY A 54 -2.62 5.95 -10.47
CA GLY A 54 -2.65 4.52 -10.64
C GLY A 54 -1.28 3.91 -10.45
N MET A 55 -0.28 4.78 -10.29
CA MET A 55 1.08 4.34 -10.05
C MET A 55 1.26 3.96 -8.60
N ILE A 56 1.55 2.71 -8.38
CA ILE A 56 1.81 2.20 -7.04
C ILE A 56 3.28 2.42 -6.70
N LEU A 57 3.55 3.45 -5.92
CA LEU A 57 4.90 3.87 -5.64
C LEU A 57 5.26 3.65 -4.18
N CYS A 58 6.54 3.69 -3.89
CA CYS A 58 7.02 3.64 -2.53
C CYS A 58 6.88 5.02 -1.89
N ARG A 59 7.04 5.08 -0.57
CA ARG A 59 6.86 6.34 0.15
C ARG A 59 7.84 7.41 -0.32
N ASN A 60 9.07 7.00 -0.60
CA ASN A 60 10.10 7.92 -1.05
C ASN A 60 9.83 8.38 -2.47
N ASP A 61 9.45 7.42 -3.33
CA ASP A 61 9.19 7.71 -4.74
C ASP A 61 8.08 8.72 -4.91
N TYR A 62 7.04 8.61 -4.09
CA TYR A 62 5.91 9.51 -4.17
C TYR A 62 6.35 10.96 -4.05
N ILE A 63 7.28 11.21 -3.14
CA ILE A 63 7.77 12.56 -2.90
C ILE A 63 8.64 13.05 -4.06
N ARG A 64 9.17 12.10 -4.83
CA ARG A 64 9.95 12.42 -6.02
C ARG A 64 9.05 12.67 -7.22
N LEU A 65 8.04 11.80 -7.37
CA LEU A 65 7.17 11.84 -8.53
C LEU A 65 6.14 12.97 -8.43
N PHE A 66 5.55 13.14 -7.26
CA PHE A 66 4.50 14.15 -7.08
C PHE A 66 4.93 15.20 -6.06
N GLY A 67 5.51 14.74 -4.96
CA GLY A 67 6.01 15.65 -3.95
C GLY A 67 4.92 16.52 -3.36
N ASN A 68 4.99 17.82 -3.65
CA ASN A 68 4.07 18.83 -3.13
C ASN A 68 4.36 19.11 -1.66
N SER A 69 4.18 18.11 -0.83
CA SER A 69 4.51 18.22 0.57
C SER A 69 5.81 17.50 0.86
N GLY A 70 6.80 18.23 1.34
CA GLY A 70 8.09 17.65 1.61
C GLY A 70 8.08 16.79 2.86
N ALA A 71 7.95 15.49 2.66
CA ALA A 71 7.85 14.55 3.77
C ALA A 71 9.22 14.26 4.36
N GLY A 72 9.33 14.40 5.67
CA GLY A 72 10.57 14.07 6.35
C GLY A 72 10.38 12.94 7.34
N GLY A 73 10.43 11.71 6.84
CA GLY A 73 10.22 10.55 7.69
C GLY A 73 10.08 9.27 6.90
N SER A 74 11.05 8.37 7.07
CA SER A 74 11.03 7.09 6.37
C SER A 74 10.43 6.00 7.25
N GLY A 75 10.34 6.27 8.54
CA GLY A 75 9.79 5.31 9.47
C GLY A 75 9.85 5.78 10.90
N GLY A 76 8.70 5.93 11.53
CA GLY A 76 8.65 6.40 12.89
C GLY A 76 7.63 5.64 13.73
N HIS A 77 6.47 6.25 13.91
CA HIS A 77 5.39 5.63 14.68
C HIS A 77 4.05 6.20 14.23
N MET A 78 3.67 7.34 14.79
CA MET A 78 2.45 8.02 14.41
C MET A 78 2.63 8.66 13.05
N GLY A 79 1.90 8.13 12.07
CA GLY A 79 2.05 8.61 10.71
C GLY A 79 2.84 7.66 9.85
N SER A 80 3.26 6.54 10.45
CA SER A 80 4.02 5.50 9.76
C SER A 80 5.42 5.99 9.38
N GLY A 81 5.49 6.90 8.42
CA GLY A 81 6.76 7.49 8.06
C GLY A 81 7.22 8.49 9.10
N GLY A 82 6.26 9.24 9.63
CA GLY A 82 6.55 10.14 10.73
C GLY A 82 6.48 9.43 12.06
N ASP A 83 6.81 10.13 13.12
CA ASP A 83 6.80 9.56 14.47
C ASP A 83 5.89 10.34 15.38
N VAL A 84 6.01 11.66 15.30
CA VAL A 84 5.19 12.62 16.07
C VAL A 84 5.91 13.97 16.08
N MET A 85 7.22 13.89 15.91
CA MET A 85 8.07 15.06 15.81
C MET A 85 9.17 14.76 14.79
N VAL A 86 9.63 15.78 14.06
CA VAL A 86 10.59 15.58 12.99
C VAL A 86 11.97 15.22 13.54
N VAL A 87 12.12 13.97 13.96
CA VAL A 87 13.36 13.50 14.56
C VAL A 87 14.32 12.98 13.50
N GLY A 88 13.81 12.09 12.65
CA GLY A 88 14.64 11.49 11.62
C GLY A 88 15.09 12.52 10.60
N GLU A 89 14.14 13.25 10.05
CA GLU A 89 14.43 14.31 9.11
C GLU A 89 13.69 15.57 9.53
N PRO A 90 14.42 16.55 10.09
CA PRO A 90 13.82 17.80 10.59
C PRO A 90 13.33 18.70 9.47
N THR A 91 12.24 18.31 8.82
CA THR A 91 11.69 19.06 7.71
C THR A 91 11.00 20.33 8.18
N LEU A 92 11.81 21.36 8.43
CA LEU A 92 11.29 22.66 8.86
C LEU A 92 10.52 23.30 7.72
N MET A 93 11.04 23.13 6.52
CA MET A 93 10.34 23.56 5.32
C MET A 93 9.59 22.38 4.70
N GLY A 94 8.76 21.75 5.53
CA GLY A 94 8.04 20.57 5.10
C GLY A 94 7.21 19.99 6.23
N GLY A 95 7.03 18.68 6.23
CA GLY A 95 6.29 18.03 7.27
C GLY A 95 6.32 16.52 7.14
N GLU A 96 5.78 15.82 8.11
CA GLU A 96 5.77 14.37 8.09
C GLU A 96 4.58 13.86 7.28
N PHE A 97 4.70 13.93 5.96
CA PHE A 97 3.66 13.44 5.06
C PHE A 97 3.75 11.92 4.96
N GLY A 98 3.53 11.25 6.08
CA GLY A 98 3.72 9.82 6.14
C GLY A 98 2.49 9.05 5.73
N ASP A 99 1.42 9.20 6.52
CA ASP A 99 0.20 8.44 6.28
C ASP A 99 -0.92 9.35 5.76
N GLU A 100 -0.54 10.58 5.47
CA GLU A 100 -1.49 11.58 5.01
C GLU A 100 -2.18 11.20 3.71
N ASP A 101 -1.43 10.63 2.76
CA ASP A 101 -1.99 10.34 1.44
C ASP A 101 -1.82 8.88 1.03
N GLU A 102 -1.47 8.01 1.97
CA GLU A 102 -1.33 6.59 1.67
C GLU A 102 -2.58 5.83 2.11
N ARG A 103 -2.38 4.80 2.95
CA ARG A 103 -3.49 4.01 3.51
C ARG A 103 -4.24 3.26 2.41
N LEU A 104 -3.58 3.03 1.29
CA LEU A 104 -4.19 2.33 0.18
C LEU A 104 -3.78 0.87 0.17
N ILE A 105 -3.32 0.38 1.31
CA ILE A 105 -2.97 -1.03 1.44
C ILE A 105 -3.89 -1.70 2.45
N THR A 106 -4.62 -2.70 1.99
CA THR A 106 -5.44 -3.50 2.87
C THR A 106 -4.82 -4.89 2.97
N ARG A 107 -4.26 -5.19 4.11
CA ARG A 107 -3.49 -6.41 4.26
C ARG A 107 -4.06 -7.28 5.37
N LEU A 108 -4.82 -8.28 4.98
CA LEU A 108 -5.40 -9.22 5.91
C LEU A 108 -5.27 -10.63 5.39
N GLU A 109 -4.44 -11.39 6.04
CA GLU A 109 -4.17 -12.76 5.65
C GLU A 109 -5.43 -13.62 5.82
N ASN A 110 -5.41 -14.79 5.19
CA ASN A 110 -6.53 -15.72 5.27
C ASN A 110 -6.82 -16.08 6.73
N THR A 111 -5.75 -16.21 7.50
CA THR A 111 -5.86 -16.38 8.94
C THR A 111 -5.24 -15.17 9.64
N GLN A 112 -6.06 -14.15 9.85
CA GLN A 112 -5.61 -12.91 10.47
C GLN A 112 -5.82 -12.95 11.98
N PHE A 113 -5.47 -14.08 12.57
CA PHE A 113 -5.60 -14.26 14.01
C PHE A 113 -4.35 -13.76 14.71
N ASP A 114 -4.23 -14.04 16.01
CA ASP A 114 -3.02 -13.65 16.76
C ASP A 114 -1.79 -14.28 16.12
N ALA A 115 -1.89 -15.57 15.84
CA ALA A 115 -0.85 -16.27 15.12
C ALA A 115 -1.06 -16.10 13.62
N ALA A 116 -0.79 -14.91 13.11
CA ALA A 116 -1.02 -14.58 11.71
C ALA A 116 0.04 -15.21 10.82
N ASN A 117 -0.02 -16.52 10.68
CA ASN A 117 0.91 -17.28 9.85
C ASN A 117 0.40 -18.70 9.70
N GLY A 118 0.95 -19.42 8.73
CA GLY A 118 0.51 -20.78 8.48
C GLY A 118 0.92 -21.74 9.58
N ILE A 119 2.18 -22.15 9.56
CA ILE A 119 2.72 -23.11 10.53
C ILE A 119 1.79 -24.31 10.66
N ASP A 120 1.64 -25.04 9.55
CA ASP A 120 0.72 -26.16 9.51
C ASP A 120 1.47 -27.48 9.43
N ASP A 121 0.78 -28.56 9.76
CA ASP A 121 1.36 -29.89 9.67
C ASP A 121 0.30 -30.86 9.17
N GLU A 122 0.73 -32.03 8.75
CA GLU A 122 -0.17 -33.04 8.22
C GLU A 122 -0.87 -33.78 9.35
ZN ZN B . 1.38 -12.78 -6.85
ZN ZN C . 9.98 3.15 -5.56
N GLY A 1 -9.47 -24.74 -2.47
CA GLY A 1 -10.29 -23.52 -2.66
C GLY A 1 -11.34 -23.70 -3.73
N SER A 2 -12.59 -23.88 -3.30
CA SER A 2 -13.70 -24.03 -4.23
C SER A 2 -13.91 -22.74 -5.02
N LEU A 3 -13.93 -21.62 -4.30
CA LEU A 3 -13.96 -20.32 -4.95
C LEU A 3 -12.55 -19.95 -5.39
N SER A 4 -12.41 -19.53 -6.64
CA SER A 4 -11.10 -19.26 -7.21
C SER A 4 -10.57 -17.88 -6.82
N TRP A 5 -10.76 -17.52 -5.56
CA TRP A 5 -10.16 -16.32 -4.97
C TRP A 5 -10.34 -15.10 -5.88
N LYS A 6 -9.24 -14.37 -6.06
CA LYS A 6 -9.23 -13.20 -6.91
C LYS A 6 -8.00 -13.22 -7.80
N ARG A 7 -7.86 -12.22 -8.64
CA ARG A 7 -6.70 -12.10 -9.51
C ARG A 7 -5.75 -11.03 -8.99
N CYS A 8 -4.52 -11.45 -8.69
CA CYS A 8 -3.51 -10.56 -8.14
C CYS A 8 -3.17 -9.43 -9.11
N ALA A 9 -3.30 -8.20 -8.64
CA ALA A 9 -3.00 -7.03 -9.44
C ALA A 9 -1.51 -6.74 -9.43
N GLY A 10 -0.74 -7.61 -8.78
CA GLY A 10 0.69 -7.45 -8.73
C GLY A 10 1.37 -8.12 -9.90
N CYS A 11 1.03 -9.37 -10.15
CA CYS A 11 1.60 -10.09 -11.29
C CYS A 11 0.54 -10.28 -12.38
N GLY A 12 -0.22 -11.36 -12.26
CA GLY A 12 -1.25 -11.64 -13.23
C GLY A 12 -1.67 -13.10 -13.19
N GLY A 13 -2.47 -13.45 -12.20
CA GLY A 13 -2.93 -14.79 -12.06
C GLY A 13 -3.84 -14.90 -10.87
N LYS A 14 -4.24 -16.09 -10.57
CA LYS A 14 -5.07 -16.37 -9.42
C LYS A 14 -4.22 -16.49 -8.17
N ILE A 15 -4.62 -15.80 -7.12
CA ILE A 15 -3.87 -15.78 -5.89
C ILE A 15 -4.10 -17.06 -5.09
N ALA A 16 -3.28 -18.06 -5.33
CA ALA A 16 -3.39 -19.34 -4.66
C ALA A 16 -2.54 -19.37 -3.40
N ASP A 17 -2.29 -18.19 -2.86
CA ASP A 17 -1.50 -18.05 -1.64
C ASP A 17 -2.40 -17.83 -0.45
N ARG A 18 -1.98 -18.32 0.71
CA ARG A 18 -2.75 -18.13 1.94
C ARG A 18 -2.38 -16.81 2.59
N PHE A 19 -1.38 -16.14 2.01
CA PHE A 19 -0.97 -14.83 2.46
C PHE A 19 -1.19 -13.83 1.34
N LEU A 20 -2.40 -13.29 1.25
CA LEU A 20 -2.76 -12.39 0.17
C LEU A 20 -3.03 -10.99 0.70
N LEU A 21 -3.16 -10.04 -0.21
CA LEU A 21 -3.36 -8.65 0.14
C LEU A 21 -4.52 -8.06 -0.64
N TYR A 22 -5.10 -6.99 -0.11
CA TYR A 22 -6.15 -6.26 -0.78
C TYR A 22 -5.77 -4.80 -0.85
N ALA A 23 -5.78 -4.24 -2.05
CA ALA A 23 -5.42 -2.84 -2.24
C ALA A 23 -6.12 -2.26 -3.46
N MET A 24 -6.80 -1.12 -3.25
CA MET A 24 -7.53 -0.44 -4.31
C MET A 24 -8.66 -1.30 -4.83
N ASP A 25 -9.31 -2.04 -3.93
CA ASP A 25 -10.39 -2.96 -4.28
C ASP A 25 -9.93 -4.03 -5.25
N SER A 26 -8.62 -4.19 -5.35
CA SER A 26 -8.04 -5.27 -6.13
C SER A 26 -7.20 -6.13 -5.21
N TYR A 27 -7.19 -7.42 -5.45
CA TYR A 27 -6.47 -8.33 -4.58
C TYR A 27 -5.09 -8.61 -5.16
N TRP A 28 -4.13 -8.87 -4.28
CA TRP A 28 -2.74 -9.04 -4.68
C TRP A 28 -2.14 -10.25 -3.99
N HIS A 29 -0.89 -10.55 -4.32
CA HIS A 29 -0.11 -11.54 -3.58
C HIS A 29 0.52 -10.85 -2.37
N SER A 30 1.65 -11.36 -1.92
CA SER A 30 2.38 -10.73 -0.84
C SER A 30 3.58 -9.94 -1.38
N ARG A 31 4.41 -10.63 -2.15
CA ARG A 31 5.62 -10.02 -2.72
C ARG A 31 5.30 -9.17 -3.95
N CYS A 32 4.08 -9.32 -4.48
CA CYS A 32 3.68 -8.59 -5.68
C CYS A 32 3.31 -7.15 -5.35
N LEU A 33 3.07 -6.87 -4.07
CA LEU A 33 2.84 -5.50 -3.64
C LEU A 33 4.17 -4.81 -3.39
N LYS A 34 4.95 -4.69 -4.44
CA LYS A 34 6.25 -4.06 -4.37
C LYS A 34 6.26 -2.80 -5.21
N CYS A 35 7.12 -1.87 -4.88
CA CYS A 35 7.22 -0.62 -5.59
C CYS A 35 7.52 -0.88 -7.06
N SER A 36 6.88 -0.12 -7.94
CA SER A 36 7.14 -0.22 -9.36
C SER A 36 8.50 0.38 -9.71
N SER A 37 9.14 0.97 -8.72
CA SER A 37 10.42 1.61 -8.92
C SER A 37 11.51 0.95 -8.05
N CYS A 38 11.17 0.63 -6.81
CA CYS A 38 12.14 0.04 -5.89
C CYS A 38 12.10 -1.48 -5.92
N GLN A 39 10.92 -2.02 -6.21
CA GLN A 39 10.68 -3.47 -6.15
C GLN A 39 10.86 -3.98 -4.72
N ALA A 40 10.69 -3.08 -3.77
CA ALA A 40 10.73 -3.42 -2.38
C ALA A 40 9.32 -3.68 -1.90
N GLN A 41 9.17 -4.73 -1.14
CA GLN A 41 7.87 -5.15 -0.64
C GLN A 41 7.29 -4.06 0.26
N LEU A 42 6.18 -3.49 -0.18
CA LEU A 42 5.59 -2.32 0.48
C LEU A 42 5.08 -2.67 1.88
N GLY A 43 4.88 -3.95 2.14
CA GLY A 43 4.44 -4.40 3.45
C GLY A 43 5.61 -4.72 4.36
N ASP A 44 6.82 -4.61 3.84
CA ASP A 44 8.02 -4.85 4.64
C ASP A 44 8.55 -3.53 5.19
N ILE A 45 8.40 -2.48 4.40
CA ILE A 45 8.81 -1.14 4.81
C ILE A 45 7.66 -0.44 5.53
N GLY A 46 7.14 -1.08 6.56
CA GLY A 46 5.99 -0.57 7.27
C GLY A 46 4.70 -1.02 6.61
N THR A 47 3.79 -0.09 6.38
CA THR A 47 2.60 -0.39 5.62
C THR A 47 2.11 0.86 4.90
N SER A 48 2.36 0.93 3.61
CA SER A 48 1.92 2.05 2.80
C SER A 48 1.91 1.67 1.33
N SER A 49 1.07 2.33 0.55
CA SER A 49 0.98 2.05 -0.87
C SER A 49 0.31 3.20 -1.59
N TYR A 50 0.89 3.62 -2.71
CA TYR A 50 0.38 4.77 -3.43
C TYR A 50 -0.04 4.38 -4.84
N THR A 51 -1.29 4.63 -5.18
CA THR A 51 -1.79 4.30 -6.51
C THR A 51 -1.65 5.48 -7.46
N LYS A 52 -0.66 5.41 -8.33
CA LYS A 52 -0.39 6.48 -9.27
C LYS A 52 -0.02 5.90 -10.63
N SER A 53 -0.58 6.48 -11.69
CA SER A 53 -0.33 6.04 -13.06
C SER A 53 -0.83 4.61 -13.28
N GLY A 54 -1.77 4.18 -12.44
CA GLY A 54 -2.29 2.83 -12.54
C GLY A 54 -1.36 1.81 -11.92
N MET A 55 -0.30 2.30 -11.30
CA MET A 55 0.66 1.44 -10.63
C MET A 55 0.77 1.81 -9.17
N ILE A 56 1.63 1.12 -8.44
CA ILE A 56 1.82 1.40 -7.03
C ILE A 56 3.26 1.84 -6.75
N LEU A 57 3.39 2.87 -5.94
CA LEU A 57 4.69 3.41 -5.58
C LEU A 57 4.86 3.38 -4.07
N CYS A 58 6.09 3.61 -3.61
CA CYS A 58 6.35 3.75 -2.21
C CYS A 58 6.06 5.19 -1.78
N ARG A 59 6.06 5.44 -0.48
CA ARG A 59 5.83 6.78 0.04
C ARG A 59 7.02 7.67 -0.30
N ASN A 60 8.20 7.07 -0.29
CA ASN A 60 9.43 7.78 -0.62
C ASN A 60 9.44 8.22 -2.08
N ASP A 61 8.97 7.35 -2.96
CA ASP A 61 8.97 7.62 -4.39
C ASP A 61 7.84 8.55 -4.79
N TYR A 62 6.72 8.44 -4.09
CA TYR A 62 5.56 9.27 -4.36
C TYR A 62 5.93 10.76 -4.37
N ILE A 63 6.75 11.17 -3.41
CA ILE A 63 7.16 12.57 -3.30
C ILE A 63 8.13 12.96 -4.41
N ARG A 64 8.66 11.97 -5.10
CA ARG A 64 9.53 12.22 -6.25
C ARG A 64 8.69 12.35 -7.52
N LEU A 65 7.86 11.35 -7.76
CA LEU A 65 7.06 11.28 -8.97
C LEU A 65 5.92 12.30 -8.95
N PHE A 66 5.18 12.34 -7.86
CA PHE A 66 4.01 13.20 -7.77
C PHE A 66 4.07 14.09 -6.54
N GLY A 67 5.29 14.46 -6.16
CA GLY A 67 5.47 15.33 -5.00
C GLY A 67 5.19 16.78 -5.33
N ASN A 68 5.21 17.11 -6.61
CA ASN A 68 4.97 18.47 -7.07
C ASN A 68 3.51 18.84 -6.88
N SER A 69 3.26 19.77 -5.95
CA SER A 69 1.91 20.18 -5.59
C SER A 69 1.13 19.02 -4.96
N GLY A 70 0.29 18.37 -5.75
CA GLY A 70 -0.50 17.26 -5.25
C GLY A 70 -1.69 17.74 -4.44
N ALA A 71 -1.40 18.42 -3.35
CA ALA A 71 -2.42 19.02 -2.51
C ALA A 71 -1.88 20.30 -1.89
N GLY A 72 -1.52 21.23 -2.74
CA GLY A 72 -0.94 22.48 -2.30
C GLY A 72 -0.81 23.46 -3.44
N GLY A 73 -1.59 24.53 -3.38
CA GLY A 73 -1.60 25.51 -4.45
C GLY A 73 -0.24 26.10 -4.72
N SER A 74 0.55 26.28 -3.68
CA SER A 74 1.89 26.82 -3.81
C SER A 74 2.93 25.70 -3.71
N GLY A 75 2.50 24.49 -4.01
CA GLY A 75 3.39 23.35 -3.91
C GLY A 75 3.06 22.49 -2.72
N GLY A 76 3.62 21.29 -2.66
CA GLY A 76 3.38 20.42 -1.53
C GLY A 76 4.44 20.62 -0.46
N HIS A 77 4.02 20.70 0.79
CA HIS A 77 4.95 20.93 1.89
C HIS A 77 4.49 20.24 3.16
N MET A 78 5.26 20.43 4.23
CA MET A 78 4.98 19.81 5.53
C MET A 78 5.03 18.29 5.42
N GLY A 79 5.81 17.79 4.46
CA GLY A 79 5.85 16.38 4.18
C GLY A 79 4.57 15.92 3.51
N SER A 80 3.58 15.58 4.32
CA SER A 80 2.26 15.28 3.83
C SER A 80 1.26 16.23 4.46
N GLY A 81 1.27 17.49 4.04
CA GLY A 81 0.41 18.49 4.63
C GLY A 81 -0.73 18.89 3.72
N GLY A 82 -1.26 17.93 2.98
CA GLY A 82 -2.34 18.21 2.06
C GLY A 82 -3.68 18.37 2.77
N ASP A 83 -3.88 17.61 3.84
CA ASP A 83 -5.12 17.67 4.61
C ASP A 83 -5.23 19.01 5.33
N VAL A 84 -4.08 19.66 5.51
CA VAL A 84 -4.04 20.97 6.14
C VAL A 84 -4.11 22.08 5.10
N MET A 85 -3.93 21.71 3.84
CA MET A 85 -3.92 22.69 2.75
C MET A 85 -5.27 22.72 2.02
N VAL A 86 -5.82 21.54 1.74
CA VAL A 86 -7.09 21.44 1.05
C VAL A 86 -8.25 21.70 2.02
N VAL A 87 -8.33 22.92 2.50
CA VAL A 87 -9.40 23.33 3.41
C VAL A 87 -10.06 24.60 2.88
N GLY A 88 -11.01 24.43 1.99
CA GLY A 88 -11.63 25.55 1.33
C GLY A 88 -11.20 25.67 -0.11
N GLU A 89 -10.66 24.57 -0.64
CA GLU A 89 -10.22 24.52 -2.03
C GLU A 89 -11.28 23.83 -2.88
N PRO A 90 -11.15 23.84 -4.23
CA PRO A 90 -12.10 23.19 -5.12
C PRO A 90 -12.28 21.71 -4.81
N THR A 91 -11.20 21.09 -4.34
CA THR A 91 -11.24 19.72 -3.88
C THR A 91 -11.97 19.61 -2.55
N LEU A 92 -13.10 18.94 -2.55
CA LEU A 92 -13.92 18.82 -1.34
C LEU A 92 -13.29 17.82 -0.39
N MET A 93 -12.69 16.79 -0.94
CA MET A 93 -11.98 15.78 -0.16
C MET A 93 -10.50 15.81 -0.50
N GLY A 94 -9.72 16.45 0.36
CA GLY A 94 -8.29 16.56 0.12
C GLY A 94 -7.54 15.40 0.73
N GLY A 95 -7.72 14.21 0.16
CA GLY A 95 -7.08 13.02 0.67
C GLY A 95 -5.64 12.91 0.24
N GLU A 96 -5.39 13.23 -1.04
CA GLU A 96 -4.04 13.17 -1.60
C GLU A 96 -3.08 14.07 -0.83
N PHE A 97 -1.90 13.54 -0.52
CA PHE A 97 -0.88 14.25 0.25
C PHE A 97 -1.36 14.54 1.66
N GLY A 98 -2.44 13.91 2.07
CA GLY A 98 -2.98 14.09 3.40
C GLY A 98 -2.40 13.11 4.39
N ASP A 99 -1.40 12.35 3.93
CA ASP A 99 -0.73 11.31 4.72
C ASP A 99 -1.56 10.04 4.79
N GLU A 100 -2.87 10.19 4.93
CA GLU A 100 -3.77 9.04 4.95
C GLU A 100 -4.29 8.72 3.55
N ASP A 101 -3.56 9.17 2.54
CA ASP A 101 -3.92 8.88 1.15
C ASP A 101 -3.36 7.54 0.73
N GLU A 102 -2.36 7.07 1.46
CA GLU A 102 -1.84 5.73 1.26
C GLU A 102 -2.69 4.74 2.04
N ARG A 103 -2.07 4.06 3.03
CA ARG A 103 -2.78 3.14 3.92
C ARG A 103 -3.73 2.24 3.15
N LEU A 104 -3.26 1.71 2.03
CA LEU A 104 -4.09 0.89 1.18
C LEU A 104 -3.76 -0.59 1.36
N ILE A 105 -2.76 -0.88 2.18
CA ILE A 105 -2.36 -2.25 2.42
C ILE A 105 -3.32 -2.94 3.38
N THR A 106 -4.31 -3.61 2.82
CA THR A 106 -5.25 -4.39 3.58
C THR A 106 -4.85 -5.85 3.47
N ARG A 107 -3.95 -6.29 4.34
CA ARG A 107 -3.34 -7.60 4.22
C ARG A 107 -4.11 -8.63 5.04
N LEU A 108 -4.18 -9.85 4.50
CA LEU A 108 -4.86 -10.93 5.18
C LEU A 108 -4.08 -12.23 5.02
N GLU A 109 -3.40 -12.62 6.08
CA GLU A 109 -2.63 -13.86 6.10
C GLU A 109 -3.44 -14.96 6.75
N ASN A 110 -3.08 -16.20 6.45
CA ASN A 110 -3.78 -17.37 6.99
C ASN A 110 -3.71 -17.38 8.50
N THR A 111 -4.86 -17.09 9.13
CA THR A 111 -4.98 -17.00 10.59
C THR A 111 -4.29 -15.75 11.15
N GLN A 112 -3.14 -15.39 10.56
CA GLN A 112 -2.37 -14.21 10.94
C GLN A 112 -1.79 -14.35 12.35
N PHE A 113 -2.59 -14.01 13.34
CA PHE A 113 -2.19 -14.14 14.74
C PHE A 113 -2.23 -15.61 15.13
N ASP A 114 -1.04 -16.19 15.33
CA ASP A 114 -0.90 -17.62 15.55
C ASP A 114 -1.38 -18.40 14.33
N ALA A 115 -0.70 -18.17 13.22
CA ALA A 115 -1.10 -18.73 11.94
C ALA A 115 -1.07 -20.25 11.95
N ALA A 116 -2.14 -20.86 11.46
CA ALA A 116 -2.20 -22.31 11.33
C ALA A 116 -1.40 -22.75 10.11
N ASN A 117 -1.62 -22.03 9.01
CA ASN A 117 -0.87 -22.24 7.77
C ASN A 117 -1.02 -23.67 7.26
N GLY A 118 -2.23 -24.19 7.34
CA GLY A 118 -2.50 -25.52 6.81
C GLY A 118 -3.05 -25.46 5.42
N ILE A 119 -2.34 -24.73 4.54
CA ILE A 119 -2.77 -24.49 3.16
C ILE A 119 -3.94 -23.50 3.13
N ASP A 120 -5.05 -23.85 3.77
CA ASP A 120 -6.16 -22.94 3.92
C ASP A 120 -6.56 -22.85 5.39
N ASP A 121 -7.45 -21.93 5.70
CA ASP A 121 -7.90 -21.70 7.07
C ASP A 121 -8.97 -22.73 7.46
N GLU A 122 -8.54 -23.83 8.03
CA GLU A 122 -9.44 -24.90 8.41
C GLU A 122 -9.73 -24.85 9.91
ZN ZN B . 0.98 -11.86 -7.78
ZN ZN C . 9.92 3.17 -4.49
N GLY A 1 -14.40 -24.99 0.90
CA GLY A 1 -14.16 -25.15 -0.56
C GLY A 1 -14.75 -23.99 -1.35
N SER A 2 -15.01 -24.24 -2.62
CA SER A 2 -15.60 -23.23 -3.52
C SER A 2 -14.79 -21.94 -3.49
N LEU A 3 -15.33 -20.91 -2.84
CA LEU A 3 -14.66 -19.62 -2.67
C LEU A 3 -14.54 -18.86 -3.99
N SER A 4 -14.79 -17.57 -3.93
CA SER A 4 -14.58 -16.70 -5.07
C SER A 4 -13.08 -16.58 -5.32
N TRP A 5 -12.65 -16.97 -6.51
CA TRP A 5 -11.23 -17.05 -6.82
C TRP A 5 -10.57 -15.68 -6.67
N LYS A 6 -9.50 -15.66 -5.91
CA LYS A 6 -8.77 -14.44 -5.65
C LYS A 6 -7.73 -14.22 -6.74
N ARG A 7 -7.87 -13.16 -7.50
CA ARG A 7 -7.00 -12.91 -8.63
C ARG A 7 -5.98 -11.83 -8.28
N CYS A 8 -4.74 -12.04 -8.73
CA CYS A 8 -3.63 -11.13 -8.45
C CYS A 8 -3.54 -10.05 -9.53
N ALA A 9 -3.22 -8.83 -9.12
CA ALA A 9 -3.15 -7.70 -10.03
C ALA A 9 -1.70 -7.36 -10.38
N GLY A 10 -0.77 -8.20 -9.95
CA GLY A 10 0.63 -7.97 -10.26
C GLY A 10 1.14 -8.97 -11.27
N CYS A 11 1.26 -10.21 -10.85
CA CYS A 11 1.57 -11.30 -11.77
C CYS A 11 0.32 -11.90 -12.42
N GLY A 12 -0.84 -11.47 -11.96
CA GLY A 12 -2.08 -11.85 -12.61
C GLY A 12 -2.34 -13.34 -12.59
N GLY A 13 -2.40 -13.91 -11.39
CA GLY A 13 -2.71 -15.30 -11.28
C GLY A 13 -3.78 -15.54 -10.24
N LYS A 14 -3.85 -16.75 -9.78
CA LYS A 14 -4.81 -17.16 -8.77
C LYS A 14 -4.13 -17.25 -7.40
N ILE A 15 -4.59 -16.45 -6.47
CA ILE A 15 -4.07 -16.46 -5.12
C ILE A 15 -4.96 -17.29 -4.21
N ALA A 16 -4.65 -18.57 -4.10
CA ALA A 16 -5.37 -19.46 -3.20
C ALA A 16 -4.62 -19.56 -1.88
N ASP A 17 -3.88 -18.50 -1.58
CA ASP A 17 -3.06 -18.45 -0.38
C ASP A 17 -3.76 -17.67 0.72
N ARG A 18 -3.45 -18.00 1.96
CA ARG A 18 -3.98 -17.27 3.10
C ARG A 18 -3.21 -15.98 3.29
N PHE A 19 -1.93 -16.05 2.95
CA PHE A 19 -1.03 -14.91 3.04
C PHE A 19 -1.06 -14.11 1.74
N LEU A 20 -1.86 -13.03 1.69
CA LEU A 20 -1.98 -12.26 0.46
C LEU A 20 -2.49 -10.85 0.74
N LEU A 21 -2.24 -9.94 -0.19
CA LEU A 21 -2.62 -8.56 0.01
C LEU A 21 -3.77 -8.16 -0.91
N TYR A 22 -4.51 -7.15 -0.49
CA TYR A 22 -5.62 -6.63 -1.27
C TYR A 22 -5.51 -5.11 -1.36
N ALA A 23 -5.66 -4.57 -2.57
CA ALA A 23 -5.60 -3.13 -2.77
C ALA A 23 -6.40 -2.73 -3.99
N MET A 24 -7.20 -1.67 -3.85
CA MET A 24 -8.03 -1.13 -4.93
C MET A 24 -9.08 -2.16 -5.37
N ASP A 25 -9.59 -2.91 -4.41
CA ASP A 25 -10.55 -4.00 -4.68
C ASP A 25 -9.94 -5.03 -5.62
N SER A 26 -8.62 -5.08 -5.63
CA SER A 26 -7.89 -6.07 -6.39
C SER A 26 -6.93 -6.78 -5.45
N TYR A 27 -6.74 -8.06 -5.68
CA TYR A 27 -5.92 -8.85 -4.78
C TYR A 27 -4.54 -9.07 -5.38
N TRP A 28 -3.60 -9.40 -4.50
CA TRP A 28 -2.20 -9.52 -4.87
C TRP A 28 -1.59 -10.71 -4.14
N HIS A 29 -0.40 -11.12 -4.56
CA HIS A 29 0.36 -12.11 -3.83
C HIS A 29 1.20 -11.38 -2.78
N SER A 30 2.51 -11.64 -2.80
CA SER A 30 3.44 -10.92 -1.95
C SER A 30 4.31 -9.97 -2.78
N ARG A 31 4.74 -10.45 -3.94
CA ARG A 31 5.75 -9.74 -4.74
C ARG A 31 5.14 -8.93 -5.89
N CYS A 32 3.82 -8.94 -6.03
CA CYS A 32 3.19 -8.25 -7.14
C CYS A 32 3.10 -6.75 -6.88
N LEU A 33 2.68 -6.38 -5.68
CA LEU A 33 2.59 -4.97 -5.32
C LEU A 33 3.87 -4.54 -4.62
N LYS A 34 4.52 -3.55 -5.20
CA LYS A 34 5.80 -3.07 -4.73
C LYS A 34 6.08 -1.72 -5.37
N CYS A 35 7.07 -1.02 -4.84
CA CYS A 35 7.43 0.27 -5.39
C CYS A 35 7.90 0.11 -6.82
N SER A 36 7.56 1.08 -7.65
CA SER A 36 7.97 1.07 -9.04
C SER A 36 9.48 1.26 -9.15
N SER A 37 10.09 1.89 -8.14
CA SER A 37 11.51 2.13 -8.14
C SER A 37 12.26 1.23 -7.14
N CYS A 38 11.74 1.12 -5.92
CA CYS A 38 12.39 0.30 -4.90
C CYS A 38 12.23 -1.17 -5.23
N GLN A 39 11.05 -1.53 -5.71
CA GLN A 39 10.72 -2.91 -6.05
C GLN A 39 10.78 -3.80 -4.82
N ALA A 40 10.58 -3.20 -3.65
CA ALA A 40 10.56 -3.91 -2.41
C ALA A 40 9.13 -4.14 -1.97
N GLN A 41 8.94 -5.13 -1.15
CA GLN A 41 7.63 -5.50 -0.64
C GLN A 41 7.04 -4.36 0.19
N LEU A 42 6.09 -3.65 -0.41
CA LEU A 42 5.48 -2.48 0.22
C LEU A 42 4.58 -2.87 1.39
N GLY A 43 4.45 -4.17 1.64
CA GLY A 43 3.68 -4.64 2.77
C GLY A 43 4.57 -5.22 3.85
N ASP A 44 5.87 -5.10 3.67
CA ASP A 44 6.83 -5.67 4.60
C ASP A 44 7.57 -4.57 5.37
N ILE A 45 8.25 -3.71 4.62
CA ILE A 45 9.03 -2.62 5.22
C ILE A 45 8.13 -1.43 5.55
N GLY A 46 7.02 -1.72 6.22
CA GLY A 46 6.04 -0.71 6.53
C GLY A 46 4.88 -0.76 5.57
N THR A 47 3.71 -1.13 6.08
CA THR A 47 2.56 -1.36 5.22
C THR A 47 1.94 -0.03 4.79
N SER A 48 2.17 0.34 3.54
CA SER A 48 1.62 1.55 2.97
C SER A 48 1.60 1.44 1.46
N SER A 49 0.76 2.22 0.80
CA SER A 49 0.62 2.14 -0.64
C SER A 49 0.26 3.48 -1.24
N TYR A 50 0.59 3.68 -2.49
CA TYR A 50 0.28 4.91 -3.20
C TYR A 50 -0.21 4.60 -4.60
N THR A 51 -1.51 4.73 -4.78
CA THR A 51 -2.13 4.42 -6.06
C THR A 51 -2.35 5.67 -6.88
N LYS A 52 -1.48 5.88 -7.86
CA LYS A 52 -1.59 7.00 -8.75
C LYS A 52 -0.92 6.68 -10.08
N SER A 53 -1.54 7.08 -11.18
CA SER A 53 -1.02 6.82 -12.52
C SER A 53 -0.97 5.31 -12.80
N GLY A 54 -1.86 4.56 -12.15
CA GLY A 54 -1.87 3.11 -12.30
C GLY A 54 -0.62 2.47 -11.73
N MET A 55 0.07 3.22 -10.88
CA MET A 55 1.32 2.77 -10.30
C MET A 55 1.19 2.61 -8.81
N ILE A 56 2.21 2.01 -8.20
CA ILE A 56 2.27 1.83 -6.76
C ILE A 56 3.68 2.17 -6.27
N LEU A 57 3.77 3.19 -5.44
CA LEU A 57 5.06 3.71 -5.01
C LEU A 57 5.13 3.79 -3.49
N CYS A 58 6.33 4.02 -2.98
CA CYS A 58 6.53 4.21 -1.55
C CYS A 58 6.34 5.68 -1.20
N ARG A 59 6.47 6.02 0.09
CA ARG A 59 6.34 7.40 0.54
C ARG A 59 7.41 8.27 -0.11
N ASN A 60 8.65 7.83 -0.04
CA ASN A 60 9.77 8.59 -0.60
C ASN A 60 9.66 8.70 -2.12
N ASP A 61 9.33 7.60 -2.78
CA ASP A 61 9.26 7.58 -4.23
C ASP A 61 8.07 8.36 -4.74
N TYR A 62 6.98 8.37 -3.97
CA TYR A 62 5.81 9.15 -4.33
C TYR A 62 6.17 10.64 -4.39
N ILE A 63 7.03 11.06 -3.47
CA ILE A 63 7.45 12.44 -3.40
C ILE A 63 8.33 12.80 -4.60
N ARG A 64 9.00 11.79 -5.13
CA ARG A 64 9.81 11.97 -6.34
C ARG A 64 8.93 11.94 -7.58
N LEU A 65 7.83 11.20 -7.49
CA LEU A 65 6.93 11.05 -8.62
C LEU A 65 6.04 12.28 -8.77
N PHE A 66 5.35 12.66 -7.70
CA PHE A 66 4.45 13.80 -7.75
C PHE A 66 4.85 14.85 -6.70
N GLY A 67 5.16 14.39 -5.50
CA GLY A 67 5.61 15.30 -4.47
C GLY A 67 4.60 15.49 -3.35
N ASN A 68 4.86 16.47 -2.49
CA ASN A 68 4.01 16.78 -1.35
C ASN A 68 4.50 18.07 -0.70
N SER A 69 3.76 19.15 -0.89
CA SER A 69 4.18 20.45 -0.43
C SER A 69 4.00 20.61 1.07
N GLY A 70 3.43 19.59 1.71
CA GLY A 70 3.23 19.62 3.14
C GLY A 70 1.85 19.13 3.53
N ALA A 71 1.28 19.74 4.56
CA ALA A 71 -0.04 19.36 5.04
C ALA A 71 -0.68 20.52 5.81
N GLY A 72 -2.00 20.53 5.86
CA GLY A 72 -2.70 21.59 6.55
C GLY A 72 -3.20 22.67 5.61
N GLY A 73 -3.54 22.27 4.39
CA GLY A 73 -4.01 23.22 3.42
C GLY A 73 -3.70 22.78 2.00
N SER A 74 -4.40 23.34 1.04
CA SER A 74 -4.23 22.97 -0.36
C SER A 74 -3.13 23.80 -1.01
N GLY A 75 -2.64 23.34 -2.15
CA GLY A 75 -1.60 24.05 -2.87
C GLY A 75 -0.22 23.77 -2.31
N GLY A 76 0.34 24.75 -1.64
CA GLY A 76 1.66 24.59 -1.06
C GLY A 76 2.70 25.45 -1.74
N HIS A 77 3.88 25.53 -1.15
CA HIS A 77 4.96 26.33 -1.70
C HIS A 77 6.31 25.68 -1.41
N MET A 78 6.42 25.05 -0.26
CA MET A 78 7.64 24.36 0.13
C MET A 78 7.38 23.42 1.31
N GLY A 79 7.65 22.13 1.10
CA GLY A 79 7.43 21.15 2.13
C GLY A 79 8.35 19.96 1.98
N SER A 80 7.76 18.78 1.86
CA SER A 80 8.53 17.55 1.73
C SER A 80 9.15 17.43 0.35
N GLY A 81 8.35 17.70 -0.68
CA GLY A 81 8.83 17.63 -2.04
C GLY A 81 7.95 18.40 -3.00
N GLY A 82 8.50 18.79 -4.12
CA GLY A 82 7.75 19.54 -5.09
C GLY A 82 8.41 20.86 -5.41
N ASP A 83 7.62 21.92 -5.52
CA ASP A 83 8.14 23.24 -5.81
C ASP A 83 7.05 24.30 -5.62
N VAL A 84 7.29 25.48 -6.16
CA VAL A 84 6.31 26.56 -6.10
C VAL A 84 5.13 26.30 -7.02
N MET A 85 5.30 25.37 -7.95
CA MET A 85 4.24 25.01 -8.89
C MET A 85 3.91 23.53 -8.78
N VAL A 86 2.99 23.21 -7.88
CA VAL A 86 2.54 21.83 -7.71
C VAL A 86 1.12 21.67 -8.22
N VAL A 87 0.29 22.66 -7.94
CA VAL A 87 -1.09 22.68 -8.41
C VAL A 87 -1.52 24.12 -8.72
N GLY A 88 -2.70 24.27 -9.29
CA GLY A 88 -3.21 25.59 -9.58
C GLY A 88 -3.41 26.41 -8.32
N GLU A 89 -2.86 27.62 -8.31
CA GLU A 89 -2.91 28.51 -7.14
C GLU A 89 -2.10 27.93 -5.99
N PRO A 90 -0.85 28.38 -5.85
CA PRO A 90 0.06 27.91 -4.80
C PRO A 90 -0.25 28.52 -3.44
N THR A 91 -1.40 28.16 -2.90
CA THR A 91 -1.82 28.64 -1.58
C THR A 91 -0.85 28.16 -0.51
N LEU A 92 -0.25 29.11 0.20
CA LEU A 92 0.74 28.78 1.22
C LEU A 92 0.06 28.43 2.54
N MET A 93 -0.81 27.43 2.50
CA MET A 93 -1.54 27.01 3.68
C MET A 93 -0.96 25.71 4.24
N GLY A 94 -0.61 24.79 3.35
CA GLY A 94 -0.04 23.53 3.76
C GLY A 94 0.68 22.84 2.63
N GLY A 95 -0.08 22.24 1.74
CA GLY A 95 0.50 21.59 0.59
C GLY A 95 0.02 20.17 0.40
N GLU A 96 -1.29 19.97 0.56
CA GLU A 96 -1.89 18.66 0.38
C GLU A 96 -1.66 18.17 -1.05
N PHE A 97 -0.98 17.04 -1.18
CA PHE A 97 -0.60 16.53 -2.49
C PHE A 97 -0.52 15.01 -2.49
N GLY A 98 -1.49 14.38 -1.85
CA GLY A 98 -1.52 12.93 -1.81
C GLY A 98 -0.90 12.39 -0.54
N ASP A 99 -0.78 13.25 0.46
CA ASP A 99 -0.22 12.87 1.75
C ASP A 99 -0.99 11.71 2.37
N GLU A 100 -2.29 11.89 2.52
CA GLU A 100 -3.13 10.85 3.09
C GLU A 100 -3.73 9.97 1.98
N ASP A 101 -2.95 9.74 0.93
CA ASP A 101 -3.38 8.87 -0.16
C ASP A 101 -3.03 7.42 0.15
N GLU A 102 -2.23 7.22 1.19
CA GLU A 102 -1.78 5.90 1.59
C GLU A 102 -2.89 5.15 2.34
N ARG A 103 -2.49 4.23 3.22
CA ARG A 103 -3.43 3.42 3.99
C ARG A 103 -4.40 2.70 3.06
N LEU A 104 -3.86 2.16 1.98
CA LEU A 104 -4.66 1.51 0.95
C LEU A 104 -4.45 0.00 0.97
N ILE A 105 -3.52 -0.46 1.80
CA ILE A 105 -3.20 -1.86 1.85
C ILE A 105 -4.14 -2.61 2.80
N THR A 106 -4.82 -3.61 2.24
CA THR A 106 -5.54 -4.57 3.05
C THR A 106 -4.61 -5.75 3.28
N ARG A 107 -4.14 -5.87 4.51
CA ARG A 107 -3.00 -6.72 4.81
C ARG A 107 -3.26 -8.20 4.71
N LEU A 108 -2.13 -8.88 4.62
CA LEU A 108 -2.03 -10.31 4.46
C LEU A 108 -2.61 -11.10 5.62
N GLU A 109 -2.24 -12.35 5.66
CA GLU A 109 -2.88 -13.35 6.49
C GLU A 109 -2.98 -12.96 7.96
N ASN A 110 -3.94 -13.60 8.61
CA ASN A 110 -4.17 -13.45 10.04
C ASN A 110 -2.95 -13.90 10.83
N THR A 111 -2.19 -14.81 10.22
CA THR A 111 -1.00 -15.38 10.84
C THR A 111 0.16 -14.36 10.90
N GLN A 112 -0.09 -13.14 10.46
CA GLN A 112 0.89 -12.07 10.58
C GLN A 112 0.98 -11.60 12.03
N PHE A 113 -0.06 -11.90 12.80
CA PHE A 113 -0.09 -11.58 14.22
C PHE A 113 0.50 -12.73 15.02
N ASP A 114 -0.29 -13.79 15.17
CA ASP A 114 0.19 -15.02 15.78
C ASP A 114 0.16 -16.14 14.76
N ALA A 115 0.76 -17.28 15.09
CA ALA A 115 0.79 -18.41 14.18
C ALA A 115 -0.52 -19.21 14.24
N ALA A 116 -1.62 -18.50 14.08
CA ALA A 116 -2.94 -19.12 14.05
C ALA A 116 -3.44 -19.23 12.61
N ASN A 117 -4.27 -20.23 12.36
CA ASN A 117 -4.89 -20.38 11.06
C ASN A 117 -6.16 -19.56 11.00
N GLY A 118 -6.15 -18.53 10.17
CA GLY A 118 -7.27 -17.62 10.09
C GLY A 118 -8.51 -18.27 9.50
N ILE A 119 -9.66 -18.00 10.10
CA ILE A 119 -10.93 -18.53 9.63
C ILE A 119 -11.87 -17.40 9.20
N ASP A 120 -11.56 -16.19 9.64
CA ASP A 120 -12.37 -15.02 9.29
C ASP A 120 -12.08 -14.59 7.86
N ASP A 121 -10.84 -14.81 7.44
CA ASP A 121 -10.45 -14.58 6.05
C ASP A 121 -10.87 -15.77 5.20
N GLU A 122 -10.95 -15.57 3.90
CA GLU A 122 -11.36 -16.63 3.00
C GLU A 122 -10.14 -17.30 2.37
ZN ZN B . 0.93 -11.93 -7.98
ZN ZN C . 10.30 3.48 -3.47
N GLY A 1 -14.82 -6.62 -12.56
CA GLY A 1 -15.70 -7.33 -11.61
C GLY A 1 -14.91 -8.16 -10.62
N SER A 2 -15.60 -8.90 -9.77
CA SER A 2 -14.95 -9.75 -8.78
C SER A 2 -14.85 -11.18 -9.29
N LEU A 3 -15.84 -11.58 -10.08
CA LEU A 3 -15.89 -12.93 -10.64
C LEU A 3 -15.91 -13.98 -9.54
N SER A 4 -15.32 -15.13 -9.80
CA SER A 4 -15.25 -16.21 -8.82
C SER A 4 -14.17 -15.92 -7.79
N TRP A 5 -13.11 -15.30 -8.26
CA TRP A 5 -11.99 -14.96 -7.40
C TRP A 5 -11.34 -13.67 -7.86
N LYS A 6 -11.33 -12.68 -6.98
CA LYS A 6 -10.65 -11.42 -7.25
C LYS A 6 -9.16 -11.60 -6.99
N ARG A 7 -8.55 -12.40 -7.84
CA ARG A 7 -7.15 -12.82 -7.68
C ARG A 7 -6.18 -11.65 -7.80
N CYS A 8 -4.88 -11.97 -7.79
CA CYS A 8 -3.82 -10.96 -7.90
C CYS A 8 -3.98 -10.13 -9.16
N ALA A 9 -3.60 -8.87 -9.05
CA ALA A 9 -3.56 -7.98 -10.19
C ALA A 9 -2.12 -7.56 -10.46
N GLY A 10 -1.19 -8.25 -9.81
CA GLY A 10 0.20 -7.90 -9.93
C GLY A 10 0.97 -8.83 -10.84
N CYS A 11 0.57 -10.10 -10.89
CA CYS A 11 1.28 -11.06 -11.71
C CYS A 11 0.36 -11.73 -12.72
N GLY A 12 0.16 -13.04 -12.56
CA GLY A 12 -0.61 -13.80 -13.51
C GLY A 12 -2.05 -13.99 -13.09
N GLY A 13 -2.27 -14.50 -11.88
CA GLY A 13 -3.62 -14.76 -11.43
C GLY A 13 -3.70 -15.20 -9.99
N LYS A 14 -3.97 -16.49 -9.79
CA LYS A 14 -4.22 -17.04 -8.48
C LYS A 14 -3.10 -16.73 -7.50
N ILE A 15 -3.47 -16.37 -6.29
CA ILE A 15 -2.53 -16.04 -5.24
C ILE A 15 -2.19 -17.28 -4.43
N ALA A 16 -0.89 -17.51 -4.23
CA ALA A 16 -0.42 -18.72 -3.57
C ALA A 16 -0.47 -18.60 -2.05
N ASP A 17 -0.88 -17.44 -1.57
CA ASP A 17 -1.04 -17.22 -0.14
C ASP A 17 -2.35 -17.84 0.32
N ARG A 18 -2.44 -18.17 1.61
CA ARG A 18 -3.67 -18.68 2.17
C ARG A 18 -4.69 -17.55 2.21
N PHE A 19 -4.16 -16.36 2.40
CA PHE A 19 -4.94 -15.14 2.36
C PHE A 19 -4.39 -14.26 1.25
N LEU A 20 -4.56 -12.96 1.37
CA LEU A 20 -4.02 -12.07 0.36
C LEU A 20 -3.85 -10.65 0.88
N LEU A 21 -3.38 -9.77 0.00
CA LEU A 21 -3.35 -8.36 0.25
C LEU A 21 -4.46 -7.72 -0.56
N TYR A 22 -4.98 -6.59 -0.10
CA TYR A 22 -6.06 -5.93 -0.82
C TYR A 22 -5.60 -4.55 -1.27
N ALA A 23 -5.75 -4.27 -2.55
CA ALA A 23 -5.37 -2.96 -3.08
C ALA A 23 -6.20 -2.62 -4.32
N MET A 24 -6.77 -1.42 -4.34
CA MET A 24 -7.60 -0.95 -5.45
C MET A 24 -8.81 -1.86 -5.65
N ASP A 25 -9.37 -2.33 -4.53
CA ASP A 25 -10.55 -3.21 -4.53
C ASP A 25 -10.25 -4.57 -5.16
N SER A 26 -8.98 -4.81 -5.46
CA SER A 26 -8.54 -6.10 -5.96
C SER A 26 -7.61 -6.74 -4.94
N TYR A 27 -7.37 -8.04 -5.06
CA TYR A 27 -6.47 -8.70 -4.14
C TYR A 27 -5.13 -8.92 -4.81
N TRP A 28 -4.08 -8.90 -4.02
CA TRP A 28 -2.73 -8.89 -4.54
C TRP A 28 -1.82 -9.85 -3.77
N HIS A 29 -0.61 -9.97 -4.25
CA HIS A 29 0.46 -10.64 -3.53
C HIS A 29 1.15 -9.61 -2.64
N SER A 30 2.06 -10.07 -1.79
CA SER A 30 2.86 -9.16 -0.98
C SER A 30 3.94 -8.51 -1.84
N ARG A 31 4.61 -9.32 -2.65
CA ARG A 31 5.69 -8.84 -3.49
C ARG A 31 5.18 -8.24 -4.79
N CYS A 32 3.93 -8.52 -5.14
CA CYS A 32 3.34 -7.97 -6.35
C CYS A 32 2.89 -6.53 -6.11
N LEU A 33 2.71 -6.19 -4.84
CA LEU A 33 2.41 -4.81 -4.45
C LEU A 33 3.70 -4.05 -4.21
N LYS A 34 4.76 -4.50 -4.86
CA LYS A 34 6.06 -3.85 -4.77
C LYS A 34 6.01 -2.49 -5.45
N CYS A 35 7.03 -1.68 -5.18
CA CYS A 35 7.18 -0.41 -5.84
C CYS A 35 7.40 -0.63 -7.33
N SER A 36 6.77 0.19 -8.15
CA SER A 36 6.97 0.13 -9.58
C SER A 36 8.30 0.79 -9.94
N SER A 37 8.96 1.36 -8.92
CA SER A 37 10.23 2.02 -9.11
C SER A 37 11.35 1.28 -8.38
N CYS A 38 11.09 0.84 -7.15
CA CYS A 38 12.09 0.10 -6.38
C CYS A 38 12.04 -1.39 -6.72
N GLN A 39 10.85 -1.87 -7.06
CA GLN A 39 10.59 -3.29 -7.25
C GLN A 39 10.79 -4.04 -5.94
N ALA A 40 10.74 -3.29 -4.84
CA ALA A 40 10.89 -3.85 -3.52
C ALA A 40 9.54 -4.01 -2.87
N GLN A 41 9.41 -5.10 -2.16
CA GLN A 41 8.17 -5.47 -1.49
C GLN A 41 7.68 -4.35 -0.58
N LEU A 42 6.59 -3.71 -0.97
CA LEU A 42 6.05 -2.60 -0.19
C LEU A 42 5.31 -3.11 1.04
N GLY A 43 4.89 -4.37 1.00
CA GLY A 43 4.27 -4.98 2.16
C GLY A 43 5.27 -5.21 3.28
N ASP A 44 6.53 -5.38 2.91
CA ASP A 44 7.61 -5.63 3.85
C ASP A 44 7.77 -4.48 4.85
N ILE A 45 7.44 -3.28 4.41
CA ILE A 45 7.55 -2.09 5.26
C ILE A 45 6.38 -2.00 6.24
N GLY A 46 5.36 -2.82 6.01
CA GLY A 46 4.23 -2.91 6.94
C GLY A 46 3.35 -1.68 6.90
N THR A 47 3.57 -0.82 5.93
CA THR A 47 2.78 0.40 5.80
C THR A 47 2.09 0.44 4.45
N SER A 48 1.14 1.36 4.29
CA SER A 48 0.36 1.45 3.07
C SER A 48 1.14 2.15 1.95
N SER A 49 0.78 1.81 0.74
CA SER A 49 1.45 2.31 -0.44
C SER A 49 0.68 3.48 -1.04
N TYR A 50 1.19 4.04 -2.13
CA TYR A 50 0.51 5.11 -2.83
C TYR A 50 0.20 4.69 -4.25
N THR A 51 -0.94 5.13 -4.76
CA THR A 51 -1.40 4.73 -6.07
C THR A 51 -1.57 5.92 -7.00
N LYS A 52 -0.76 5.99 -8.03
CA LYS A 52 -0.89 7.03 -9.04
C LYS A 52 -0.29 6.57 -10.36
N SER A 53 -0.90 7.00 -11.46
CA SER A 53 -0.47 6.60 -12.81
C SER A 53 -0.68 5.10 -13.03
N GLY A 54 -1.53 4.50 -12.21
CA GLY A 54 -1.77 3.07 -12.31
C GLY A 54 -0.58 2.25 -11.83
N MET A 55 0.37 2.94 -11.20
CA MET A 55 1.57 2.29 -10.69
C MET A 55 1.58 2.33 -9.17
N ILE A 56 2.47 1.55 -8.59
CA ILE A 56 2.60 1.48 -7.14
C ILE A 56 3.82 2.24 -6.68
N LEU A 57 3.62 3.21 -5.81
CA LEU A 57 4.71 4.03 -5.33
C LEU A 57 4.98 3.78 -3.86
N CYS A 58 6.25 3.82 -3.48
CA CYS A 58 6.61 3.81 -2.08
C CYS A 58 6.46 5.23 -1.56
N ARG A 59 6.46 5.40 -0.24
CA ARG A 59 6.30 6.73 0.34
C ARG A 59 7.43 7.65 -0.13
N ASN A 60 8.64 7.11 -0.15
CA ASN A 60 9.81 7.84 -0.59
C ASN A 60 9.71 8.24 -2.07
N ASP A 61 9.34 7.28 -2.92
CA ASP A 61 9.31 7.54 -4.36
C ASP A 61 8.14 8.42 -4.74
N TYR A 62 7.04 8.27 -4.01
CA TYR A 62 5.86 9.09 -4.23
C TYR A 62 6.22 10.57 -4.05
N ILE A 63 7.09 10.84 -3.09
CA ILE A 63 7.54 12.19 -2.81
C ILE A 63 8.38 12.74 -3.96
N ARG A 64 9.23 11.91 -4.53
CA ARG A 64 10.05 12.32 -5.67
C ARG A 64 9.17 12.52 -6.91
N LEU A 65 8.09 11.76 -6.97
CA LEU A 65 7.23 11.76 -8.15
C LEU A 65 6.21 12.89 -8.10
N PHE A 66 5.37 12.90 -7.07
CA PHE A 66 4.28 13.86 -6.97
C PHE A 66 4.18 14.48 -5.59
N GLY A 67 4.43 13.68 -4.56
CA GLY A 67 4.25 14.11 -3.18
C GLY A 67 5.19 15.22 -2.75
N ASN A 68 4.75 16.46 -2.93
CA ASN A 68 5.51 17.62 -2.50
C ASN A 68 4.75 18.89 -2.83
N SER A 69 4.71 19.20 -4.12
CA SER A 69 3.99 20.36 -4.62
C SER A 69 3.64 20.12 -6.08
N GLY A 70 3.17 18.92 -6.38
CA GLY A 70 2.91 18.56 -7.77
C GLY A 70 1.43 18.32 -8.03
N ALA A 71 0.88 17.29 -7.41
CA ALA A 71 -0.51 16.91 -7.59
C ALA A 71 -0.80 16.59 -9.06
N GLY A 72 -2.05 16.77 -9.48
CA GLY A 72 -2.40 16.54 -10.87
C GLY A 72 -2.16 17.79 -11.69
N GLY A 73 -2.53 18.93 -11.14
CA GLY A 73 -2.29 20.19 -11.80
C GLY A 73 -1.93 21.27 -10.81
N SER A 74 -1.56 22.44 -11.31
CA SER A 74 -1.14 23.57 -10.48
C SER A 74 0.02 23.15 -9.56
N GLY A 75 -0.28 22.96 -8.29
CA GLY A 75 0.73 22.49 -7.35
C GLY A 75 0.12 21.81 -6.16
N GLY A 76 0.96 21.41 -5.22
CA GLY A 76 0.49 20.76 -4.01
C GLY A 76 0.36 21.75 -2.87
N HIS A 77 -0.64 21.55 -2.03
CA HIS A 77 -0.93 22.48 -0.95
C HIS A 77 -1.76 21.81 0.15
N MET A 78 -1.50 20.54 0.38
CA MET A 78 -2.26 19.78 1.37
C MET A 78 -1.60 19.87 2.74
N GLY A 79 -0.38 19.39 2.84
CA GLY A 79 0.34 19.41 4.08
C GLY A 79 1.64 18.65 3.98
N SER A 80 2.07 18.10 5.11
CA SER A 80 3.30 17.30 5.16
C SER A 80 4.49 18.06 4.59
N GLY A 81 4.56 19.35 4.88
CA GLY A 81 5.64 20.16 4.37
C GLY A 81 5.44 20.53 2.92
N GLY A 82 6.29 20.00 2.05
CA GLY A 82 6.19 20.28 0.63
C GLY A 82 6.85 21.60 0.26
N ASP A 83 6.17 22.70 0.56
CA ASP A 83 6.72 24.02 0.35
C ASP A 83 6.40 24.92 1.53
N VAL A 84 7.22 25.95 1.72
CA VAL A 84 7.04 26.89 2.81
C VAL A 84 5.77 27.69 2.63
N MET A 85 5.60 28.27 1.45
CA MET A 85 4.43 29.06 1.14
C MET A 85 3.68 28.47 -0.04
N VAL A 86 2.66 27.67 0.24
CA VAL A 86 1.87 27.07 -0.83
C VAL A 86 0.75 28.00 -1.29
N VAL A 87 1.08 29.28 -1.39
CA VAL A 87 0.12 30.28 -1.83
C VAL A 87 -0.17 30.12 -3.32
N GLY A 88 -1.32 30.61 -3.74
CA GLY A 88 -1.72 30.47 -5.14
C GLY A 88 -2.93 29.59 -5.29
N GLU A 89 -3.01 28.56 -4.47
CA GLU A 89 -4.16 27.65 -4.49
C GLU A 89 -4.73 27.49 -3.08
N PRO A 90 -5.71 28.33 -2.71
CA PRO A 90 -6.33 28.32 -1.39
C PRO A 90 -7.37 27.21 -1.24
N THR A 91 -7.62 26.49 -2.33
CA THR A 91 -8.59 25.42 -2.34
C THR A 91 -7.99 24.14 -1.76
N LEU A 92 -8.02 24.03 -0.44
CA LEU A 92 -7.45 22.86 0.24
C LEU A 92 -8.47 21.73 0.26
N MET A 93 -8.60 21.04 -0.87
CA MET A 93 -9.57 19.97 -1.00
C MET A 93 -8.86 18.62 -1.12
N GLY A 94 -7.64 18.56 -0.62
CA GLY A 94 -6.84 17.35 -0.73
C GLY A 94 -5.49 17.62 -1.32
N GLY A 95 -4.73 16.58 -1.60
CA GLY A 95 -3.41 16.75 -2.17
C GLY A 95 -2.69 15.43 -2.34
N GLU A 96 -1.38 15.51 -2.56
CA GLU A 96 -0.55 14.33 -2.71
C GLU A 96 0.18 14.04 -1.40
N PHE A 97 0.76 15.07 -0.83
CA PHE A 97 1.45 14.94 0.45
C PHE A 97 0.43 14.70 1.56
N GLY A 98 0.74 13.75 2.43
CA GLY A 98 -0.22 13.31 3.41
C GLY A 98 -1.12 12.24 2.83
N ASP A 99 -2.14 12.70 2.08
CA ASP A 99 -3.00 11.84 1.28
C ASP A 99 -3.84 10.88 2.15
N GLU A 100 -4.96 10.46 1.61
CA GLU A 100 -5.76 9.42 2.24
C GLU A 100 -5.48 8.09 1.56
N ASP A 101 -4.67 8.15 0.50
CA ASP A 101 -4.33 6.98 -0.30
C ASP A 101 -3.45 6.01 0.47
N GLU A 102 -2.84 6.49 1.56
CA GLU A 102 -2.03 5.65 2.42
C GLU A 102 -2.95 4.74 3.25
N ARG A 103 -3.51 3.75 2.58
CA ARG A 103 -4.43 2.80 3.16
C ARG A 103 -4.70 1.72 2.13
N LEU A 104 -3.71 1.50 1.29
CA LEU A 104 -3.85 0.62 0.14
C LEU A 104 -3.22 -0.75 0.39
N ILE A 105 -2.58 -0.92 1.54
CA ILE A 105 -2.00 -2.21 1.87
C ILE A 105 -2.77 -2.86 3.02
N THR A 106 -3.79 -3.61 2.65
CA THR A 106 -4.56 -4.38 3.60
C THR A 106 -4.04 -5.80 3.64
N ARG A 107 -3.32 -6.15 4.70
CA ARG A 107 -2.67 -7.45 4.76
C ARG A 107 -2.98 -8.17 6.07
N LEU A 108 -3.66 -9.30 5.95
CA LEU A 108 -3.87 -10.19 7.06
C LEU A 108 -3.92 -11.63 6.54
N GLU A 109 -3.70 -12.58 7.43
CA GLU A 109 -3.64 -13.99 7.04
C GLU A 109 -4.31 -14.84 8.09
N ASN A 110 -4.51 -16.12 7.78
CA ASN A 110 -5.22 -17.05 8.67
C ASN A 110 -4.66 -16.97 10.09
N THR A 111 -5.38 -16.28 10.97
CA THR A 111 -4.98 -16.08 12.37
C THR A 111 -3.59 -15.42 12.46
N GLN A 112 -3.24 -14.66 11.43
CA GLN A 112 -1.96 -13.98 11.38
C GLN A 112 -2.12 -12.58 10.81
N PHE A 113 -1.13 -11.74 11.03
CA PHE A 113 -1.13 -10.40 10.44
C PHE A 113 -0.35 -10.44 9.14
N ASP A 114 0.76 -11.17 9.15
CA ASP A 114 1.58 -11.38 7.97
C ASP A 114 2.20 -12.77 8.01
N ALA A 115 1.65 -13.68 7.21
CA ALA A 115 2.15 -15.04 7.18
C ALA A 115 3.33 -15.15 6.23
N ALA A 116 4.11 -16.22 6.37
CA ALA A 116 5.29 -16.42 5.53
C ALA A 116 4.97 -17.36 4.39
N ASN A 117 3.67 -17.51 4.10
CA ASN A 117 3.17 -18.38 3.04
C ASN A 117 3.43 -19.85 3.37
N GLY A 118 2.45 -20.50 3.95
CA GLY A 118 2.59 -21.89 4.32
C GLY A 118 1.45 -22.74 3.77
N ILE A 119 1.53 -23.04 2.48
CA ILE A 119 0.48 -23.80 1.82
C ILE A 119 0.48 -25.25 2.27
N ASP A 120 -0.61 -25.66 2.91
CA ASP A 120 -0.78 -27.04 3.33
C ASP A 120 -2.12 -27.56 2.83
N ASP A 121 -3.19 -27.20 3.54
CA ASP A 121 -4.54 -27.48 3.07
C ASP A 121 -4.97 -26.42 2.08
N GLU A 122 -4.65 -25.17 2.42
CA GLU A 122 -4.91 -24.05 1.54
C GLU A 122 -3.95 -22.91 1.88
ZN ZN B . 0.87 -11.74 -7.71
ZN ZN C . 10.11 3.06 -4.51
N GLY A 1 -17.56 -10.96 4.89
CA GLY A 1 -17.32 -10.65 3.46
C GLY A 1 -16.55 -11.75 2.77
N SER A 2 -15.52 -11.38 2.01
CA SER A 2 -14.65 -12.33 1.32
C SER A 2 -15.44 -13.30 0.44
N LEU A 3 -16.48 -12.80 -0.22
CA LEU A 3 -17.31 -13.63 -1.07
C LEU A 3 -16.64 -13.83 -2.43
N SER A 4 -15.90 -12.84 -2.88
CA SER A 4 -15.19 -12.91 -4.14
C SER A 4 -13.79 -13.47 -3.95
N TRP A 5 -13.35 -14.29 -4.90
CA TRP A 5 -12.04 -14.91 -4.80
C TRP A 5 -10.93 -13.91 -5.11
N LYS A 6 -11.13 -13.13 -6.17
CA LYS A 6 -10.15 -12.14 -6.63
C LYS A 6 -8.91 -12.83 -7.22
N ARG A 7 -8.09 -12.07 -7.92
CA ARG A 7 -6.88 -12.59 -8.51
C ARG A 7 -5.78 -11.55 -8.48
N CYS A 8 -4.54 -11.98 -8.72
CA CYS A 8 -3.39 -11.08 -8.65
C CYS A 8 -3.38 -10.09 -9.78
N ALA A 9 -2.96 -8.88 -9.46
CA ALA A 9 -2.73 -7.85 -10.47
C ALA A 9 -1.23 -7.64 -10.63
N GLY A 10 -0.45 -8.40 -9.85
CA GLY A 10 0.98 -8.31 -9.92
C GLY A 10 1.59 -9.30 -10.89
N CYS A 11 1.04 -10.51 -10.90
CA CYS A 11 1.48 -11.50 -11.87
C CYS A 11 0.29 -11.95 -12.73
N GLY A 12 -0.43 -12.95 -12.27
CA GLY A 12 -1.57 -13.44 -13.00
C GLY A 12 -1.99 -14.81 -12.54
N GLY A 13 -3.08 -14.89 -11.81
CA GLY A 13 -3.53 -16.14 -11.28
C GLY A 13 -4.42 -15.94 -10.08
N LYS A 14 -5.46 -16.74 -10.00
CA LYS A 14 -6.40 -16.67 -8.89
C LYS A 14 -5.68 -16.95 -7.58
N ILE A 15 -5.91 -16.10 -6.60
CA ILE A 15 -5.16 -16.18 -5.36
C ILE A 15 -5.89 -17.01 -4.31
N ALA A 16 -5.37 -18.21 -4.08
CA ALA A 16 -5.90 -19.09 -3.06
C ALA A 16 -4.92 -19.19 -1.90
N ASP A 17 -4.08 -18.16 -1.77
CA ASP A 17 -3.06 -18.11 -0.74
C ASP A 17 -3.67 -17.89 0.63
N ARG A 18 -3.13 -18.58 1.62
CA ARG A 18 -3.55 -18.38 3.00
C ARG A 18 -3.09 -17.01 3.47
N PHE A 19 -1.88 -16.67 3.09
CA PHE A 19 -1.28 -15.38 3.41
C PHE A 19 -1.10 -14.56 2.16
N LEU A 20 -1.92 -13.52 2.00
CA LEU A 20 -1.83 -12.67 0.82
C LEU A 20 -2.11 -11.20 1.15
N LEU A 21 -1.54 -10.33 0.34
CA LEU A 21 -1.74 -8.90 0.47
C LEU A 21 -2.52 -8.39 -0.74
N TYR A 22 -3.32 -7.36 -0.57
CA TYR A 22 -4.08 -6.85 -1.69
C TYR A 22 -4.38 -5.37 -1.54
N ALA A 23 -4.63 -4.73 -2.67
CA ALA A 23 -4.91 -3.30 -2.71
C ALA A 23 -5.73 -2.98 -3.94
N MET A 24 -6.39 -1.82 -3.92
CA MET A 24 -7.19 -1.35 -5.06
C MET A 24 -8.34 -2.31 -5.35
N ASP A 25 -8.81 -2.99 -4.31
CA ASP A 25 -9.92 -3.96 -4.43
C ASP A 25 -9.51 -5.22 -5.18
N SER A 26 -8.26 -5.27 -5.63
CA SER A 26 -7.73 -6.44 -6.30
C SER A 26 -6.71 -7.14 -5.41
N TYR A 27 -6.47 -8.41 -5.64
CA TYR A 27 -5.50 -9.14 -4.84
C TYR A 27 -4.13 -9.06 -5.47
N TRP A 28 -3.10 -9.25 -4.66
CA TRP A 28 -1.73 -9.19 -5.11
C TRP A 28 -0.91 -10.24 -4.38
N HIS A 29 0.33 -10.38 -4.78
CA HIS A 29 1.28 -11.09 -3.95
C HIS A 29 2.16 -10.06 -3.29
N SER A 30 2.80 -10.42 -2.18
CA SER A 30 3.58 -9.46 -1.41
C SER A 30 4.59 -8.70 -2.27
N ARG A 31 5.29 -9.42 -3.13
CA ARG A 31 6.27 -8.80 -4.01
C ARG A 31 5.68 -8.49 -5.38
N CYS A 32 4.43 -8.89 -5.60
CA CYS A 32 3.72 -8.58 -6.82
C CYS A 32 3.20 -7.15 -6.78
N LEU A 33 2.77 -6.74 -5.59
CA LEU A 33 2.32 -5.37 -5.38
C LEU A 33 3.52 -4.44 -5.50
N LYS A 34 4.40 -4.52 -4.50
CA LYS A 34 5.70 -3.83 -4.49
C LYS A 34 5.61 -2.35 -4.83
N CYS A 35 6.76 -1.71 -4.96
CA CYS A 35 6.83 -0.31 -5.37
C CYS A 35 7.12 -0.25 -6.86
N SER A 36 6.54 0.72 -7.55
CA SER A 36 6.80 0.90 -8.96
C SER A 36 8.17 1.51 -9.18
N SER A 37 8.82 1.90 -8.09
CA SER A 37 10.14 2.51 -8.16
C SER A 37 11.18 1.66 -7.43
N CYS A 38 10.83 1.16 -6.24
CA CYS A 38 11.73 0.30 -5.49
C CYS A 38 11.68 -1.12 -6.04
N GLN A 39 10.46 -1.62 -6.26
CA GLN A 39 10.23 -2.98 -6.73
C GLN A 39 10.65 -4.01 -5.68
N ALA A 40 10.78 -3.55 -4.43
CA ALA A 40 11.15 -4.42 -3.34
C ALA A 40 9.92 -4.83 -2.54
N GLN A 41 10.14 -5.16 -1.28
CA GLN A 41 9.04 -5.54 -0.40
C GLN A 41 8.37 -4.30 0.19
N LEU A 42 7.28 -3.88 -0.44
CA LEU A 42 6.56 -2.69 -0.03
C LEU A 42 6.01 -2.82 1.40
N GLY A 43 5.81 -4.05 1.83
CA GLY A 43 5.30 -4.29 3.16
C GLY A 43 6.40 -4.48 4.19
N ASP A 44 7.66 -4.33 3.77
CA ASP A 44 8.79 -4.51 4.67
C ASP A 44 9.31 -3.18 5.17
N ILE A 45 8.87 -2.12 4.53
CA ILE A 45 9.26 -0.77 4.92
C ILE A 45 8.11 -0.08 5.64
N GLY A 46 7.40 -0.87 6.43
CA GLY A 46 6.19 -0.39 7.05
C GLY A 46 4.98 -0.85 6.27
N THR A 47 3.95 -0.02 6.19
CA THR A 47 2.80 -0.34 5.37
C THR A 47 2.25 0.92 4.71
N SER A 48 2.55 1.08 3.43
CA SER A 48 2.08 2.22 2.66
C SER A 48 2.13 1.91 1.18
N SER A 49 1.12 2.36 0.45
CA SER A 49 1.05 2.15 -0.98
C SER A 49 0.33 3.32 -1.63
N TYR A 50 0.95 3.91 -2.63
CA TYR A 50 0.40 5.09 -3.27
C TYR A 50 -0.11 4.78 -4.66
N THR A 51 -1.42 4.69 -4.79
CA THR A 51 -2.04 4.46 -6.08
C THR A 51 -2.31 5.79 -6.77
N LYS A 52 -1.47 6.11 -7.74
CA LYS A 52 -1.60 7.33 -8.52
C LYS A 52 -0.93 7.13 -9.87
N SER A 53 -1.63 7.51 -10.93
CA SER A 53 -1.17 7.29 -12.30
C SER A 53 -1.17 5.79 -12.64
N GLY A 54 -1.98 5.04 -11.88
CA GLY A 54 -1.99 3.59 -12.05
C GLY A 54 -0.76 2.96 -11.43
N MET A 55 0.07 3.78 -10.80
CA MET A 55 1.29 3.31 -10.17
C MET A 55 1.05 3.03 -8.70
N ILE A 56 1.97 2.31 -8.10
CA ILE A 56 1.92 1.99 -6.68
C ILE A 56 3.32 2.16 -6.07
N LEU A 57 3.57 3.31 -5.46
CA LEU A 57 4.89 3.61 -4.93
C LEU A 57 4.86 3.64 -3.40
N CYS A 58 6.01 3.92 -2.82
CA CYS A 58 6.11 4.09 -1.38
C CYS A 58 5.82 5.55 -1.01
N ARG A 59 5.77 5.82 0.29
CA ARG A 59 5.50 7.18 0.76
C ARG A 59 6.61 8.13 0.32
N ASN A 60 7.84 7.63 0.35
CA ASN A 60 9.00 8.45 -0.02
C ASN A 60 9.07 8.66 -1.54
N ASP A 61 8.84 7.58 -2.29
CA ASP A 61 8.96 7.65 -3.74
C ASP A 61 7.82 8.47 -4.34
N TYR A 62 6.71 8.56 -3.62
CA TYR A 62 5.58 9.34 -4.07
C TYR A 62 5.99 10.80 -4.24
N ILE A 63 6.79 11.30 -3.30
CA ILE A 63 7.25 12.68 -3.33
C ILE A 63 8.20 12.89 -4.51
N ARG A 64 8.93 11.83 -4.85
CA ARG A 64 9.83 11.86 -5.99
C ARG A 64 9.05 11.85 -7.29
N LEU A 65 8.03 11.01 -7.33
CA LEU A 65 7.24 10.82 -8.55
C LEU A 65 6.29 11.98 -8.81
N PHE A 66 5.42 12.25 -7.86
CA PHE A 66 4.36 13.24 -8.07
C PHE A 66 4.47 14.42 -7.09
N GLY A 67 5.02 14.16 -5.91
CA GLY A 67 5.18 15.21 -4.93
C GLY A 67 4.00 15.31 -3.99
N ASN A 68 3.01 16.12 -4.37
CA ASN A 68 1.82 16.35 -3.55
C ASN A 68 0.74 17.01 -4.40
N SER A 69 -0.53 16.75 -4.08
CA SER A 69 -1.63 17.30 -4.86
C SER A 69 -2.14 18.60 -4.22
N GLY A 70 -1.26 19.30 -3.53
CA GLY A 70 -1.63 20.57 -2.93
C GLY A 70 -2.36 20.41 -1.61
N ALA A 71 -1.91 19.46 -0.81
CA ALA A 71 -2.53 19.21 0.49
C ALA A 71 -1.60 19.59 1.62
N GLY A 72 -2.12 19.60 2.83
CA GLY A 72 -1.32 19.96 3.99
C GLY A 72 -2.20 20.30 5.17
N GLY A 73 -1.84 21.35 5.89
CA GLY A 73 -2.69 21.84 6.96
C GLY A 73 -3.81 22.69 6.40
N SER A 74 -3.61 23.17 5.19
CA SER A 74 -4.60 23.97 4.48
C SER A 74 -5.82 23.12 4.14
N GLY A 75 -5.60 21.82 3.98
CA GLY A 75 -6.66 20.91 3.65
C GLY A 75 -6.16 19.71 2.87
N GLY A 76 -7.06 19.07 2.16
CA GLY A 76 -6.69 17.93 1.34
C GLY A 76 -7.03 18.13 -0.12
N HIS A 77 -6.87 17.08 -0.91
CA HIS A 77 -7.18 17.15 -2.34
C HIS A 77 -7.24 15.75 -2.93
N MET A 78 -8.19 14.96 -2.43
CA MET A 78 -8.35 13.56 -2.84
C MET A 78 -7.05 12.79 -2.60
N GLY A 79 -6.46 12.99 -1.43
CA GLY A 79 -5.21 12.34 -1.11
C GLY A 79 -4.89 12.45 0.36
N SER A 80 -5.90 12.24 1.19
CA SER A 80 -5.79 12.38 2.63
C SER A 80 -5.56 13.85 3.00
N GLY A 81 -5.50 14.13 4.30
CA GLY A 81 -5.39 15.49 4.75
C GLY A 81 -6.72 16.08 5.14
N GLY A 82 -7.73 15.86 4.30
CA GLY A 82 -9.06 16.33 4.61
C GLY A 82 -9.81 16.78 3.37
N ASP A 83 -10.63 15.88 2.83
CA ASP A 83 -11.46 16.20 1.68
C ASP A 83 -12.75 16.91 2.12
N VAL A 84 -12.59 17.89 2.99
CA VAL A 84 -13.74 18.60 3.54
C VAL A 84 -14.03 19.87 2.75
N MET A 85 -12.99 20.65 2.47
CA MET A 85 -13.15 21.88 1.71
C MET A 85 -13.23 21.61 0.22
N VAL A 86 -12.72 20.44 -0.18
CA VAL A 86 -12.80 20.03 -1.58
C VAL A 86 -14.24 19.66 -1.92
N VAL A 87 -14.54 19.57 -3.22
CA VAL A 87 -15.91 19.36 -3.71
C VAL A 87 -16.67 20.69 -3.68
N GLY A 88 -16.67 21.34 -2.52
CA GLY A 88 -17.22 22.67 -2.42
C GLY A 88 -16.27 23.69 -3.03
N GLU A 89 -15.02 23.64 -2.59
CA GLU A 89 -13.96 24.43 -3.18
C GLU A 89 -12.96 23.53 -3.88
N PRO A 90 -13.11 23.34 -5.20
CA PRO A 90 -12.28 22.41 -5.96
C PRO A 90 -10.83 22.87 -6.10
N THR A 91 -10.65 24.15 -6.40
CA THR A 91 -9.32 24.70 -6.61
C THR A 91 -8.66 25.08 -5.28
N LEU A 92 -7.82 24.19 -4.79
CA LEU A 92 -7.09 24.40 -3.54
C LEU A 92 -5.74 23.72 -3.62
N MET A 93 -4.68 24.42 -3.27
CA MET A 93 -3.34 23.88 -3.36
C MET A 93 -2.42 24.46 -2.29
N GLY A 94 -2.29 23.73 -1.19
CA GLY A 94 -1.39 24.15 -0.13
C GLY A 94 0.04 23.75 -0.41
N GLY A 95 0.36 22.49 -0.15
CA GLY A 95 1.69 21.99 -0.45
C GLY A 95 2.55 21.84 0.79
N GLU A 96 1.92 21.51 1.90
CA GLU A 96 2.63 21.29 3.15
C GLU A 96 2.81 19.80 3.42
N PHE A 97 2.92 19.03 2.34
CA PHE A 97 3.01 17.57 2.43
C PHE A 97 1.84 16.99 3.22
N GLY A 98 0.66 17.10 2.66
CA GLY A 98 -0.53 16.58 3.30
C GLY A 98 -1.07 15.36 2.57
N ASP A 99 -0.44 15.04 1.45
CA ASP A 99 -0.85 13.90 0.63
C ASP A 99 -0.44 12.59 1.26
N GLU A 100 -1.21 12.15 2.25
CA GLU A 100 -0.98 10.87 2.89
C GLU A 100 -1.85 9.81 2.21
N ASP A 101 -1.95 9.93 0.89
CA ASP A 101 -2.83 9.09 0.07
C ASP A 101 -2.31 7.67 -0.08
N GLU A 102 -1.92 7.08 1.03
CA GLU A 102 -1.52 5.69 1.03
C GLU A 102 -2.67 4.84 1.57
N ARG A 103 -2.42 4.13 2.67
CA ARG A 103 -3.44 3.31 3.33
C ARG A 103 -4.16 2.40 2.35
N LEU A 104 -3.42 1.85 1.39
CA LEU A 104 -4.01 1.01 0.38
C LEU A 104 -3.66 -0.46 0.63
N ILE A 105 -2.59 -0.70 1.38
CA ILE A 105 -2.19 -2.06 1.72
C ILE A 105 -3.26 -2.73 2.58
N THR A 106 -3.97 -3.66 1.99
CA THR A 106 -5.00 -4.40 2.67
C THR A 106 -4.56 -5.85 2.84
N ARG A 107 -4.57 -6.34 4.06
CA ARG A 107 -4.07 -7.67 4.33
C ARG A 107 -5.04 -8.44 5.20
N LEU A 108 -5.54 -9.55 4.67
CA LEU A 108 -6.43 -10.42 5.41
C LEU A 108 -6.13 -11.87 5.08
N GLU A 109 -5.43 -12.52 6.00
CA GLU A 109 -5.06 -13.91 5.80
C GLU A 109 -6.21 -14.83 6.17
N ASN A 110 -6.15 -16.07 5.73
CA ASN A 110 -7.14 -17.05 6.12
C ASN A 110 -6.90 -17.43 7.57
N THR A 111 -7.95 -17.32 8.38
CA THR A 111 -7.86 -17.54 9.82
C THR A 111 -7.13 -16.39 10.52
N GLN A 112 -7.08 -15.24 9.87
CA GLN A 112 -6.50 -14.03 10.47
C GLN A 112 -7.58 -13.26 11.22
N PHE A 113 -8.29 -13.96 12.09
CA PHE A 113 -9.33 -13.35 12.90
C PHE A 113 -8.75 -13.02 14.27
N ASP A 114 -8.42 -11.76 14.46
CA ASP A 114 -7.73 -11.28 15.67
C ASP A 114 -6.27 -11.69 15.64
N ALA A 115 -6.02 -12.99 15.69
CA ALA A 115 -4.68 -13.52 15.56
C ALA A 115 -4.27 -13.60 14.09
N ALA A 116 -3.07 -13.11 13.79
CA ALA A 116 -2.57 -13.12 12.43
C ALA A 116 -1.82 -14.40 12.13
N ASN A 117 -1.49 -14.62 10.85
CA ASN A 117 -0.78 -15.82 10.42
C ASN A 117 -1.60 -17.06 10.77
N GLY A 118 -2.78 -17.15 10.16
CA GLY A 118 -3.69 -18.23 10.46
C GLY A 118 -3.15 -19.60 10.11
N ILE A 119 -3.17 -20.50 11.08
CA ILE A 119 -2.67 -21.86 10.91
C ILE A 119 -1.20 -21.85 10.48
N ASP A 120 -0.33 -21.49 11.42
CA ASP A 120 1.10 -21.44 11.17
C ASP A 120 1.66 -22.86 11.03
N ASP A 121 2.12 -23.19 9.84
CA ASP A 121 2.61 -24.53 9.55
C ASP A 121 4.06 -24.52 9.09
N GLU A 122 4.90 -25.27 9.79
CA GLU A 122 6.31 -25.39 9.43
C GLU A 122 6.91 -26.59 10.15
ZN ZN B . 1.11 -12.34 -8.00
ZN ZN C . 9.63 3.04 -3.44
N GLY A 1 -16.33 -20.53 6.11
CA GLY A 1 -14.98 -21.06 5.81
C GLY A 1 -14.19 -20.08 4.97
N SER A 2 -12.87 -20.26 4.92
CA SER A 2 -12.00 -19.39 4.13
C SER A 2 -12.16 -19.70 2.63
N LEU A 3 -13.23 -19.15 2.06
CA LEU A 3 -13.54 -19.40 0.65
C LEU A 3 -12.90 -18.35 -0.24
N SER A 4 -12.08 -17.50 0.37
CA SER A 4 -11.37 -16.47 -0.35
C SER A 4 -10.31 -17.06 -1.26
N TRP A 5 -10.66 -17.28 -2.51
CA TRP A 5 -9.71 -17.83 -3.47
C TRP A 5 -8.80 -16.71 -3.97
N LYS A 6 -9.41 -15.55 -4.22
CA LYS A 6 -8.75 -14.29 -4.63
C LYS A 6 -7.77 -14.44 -5.80
N ARG A 7 -7.79 -13.46 -6.68
CA ARG A 7 -6.90 -13.46 -7.84
C ARG A 7 -5.98 -12.24 -7.82
N CYS A 8 -4.73 -12.46 -8.17
CA CYS A 8 -3.71 -11.43 -8.09
C CYS A 8 -3.68 -10.56 -9.34
N ALA A 9 -3.57 -9.26 -9.11
CA ALA A 9 -3.42 -8.29 -10.17
C ALA A 9 -1.98 -7.83 -10.26
N GLY A 10 -1.13 -8.43 -9.42
CA GLY A 10 0.27 -8.08 -9.41
C GLY A 10 1.05 -8.82 -10.48
N CYS A 11 0.83 -10.13 -10.56
CA CYS A 11 1.44 -10.92 -11.61
C CYS A 11 0.42 -11.24 -12.69
N GLY A 12 -0.31 -12.32 -12.49
CA GLY A 12 -1.35 -12.68 -13.43
C GLY A 12 -1.89 -14.08 -13.20
N GLY A 13 -2.39 -14.35 -12.01
CA GLY A 13 -2.98 -15.62 -11.73
C GLY A 13 -3.85 -15.57 -10.49
N LYS A 14 -3.93 -16.67 -9.81
CA LYS A 14 -4.69 -16.78 -8.58
C LYS A 14 -3.75 -16.73 -7.39
N ILE A 15 -4.28 -16.33 -6.24
CA ILE A 15 -3.50 -16.31 -5.02
C ILE A 15 -3.81 -17.52 -4.17
N ALA A 16 -3.01 -18.57 -4.34
CA ALA A 16 -3.16 -19.79 -3.54
C ALA A 16 -2.26 -19.72 -2.31
N ASP A 17 -1.99 -18.50 -1.88
CA ASP A 17 -1.11 -18.27 -0.75
C ASP A 17 -1.90 -18.15 0.55
N ARG A 18 -1.24 -18.47 1.65
CA ARG A 18 -1.84 -18.34 2.97
C ARG A 18 -1.85 -16.88 3.39
N PHE A 19 -0.94 -16.13 2.78
CA PHE A 19 -0.79 -14.71 3.07
C PHE A 19 -0.87 -13.91 1.78
N LEU A 20 -1.73 -12.91 1.74
CA LEU A 20 -1.93 -12.10 0.54
C LEU A 20 -2.35 -10.67 0.90
N LEU A 21 -2.49 -9.83 -0.11
CA LEU A 21 -2.85 -8.45 0.09
C LEU A 21 -4.03 -8.06 -0.80
N TYR A 22 -4.81 -7.10 -0.34
CA TYR A 22 -5.90 -6.55 -1.13
C TYR A 22 -5.70 -5.04 -1.25
N ALA A 23 -5.75 -4.53 -2.47
CA ALA A 23 -5.52 -3.10 -2.69
C ALA A 23 -6.24 -2.61 -3.95
N MET A 24 -7.01 -1.53 -3.78
CA MET A 24 -7.71 -0.88 -4.89
C MET A 24 -8.72 -1.80 -5.56
N ASP A 25 -9.48 -2.52 -4.74
CA ASP A 25 -10.49 -3.48 -5.22
C ASP A 25 -9.84 -4.59 -6.04
N SER A 26 -8.54 -4.78 -5.84
CA SER A 26 -7.82 -5.84 -6.50
C SER A 26 -7.00 -6.60 -5.47
N TYR A 27 -6.68 -7.85 -5.77
CA TYR A 27 -5.92 -8.65 -4.84
C TYR A 27 -4.52 -8.88 -5.38
N TRP A 28 -3.58 -9.10 -4.48
CA TRP A 28 -2.17 -9.18 -4.84
C TRP A 28 -1.48 -10.28 -4.04
N HIS A 29 -0.30 -10.66 -4.50
CA HIS A 29 0.56 -11.54 -3.72
C HIS A 29 1.35 -10.71 -2.72
N SER A 30 1.98 -11.37 -1.76
CA SER A 30 2.83 -10.70 -0.80
C SER A 30 3.99 -10.02 -1.52
N ARG A 31 4.57 -10.72 -2.49
CA ARG A 31 5.69 -10.20 -3.25
C ARG A 31 5.21 -9.35 -4.43
N CYS A 32 3.97 -9.52 -4.84
CA CYS A 32 3.45 -8.78 -5.98
C CYS A 32 3.05 -7.36 -5.58
N LEU A 33 2.80 -7.14 -4.29
CA LEU A 33 2.57 -5.79 -3.80
C LEU A 33 3.89 -5.08 -3.56
N LYS A 34 4.46 -4.57 -4.64
CA LYS A 34 5.76 -3.94 -4.59
C LYS A 34 5.74 -2.66 -5.42
N CYS A 35 6.76 -1.84 -5.23
CA CYS A 35 6.87 -0.60 -5.96
C CYS A 35 6.99 -0.87 -7.46
N SER A 36 6.44 0.03 -8.25
CA SER A 36 6.53 -0.07 -9.70
C SER A 36 7.94 0.25 -10.19
N SER A 37 8.71 0.95 -9.37
CA SER A 37 10.06 1.33 -9.75
C SER A 37 11.12 0.54 -8.98
N CYS A 38 10.95 0.41 -7.67
CA CYS A 38 11.96 -0.24 -6.85
C CYS A 38 11.77 -1.76 -6.80
N GLN A 39 10.53 -2.20 -6.93
CA GLN A 39 10.16 -3.59 -6.68
C GLN A 39 10.35 -3.87 -5.19
N ALA A 40 10.27 -2.81 -4.39
CA ALA A 40 10.41 -2.90 -2.96
C ALA A 40 9.07 -3.24 -2.34
N GLN A 41 9.12 -4.20 -1.46
CA GLN A 41 7.91 -4.74 -0.84
C GLN A 41 7.24 -3.68 0.01
N LEU A 42 6.14 -3.15 -0.50
CA LEU A 42 5.41 -2.08 0.18
C LEU A 42 4.78 -2.58 1.48
N GLY A 43 4.57 -3.89 1.55
CA GLY A 43 4.04 -4.48 2.76
C GLY A 43 5.13 -4.94 3.71
N ASP A 44 6.36 -4.60 3.39
CA ASP A 44 7.50 -4.98 4.22
C ASP A 44 8.15 -3.75 4.84
N ILE A 45 8.11 -2.63 4.11
CA ILE A 45 8.61 -1.36 4.63
C ILE A 45 7.54 -0.67 5.49
N GLY A 46 7.03 -1.42 6.46
CA GLY A 46 5.93 -0.93 7.25
C GLY A 46 4.60 -1.29 6.61
N THR A 47 3.73 -0.32 6.49
CA THR A 47 2.48 -0.51 5.78
C THR A 47 2.11 0.76 5.02
N SER A 48 2.35 0.75 3.72
CA SER A 48 1.99 1.88 2.86
C SER A 48 1.94 1.45 1.40
N SER A 49 1.22 2.22 0.60
CA SER A 49 1.14 2.01 -0.83
C SER A 49 0.52 3.26 -1.45
N TYR A 50 1.05 3.70 -2.57
CA TYR A 50 0.61 4.96 -3.15
C TYR A 50 -0.01 4.77 -4.53
N THR A 51 -1.28 5.11 -4.63
CA THR A 51 -1.99 4.99 -5.89
C THR A 51 -2.02 6.33 -6.64
N LYS A 52 -1.17 6.45 -7.65
CA LYS A 52 -1.17 7.64 -8.50
C LYS A 52 -0.56 7.33 -9.85
N SER A 53 -1.13 7.93 -10.89
CA SER A 53 -0.66 7.75 -12.26
C SER A 53 -0.84 6.30 -12.72
N GLY A 54 -1.79 5.60 -12.12
CA GLY A 54 -2.03 4.20 -12.44
C GLY A 54 -0.90 3.32 -11.94
N MET A 55 -0.05 3.89 -11.09
CA MET A 55 1.12 3.20 -10.58
C MET A 55 0.99 2.98 -9.08
N ILE A 56 1.93 2.22 -8.54
CA ILE A 56 2.00 1.99 -7.11
C ILE A 56 3.39 2.35 -6.60
N LEU A 57 3.55 3.59 -6.16
CA LEU A 57 4.85 4.06 -5.72
C LEU A 57 5.09 3.72 -4.26
N CYS A 58 6.36 3.76 -3.86
CA CYS A 58 6.72 3.59 -2.48
C CYS A 58 6.52 4.90 -1.72
N ARG A 59 6.91 4.91 -0.46
CA ARG A 59 6.87 6.14 0.33
C ARG A 59 8.13 6.96 0.09
N ASN A 60 8.97 6.48 -0.82
CA ASN A 60 10.18 7.19 -1.20
C ASN A 60 10.01 7.84 -2.55
N ASP A 61 9.53 7.05 -3.51
CA ASP A 61 9.36 7.52 -4.88
C ASP A 61 8.23 8.53 -4.98
N TYR A 62 7.13 8.23 -4.31
CA TYR A 62 5.94 9.08 -4.39
C TYR A 62 6.25 10.52 -4.06
N ILE A 63 6.99 10.73 -2.99
CA ILE A 63 7.30 12.08 -2.51
C ILE A 63 8.31 12.78 -3.43
N ARG A 64 9.06 11.98 -4.18
CA ARG A 64 10.00 12.53 -5.15
C ARG A 64 9.29 12.80 -6.47
N LEU A 65 8.21 12.07 -6.70
CA LEU A 65 7.41 12.22 -7.91
C LEU A 65 6.46 13.40 -7.79
N PHE A 66 5.56 13.34 -6.83
CA PHE A 66 4.58 14.42 -6.66
C PHE A 66 4.61 14.95 -5.24
N GLY A 67 4.65 14.04 -4.27
CA GLY A 67 4.74 14.40 -2.86
C GLY A 67 3.70 15.43 -2.44
N ASN A 68 4.00 16.11 -1.33
CA ASN A 68 3.17 17.19 -0.79
C ASN A 68 3.74 17.65 0.53
N SER A 69 3.83 16.74 1.49
CA SER A 69 4.38 17.04 2.81
C SER A 69 4.64 15.73 3.57
N GLY A 70 5.03 15.83 4.83
CA GLY A 70 5.28 14.66 5.63
C GLY A 70 4.90 14.85 7.08
N ALA A 71 5.09 13.82 7.89
CA ALA A 71 4.76 13.90 9.31
C ALA A 71 5.97 13.58 10.18
N GLY A 72 7.10 13.27 9.53
CA GLY A 72 8.30 12.93 10.26
C GLY A 72 9.53 12.92 9.38
N GLY A 73 9.50 12.10 8.33
CA GLY A 73 10.64 12.00 7.44
C GLY A 73 11.71 11.10 8.02
N SER A 74 12.75 11.70 8.59
CA SER A 74 13.84 10.95 9.17
C SER A 74 13.93 11.17 10.68
N GLY A 75 12.94 11.84 11.24
CA GLY A 75 12.94 12.09 12.67
C GLY A 75 11.66 12.72 13.18
N GLY A 76 11.70 13.22 14.40
CA GLY A 76 10.53 13.81 15.01
C GLY A 76 9.63 12.77 15.64
N HIS A 77 8.37 12.76 15.23
CA HIS A 77 7.42 11.77 15.71
C HIS A 77 7.02 10.84 14.58
N MET A 78 7.36 9.56 14.74
CA MET A 78 7.07 8.53 13.74
C MET A 78 7.73 8.88 12.40
N GLY A 79 9.00 9.25 12.46
CA GLY A 79 9.73 9.55 11.24
C GLY A 79 10.05 8.29 10.47
N SER A 80 9.20 7.96 9.53
CA SER A 80 9.36 6.73 8.77
C SER A 80 9.88 7.01 7.36
N GLY A 81 9.31 8.01 6.70
CA GLY A 81 9.68 8.30 5.32
C GLY A 81 9.34 7.14 4.41
N GLY A 82 10.33 6.65 3.69
CA GLY A 82 10.17 5.43 2.93
C GLY A 82 10.64 4.24 3.74
N ASP A 83 10.30 4.24 5.02
CA ASP A 83 10.79 3.28 6.00
C ASP A 83 12.30 3.21 5.99
N VAL A 84 12.93 4.35 6.21
CA VAL A 84 14.39 4.43 6.24
C VAL A 84 14.87 4.40 7.68
N MET A 85 14.20 5.16 8.53
CA MET A 85 14.47 5.13 9.95
C MET A 85 13.68 4.01 10.61
N VAL A 86 12.83 3.35 9.80
CA VAL A 86 12.00 2.23 10.23
C VAL A 86 10.87 2.69 11.14
N VAL A 87 9.64 2.51 10.68
CA VAL A 87 8.47 2.94 11.43
C VAL A 87 8.32 2.19 12.76
N GLY A 88 8.33 2.94 13.85
CA GLY A 88 8.22 2.35 15.16
C GLY A 88 6.79 1.94 15.48
N GLU A 89 6.41 0.76 15.02
CA GLU A 89 5.07 0.24 15.24
C GLU A 89 5.11 -1.27 15.41
N PRO A 90 4.44 -1.80 16.44
CA PRO A 90 4.45 -3.23 16.77
C PRO A 90 3.93 -4.11 15.63
N THR A 91 3.10 -3.54 14.77
CA THR A 91 2.55 -4.25 13.63
C THR A 91 3.02 -3.61 12.34
N LEU A 92 3.92 -2.64 12.49
CA LEU A 92 4.44 -1.85 11.36
C LEU A 92 3.30 -1.16 10.63
N MET A 93 2.22 -0.89 11.34
CA MET A 93 1.06 -0.24 10.74
C MET A 93 1.12 1.27 10.94
N GLY A 94 2.13 1.87 10.32
CA GLY A 94 2.28 3.31 10.40
C GLY A 94 2.30 3.93 9.03
N GLY A 95 1.80 5.15 8.93
CA GLY A 95 1.75 5.83 7.65
C GLY A 95 2.04 7.30 7.79
N GLU A 96 3.28 7.63 8.10
CA GLU A 96 3.68 9.01 8.25
C GLU A 96 3.78 9.67 6.89
N PHE A 97 2.95 10.67 6.66
CA PHE A 97 2.89 11.32 5.35
C PHE A 97 2.11 12.64 5.44
N GLY A 98 2.11 13.37 4.34
CA GLY A 98 1.32 14.58 4.25
C GLY A 98 0.72 14.72 2.86
N ASP A 99 0.87 13.66 2.08
CA ASP A 99 0.43 13.67 0.68
C ASP A 99 -1.04 13.31 0.56
N GLU A 100 -1.38 12.54 -0.46
CA GLU A 100 -2.78 12.30 -0.80
C GLU A 100 -3.30 10.94 -0.34
N ASP A 101 -2.61 9.86 -0.69
CA ASP A 101 -3.21 8.53 -0.57
C ASP A 101 -2.20 7.43 -0.24
N GLU A 102 -1.95 7.21 1.03
CA GLU A 102 -1.16 6.05 1.45
C GLU A 102 -2.07 4.94 1.99
N ARG A 103 -1.48 4.01 2.74
CA ARG A 103 -2.20 2.95 3.42
C ARG A 103 -3.23 2.26 2.52
N LEU A 104 -2.82 1.91 1.31
CA LEU A 104 -3.67 1.15 0.40
C LEU A 104 -3.56 -0.34 0.73
N ILE A 105 -2.72 -0.63 1.73
CA ILE A 105 -2.48 -2.00 2.17
C ILE A 105 -3.65 -2.54 2.99
N THR A 106 -4.50 -3.30 2.33
CA THR A 106 -5.55 -4.03 3.01
C THR A 106 -5.15 -5.49 3.09
N ARG A 107 -5.08 -6.02 4.28
CA ARG A 107 -4.57 -7.37 4.45
C ARG A 107 -5.43 -8.18 5.41
N LEU A 108 -5.64 -9.43 5.05
CA LEU A 108 -6.39 -10.36 5.88
C LEU A 108 -5.79 -11.74 5.75
N GLU A 109 -5.06 -12.15 6.76
CA GLU A 109 -4.37 -13.43 6.73
C GLU A 109 -5.36 -14.57 6.91
N ASN A 110 -5.00 -15.74 6.40
CA ASN A 110 -5.90 -16.89 6.43
C ASN A 110 -6.18 -17.34 7.86
N THR A 111 -5.13 -17.45 8.66
CA THR A 111 -5.24 -18.02 9.98
C THR A 111 -4.73 -17.08 11.07
N GLN A 112 -5.26 -15.86 11.11
CA GLN A 112 -4.87 -14.90 12.15
C GLN A 112 -5.59 -15.22 13.45
N PHE A 113 -6.90 -15.02 13.47
CA PHE A 113 -7.72 -15.39 14.63
C PHE A 113 -8.10 -16.85 14.53
N ASP A 114 -7.09 -17.70 14.42
CA ASP A 114 -7.31 -19.12 14.19
C ASP A 114 -6.30 -19.94 14.97
N ALA A 115 -6.17 -21.21 14.62
CA ALA A 115 -5.27 -22.13 15.31
C ALA A 115 -3.81 -21.67 15.24
N ALA A 116 -3.50 -20.80 14.29
CA ALA A 116 -2.15 -20.29 14.12
C ALA A 116 -1.85 -19.15 15.09
N ASN A 117 -2.88 -18.69 15.80
CA ASN A 117 -2.74 -17.62 16.78
C ASN A 117 -4.04 -17.44 17.56
N GLY A 118 -4.45 -18.48 18.27
CA GLY A 118 -5.71 -18.44 18.98
C GLY A 118 -6.48 -19.74 18.86
N ILE A 119 -7.73 -19.65 18.41
CA ILE A 119 -8.58 -20.83 18.29
C ILE A 119 -9.16 -20.94 16.88
N ASP A 120 -9.31 -22.18 16.41
CA ASP A 120 -9.96 -22.44 15.13
C ASP A 120 -11.47 -22.40 15.32
N ASP A 121 -12.15 -21.66 14.44
CA ASP A 121 -13.58 -21.41 14.57
C ASP A 121 -13.87 -20.66 15.88
N GLU A 122 -14.50 -21.34 16.82
CA GLU A 122 -14.73 -20.79 18.16
C GLU A 122 -14.79 -21.92 19.16
ZN ZN B . 0.89 -12.26 -7.91
ZN ZN C . 9.94 2.95 -5.23
N GLY A 1 -20.81 -17.60 -8.83
CA GLY A 1 -19.88 -16.88 -7.92
C GLY A 1 -20.36 -15.48 -7.61
N SER A 2 -19.80 -14.87 -6.57
CA SER A 2 -20.18 -13.54 -6.17
C SER A 2 -18.97 -12.62 -6.10
N LEU A 3 -17.93 -12.99 -6.87
CA LEU A 3 -16.69 -12.23 -6.93
C LEU A 3 -16.00 -12.18 -5.58
N SER A 4 -16.18 -13.23 -4.79
CA SER A 4 -15.58 -13.33 -3.47
C SER A 4 -14.22 -14.02 -3.54
N TRP A 5 -13.82 -14.37 -4.76
CA TRP A 5 -12.55 -15.05 -4.97
C TRP A 5 -11.39 -14.05 -4.94
N LYS A 6 -10.17 -14.56 -4.82
CA LYS A 6 -9.01 -13.71 -4.77
C LYS A 6 -8.14 -13.92 -6.01
N ARG A 7 -7.89 -12.84 -6.73
CA ARG A 7 -7.03 -12.90 -7.90
C ARG A 7 -5.95 -11.84 -7.81
N CYS A 8 -4.74 -12.22 -8.17
CA CYS A 8 -3.58 -11.34 -8.08
C CYS A 8 -3.45 -10.48 -9.32
N ALA A 9 -2.87 -9.32 -9.13
CA ALA A 9 -2.54 -8.42 -10.22
C ALA A 9 -1.03 -8.27 -10.31
N GLY A 10 -0.33 -8.98 -9.42
CA GLY A 10 1.12 -8.91 -9.38
C GLY A 10 1.76 -9.99 -10.23
N CYS A 11 1.34 -11.24 -10.03
CA CYS A 11 1.82 -12.32 -10.87
C CYS A 11 0.81 -12.63 -11.97
N GLY A 12 -0.44 -12.27 -11.70
CA GLY A 12 -1.48 -12.37 -12.71
C GLY A 12 -2.35 -13.60 -12.55
N GLY A 13 -2.15 -14.36 -11.48
CA GLY A 13 -2.92 -15.56 -11.30
C GLY A 13 -3.95 -15.42 -10.20
N LYS A 14 -4.25 -16.54 -9.60
CA LYS A 14 -5.22 -16.63 -8.52
C LYS A 14 -4.52 -16.73 -7.17
N ILE A 15 -5.07 -16.08 -6.16
CA ILE A 15 -4.53 -16.15 -4.82
C ILE A 15 -5.32 -17.11 -3.95
N ALA A 16 -4.85 -18.34 -3.87
CA ALA A 16 -5.44 -19.32 -2.96
C ALA A 16 -4.53 -19.52 -1.77
N ASP A 17 -3.49 -18.70 -1.71
CA ASP A 17 -2.52 -18.73 -0.63
C ASP A 17 -3.06 -18.00 0.58
N ARG A 18 -2.62 -18.43 1.76
CA ARG A 18 -3.06 -17.84 3.02
C ARG A 18 -2.56 -16.40 3.18
N PHE A 19 -1.45 -16.12 2.52
CA PHE A 19 -0.80 -14.83 2.64
C PHE A 19 -1.03 -14.01 1.38
N LEU A 20 -1.79 -12.94 1.51
CA LEU A 20 -2.13 -12.11 0.36
C LEU A 20 -2.23 -10.64 0.75
N LEU A 21 -2.32 -9.78 -0.24
CA LEU A 21 -2.49 -8.36 -0.03
C LEU A 21 -3.63 -7.83 -0.89
N TYR A 22 -4.27 -6.77 -0.44
CA TYR A 22 -5.27 -6.09 -1.22
C TYR A 22 -4.88 -4.63 -1.37
N ALA A 23 -4.65 -4.19 -2.59
CA ALA A 23 -4.19 -2.83 -2.84
C ALA A 23 -4.69 -2.30 -4.18
N MET A 24 -4.93 -0.99 -4.22
CA MET A 24 -5.35 -0.30 -5.45
C MET A 24 -6.59 -0.93 -6.07
N ASP A 25 -7.53 -1.35 -5.23
CA ASP A 25 -8.79 -1.94 -5.69
C ASP A 25 -8.55 -3.25 -6.41
N SER A 26 -7.50 -3.95 -6.00
CA SER A 26 -7.16 -5.24 -6.56
C SER A 26 -6.49 -6.09 -5.50
N TYR A 27 -6.32 -7.37 -5.78
CA TYR A 27 -5.66 -8.26 -4.85
C TYR A 27 -4.31 -8.68 -5.42
N TRP A 28 -3.37 -8.94 -4.51
CA TRP A 28 -1.98 -9.19 -4.85
C TRP A 28 -1.39 -10.23 -3.91
N HIS A 29 -0.14 -10.58 -4.14
CA HIS A 29 0.62 -11.35 -3.17
C HIS A 29 1.53 -10.40 -2.40
N SER A 30 2.20 -10.92 -1.37
CA SER A 30 3.08 -10.11 -0.55
C SER A 30 4.20 -9.48 -1.38
N ARG A 31 4.83 -10.28 -2.21
CA ARG A 31 5.93 -9.80 -3.04
C ARG A 31 5.45 -9.37 -4.42
N CYS A 32 4.19 -9.68 -4.73
CA CYS A 32 3.60 -9.26 -5.99
C CYS A 32 3.21 -7.79 -5.92
N LEU A 33 2.82 -7.35 -4.73
CA LEU A 33 2.53 -5.95 -4.49
C LEU A 33 3.83 -5.19 -4.27
N LYS A 34 4.55 -4.98 -5.36
CA LYS A 34 5.82 -4.27 -5.31
C LYS A 34 5.68 -2.92 -6.00
N CYS A 35 6.60 -2.04 -5.70
CA CYS A 35 6.61 -0.70 -6.25
C CYS A 35 6.80 -0.70 -7.77
N SER A 36 6.49 0.43 -8.38
CA SER A 36 6.72 0.60 -9.80
C SER A 36 8.09 1.21 -10.07
N SER A 37 8.71 1.76 -9.02
CA SER A 37 10.02 2.35 -9.16
C SER A 37 11.09 1.50 -8.48
N CYS A 38 11.10 1.49 -7.15
CA CYS A 38 12.15 0.81 -6.41
C CYS A 38 11.89 -0.70 -6.32
N GLN A 39 10.63 -1.09 -6.49
CA GLN A 39 10.20 -2.49 -6.40
C GLN A 39 10.37 -3.04 -4.99
N ALA A 40 10.49 -2.16 -4.01
CA ALA A 40 10.60 -2.58 -2.63
C ALA A 40 9.28 -3.16 -2.17
N GLN A 41 9.36 -4.37 -1.67
CA GLN A 41 8.20 -5.14 -1.23
C GLN A 41 7.35 -4.32 -0.27
N LEU A 42 6.24 -3.80 -0.77
CA LEU A 42 5.37 -2.94 0.01
C LEU A 42 4.66 -3.72 1.12
N GLY A 43 4.59 -5.03 0.94
CA GLY A 43 4.01 -5.87 1.97
C GLY A 43 4.95 -6.07 3.13
N ASP A 44 6.25 -6.11 2.84
CA ASP A 44 7.26 -6.34 3.85
C ASP A 44 7.52 -5.09 4.68
N ILE A 45 7.26 -3.92 4.12
CA ILE A 45 7.49 -2.66 4.83
C ILE A 45 6.35 -2.38 5.81
N GLY A 46 5.23 -3.05 5.61
CA GLY A 46 4.09 -2.92 6.52
C GLY A 46 3.55 -1.50 6.55
N THR A 47 3.37 -0.92 5.38
CA THR A 47 2.85 0.42 5.27
C THR A 47 1.89 0.53 4.09
N SER A 48 1.34 1.71 3.88
CA SER A 48 0.36 1.92 2.83
C SER A 48 1.03 2.45 1.55
N SER A 49 0.31 2.33 0.44
CA SER A 49 0.77 2.87 -0.82
C SER A 49 -0.11 4.05 -1.21
N TYR A 50 0.11 4.59 -2.40
CA TYR A 50 -0.70 5.70 -2.89
C TYR A 50 -1.27 5.38 -4.27
N THR A 51 -2.38 6.02 -4.63
CA THR A 51 -3.00 5.81 -5.94
C THR A 51 -2.84 7.04 -6.83
N LYS A 52 -2.03 6.90 -7.87
CA LYS A 52 -1.88 7.94 -8.88
C LYS A 52 -1.38 7.33 -10.17
N SER A 53 -2.01 7.72 -11.29
CA SER A 53 -1.62 7.24 -12.62
C SER A 53 -1.75 5.73 -12.75
N GLY A 54 -2.39 5.08 -11.77
CA GLY A 54 -2.45 3.63 -11.73
C GLY A 54 -1.08 3.03 -11.46
N MET A 55 -0.13 3.90 -11.12
CA MET A 55 1.25 3.51 -10.90
C MET A 55 1.54 3.40 -9.41
N ILE A 56 1.54 2.17 -8.92
CA ILE A 56 1.75 1.92 -7.49
C ILE A 56 3.14 2.37 -7.05
N LEU A 57 3.17 3.28 -6.09
CA LEU A 57 4.43 3.78 -5.55
C LEU A 57 4.44 3.61 -4.03
N CYS A 58 5.64 3.58 -3.47
CA CYS A 58 5.78 3.53 -2.02
C CYS A 58 5.58 4.93 -1.44
N ARG A 59 5.54 5.03 -0.12
CA ARG A 59 5.43 6.32 0.53
C ARG A 59 6.71 7.13 0.35
N ASN A 60 7.78 6.45 -0.06
CA ASN A 60 9.06 7.10 -0.29
C ASN A 60 9.18 7.58 -1.73
N ASP A 61 8.88 6.68 -2.67
CA ASP A 61 8.98 7.00 -4.09
C ASP A 61 7.91 8.00 -4.50
N TYR A 62 6.82 8.02 -3.76
CA TYR A 62 5.77 8.99 -3.98
C TYR A 62 6.34 10.40 -3.82
N ILE A 63 7.20 10.58 -2.83
CA ILE A 63 7.82 11.88 -2.58
C ILE A 63 8.87 12.18 -3.65
N ARG A 64 9.41 11.13 -4.25
CA ARG A 64 10.41 11.29 -5.31
C ARG A 64 9.75 11.80 -6.59
N LEU A 65 8.57 11.28 -6.90
CA LEU A 65 7.91 11.61 -8.16
C LEU A 65 6.88 12.72 -8.00
N PHE A 66 6.00 12.59 -7.01
CA PHE A 66 4.91 13.53 -6.84
C PHE A 66 5.23 14.55 -5.74
N GLY A 67 5.82 14.05 -4.65
CA GLY A 67 6.19 14.92 -3.56
C GLY A 67 5.09 15.08 -2.52
N ASN A 68 5.49 15.50 -1.34
CA ASN A 68 4.57 15.71 -0.23
C ASN A 68 5.27 16.52 0.87
N SER A 69 4.49 17.23 1.67
CA SER A 69 5.04 18.03 2.74
C SER A 69 5.73 17.16 3.80
N GLY A 70 4.98 16.22 4.39
CA GLY A 70 5.57 15.31 5.35
C GLY A 70 4.55 14.56 6.17
N ALA A 71 4.39 13.29 5.89
CA ALA A 71 3.54 12.41 6.68
C ALA A 71 4.37 11.67 7.72
N GLY A 72 3.76 10.71 8.42
CA GLY A 72 4.49 9.95 9.42
C GLY A 72 3.65 8.83 10.00
N GLY A 73 4.22 8.11 10.96
CA GLY A 73 3.50 7.01 11.59
C GLY A 73 3.81 5.67 10.95
N SER A 74 3.74 4.61 11.73
CA SER A 74 3.97 3.26 11.23
C SER A 74 2.76 2.75 10.45
N GLY A 75 2.50 3.39 9.33
CA GLY A 75 1.31 3.12 8.56
C GLY A 75 0.49 4.38 8.37
N GLY A 76 -0.45 4.60 9.27
CA GLY A 76 -1.24 5.81 9.24
C GLY A 76 -2.59 5.62 9.89
N HIS A 77 -2.73 6.15 11.10
CA HIS A 77 -3.97 6.02 11.87
C HIS A 77 -5.08 6.86 11.25
N MET A 78 -5.73 6.29 10.23
CA MET A 78 -6.79 6.98 9.47
C MET A 78 -6.21 8.07 8.57
N GLY A 79 -5.58 9.05 9.20
CA GLY A 79 -4.94 10.12 8.45
C GLY A 79 -3.49 10.27 8.85
N SER A 80 -2.59 9.93 7.95
CA SER A 80 -1.16 10.01 8.21
C SER A 80 -0.71 11.44 8.44
N GLY A 81 -1.48 12.40 7.93
CA GLY A 81 -1.17 13.80 8.15
C GLY A 81 -1.51 14.21 9.57
N GLY A 82 -2.42 13.48 10.18
CA GLY A 82 -2.76 13.71 11.57
C GLY A 82 -2.18 12.66 12.49
N ASP A 83 -1.18 11.96 11.98
CA ASP A 83 -0.53 10.90 12.74
C ASP A 83 0.91 11.28 13.04
N VAL A 84 1.26 12.51 12.74
CA VAL A 84 2.57 13.04 13.07
C VAL A 84 2.46 14.02 14.22
N MET A 85 3.59 14.61 14.63
CA MET A 85 3.59 15.59 15.70
C MET A 85 3.16 16.95 15.17
N VAL A 86 1.93 17.02 14.69
CA VAL A 86 1.40 18.24 14.10
C VAL A 86 0.44 18.92 15.07
N VAL A 87 0.86 20.06 15.60
CA VAL A 87 0.04 20.81 16.54
C VAL A 87 -0.37 22.14 15.92
N GLY A 88 0.56 22.75 15.21
CA GLY A 88 0.29 23.99 14.53
C GLY A 88 1.16 24.16 13.31
N GLU A 89 0.65 24.87 12.32
CA GLU A 89 1.36 25.09 11.06
C GLU A 89 1.73 23.76 10.40
N PRO A 90 0.76 23.07 9.77
CA PRO A 90 1.00 21.81 9.10
C PRO A 90 1.60 22.00 7.70
N THR A 91 2.63 22.83 7.64
CA THR A 91 3.29 23.15 6.39
C THR A 91 4.14 21.98 5.89
N LEU A 92 4.86 21.34 6.81
CA LEU A 92 5.65 20.18 6.48
C LEU A 92 5.33 19.04 7.44
N MET A 93 5.40 19.34 8.74
CA MET A 93 5.06 18.35 9.76
C MET A 93 3.55 18.24 9.91
N GLY A 94 2.99 17.16 9.38
CA GLY A 94 1.55 16.98 9.41
C GLY A 94 0.91 17.46 8.12
N GLY A 95 1.73 17.68 7.12
CA GLY A 95 1.23 18.11 5.83
C GLY A 95 1.17 16.97 4.83
N GLU A 96 -0.03 16.49 4.56
CA GLU A 96 -0.20 15.41 3.61
C GLU A 96 -0.69 15.95 2.28
N PHE A 97 -0.74 15.08 1.28
CA PHE A 97 -1.21 15.46 -0.04
C PHE A 97 -2.46 14.66 -0.38
N GLY A 98 -3.29 14.46 0.63
CA GLY A 98 -4.46 13.61 0.47
C GLY A 98 -4.25 12.27 1.11
N ASP A 99 -4.15 12.25 2.44
CA ASP A 99 -3.87 11.02 3.17
C ASP A 99 -5.09 10.12 3.24
N GLU A 100 -6.18 10.54 2.61
CA GLU A 100 -7.36 9.69 2.46
C GLU A 100 -7.11 8.67 1.37
N ASP A 101 -6.14 8.96 0.51
CA ASP A 101 -5.72 8.05 -0.55
C ASP A 101 -4.84 6.94 0.02
N GLU A 102 -4.48 7.10 1.29
CA GLU A 102 -3.69 6.10 1.98
C GLU A 102 -4.55 4.91 2.39
N ARG A 103 -4.00 4.06 3.27
CA ARG A 103 -4.68 2.84 3.71
C ARG A 103 -5.00 1.96 2.52
N LEU A 104 -4.17 2.08 1.49
CA LEU A 104 -4.38 1.40 0.23
C LEU A 104 -3.83 -0.02 0.28
N ILE A 105 -3.15 -0.36 1.35
CA ILE A 105 -2.57 -1.68 1.50
C ILE A 105 -3.23 -2.45 2.62
N THR A 106 -3.98 -3.48 2.24
CA THR A 106 -4.64 -4.34 3.18
C THR A 106 -3.93 -5.69 3.20
N ARG A 107 -3.38 -6.06 4.35
CA ARG A 107 -2.55 -7.26 4.43
C ARG A 107 -3.21 -8.35 5.26
N LEU A 108 -3.43 -9.49 4.63
CA LEU A 108 -3.93 -10.66 5.34
C LEU A 108 -2.79 -11.64 5.58
N GLU A 109 -2.37 -11.75 6.83
CA GLU A 109 -1.26 -12.60 7.19
C GLU A 109 -1.65 -13.56 8.31
N ASN A 110 -1.31 -14.84 8.12
CA ASN A 110 -1.64 -15.87 9.11
C ASN A 110 -0.89 -15.64 10.42
N THR A 111 0.30 -15.06 10.33
CA THR A 111 1.12 -14.85 11.52
C THR A 111 0.88 -13.45 12.11
N GLN A 112 0.03 -12.68 11.46
CA GLN A 112 -0.27 -11.32 11.92
C GLN A 112 -1.70 -11.22 12.43
N PHE A 113 -2.66 -11.70 11.64
CA PHE A 113 -4.06 -11.63 12.02
C PHE A 113 -4.45 -12.83 12.88
N ASP A 114 -4.58 -13.99 12.24
CA ASP A 114 -4.96 -15.20 12.95
C ASP A 114 -4.50 -16.42 12.16
N ALA A 115 -4.00 -17.42 12.87
CA ALA A 115 -3.48 -18.63 12.22
C ALA A 115 -4.62 -19.59 11.91
N ALA A 116 -5.39 -19.25 10.89
CA ALA A 116 -6.53 -20.06 10.49
C ALA A 116 -6.14 -21.03 9.38
N ASN A 117 -6.79 -22.18 9.36
CA ASN A 117 -6.53 -23.17 8.32
C ASN A 117 -7.71 -23.22 7.36
N GLY A 118 -7.43 -22.98 6.09
CA GLY A 118 -8.48 -22.89 5.11
C GLY A 118 -9.05 -21.49 5.03
N ILE A 119 -10.30 -21.35 5.43
CA ILE A 119 -10.94 -20.04 5.47
C ILE A 119 -12.20 -20.07 6.34
N ASP A 120 -12.22 -19.22 7.35
CA ASP A 120 -13.35 -19.14 8.28
C ASP A 120 -14.22 -17.94 7.94
N ASP A 121 -13.79 -16.76 8.39
CA ASP A 121 -14.50 -15.52 8.09
C ASP A 121 -13.67 -14.32 8.51
N GLU A 122 -13.32 -13.49 7.55
CA GLU A 122 -12.52 -12.31 7.81
C GLU A 122 -13.28 -11.06 7.40
ZN ZN B . 0.75 -12.84 -7.10
ZN ZN C . 9.22 2.55 -4.25
N GLY A 1 -11.91 -7.80 -14.14
CA GLY A 1 -12.39 -7.14 -12.90
C GLY A 1 -11.67 -7.69 -11.68
N SER A 2 -12.00 -7.16 -10.51
CA SER A 2 -11.37 -7.59 -9.26
C SER A 2 -12.41 -7.92 -8.20
N LEU A 3 -13.59 -8.35 -8.62
CA LEU A 3 -14.64 -8.74 -7.70
C LEU A 3 -14.94 -10.22 -7.85
N SER A 4 -13.91 -11.04 -7.66
CA SER A 4 -14.02 -12.47 -7.84
C SER A 4 -13.17 -13.19 -6.80
N TRP A 5 -12.73 -14.39 -7.12
CA TRP A 5 -11.96 -15.17 -6.20
C TRP A 5 -10.48 -14.82 -6.27
N LYS A 6 -10.03 -14.06 -5.29
CA LYS A 6 -8.63 -13.66 -5.18
C LYS A 6 -8.12 -13.11 -6.50
N ARG A 7 -7.32 -13.91 -7.17
CA ARG A 7 -6.77 -13.57 -8.49
C ARG A 7 -5.82 -12.38 -8.38
N CYS A 8 -4.54 -12.69 -8.21
CA CYS A 8 -3.51 -11.67 -8.09
C CYS A 8 -3.43 -10.85 -9.37
N ALA A 9 -3.44 -9.54 -9.22
CA ALA A 9 -3.33 -8.63 -10.36
C ALA A 9 -1.87 -8.35 -10.66
N GLY A 10 -0.99 -8.93 -9.86
CA GLY A 10 0.44 -8.73 -10.05
C GLY A 10 1.02 -9.73 -11.03
N CYS A 11 0.81 -11.01 -10.77
CA CYS A 11 1.29 -12.05 -11.66
C CYS A 11 0.14 -12.65 -12.47
N GLY A 12 -0.97 -12.91 -11.81
CA GLY A 12 -2.12 -13.46 -12.49
C GLY A 12 -2.37 -14.90 -12.09
N GLY A 13 -3.41 -15.11 -11.28
CA GLY A 13 -3.72 -16.42 -10.82
C GLY A 13 -4.46 -16.40 -9.51
N LYS A 14 -5.30 -17.39 -9.30
CA LYS A 14 -6.06 -17.52 -8.07
C LYS A 14 -5.11 -17.82 -6.92
N ILE A 15 -4.78 -16.77 -6.17
CA ILE A 15 -3.76 -16.84 -5.13
C ILE A 15 -4.01 -18.00 -4.16
N ALA A 16 -5.03 -17.85 -3.31
CA ALA A 16 -5.39 -18.87 -2.32
C ALA A 16 -4.24 -19.13 -1.34
N ASP A 17 -3.30 -18.19 -1.28
CA ASP A 17 -2.16 -18.31 -0.37
C ASP A 17 -2.52 -17.78 1.00
N ARG A 18 -1.74 -18.15 2.00
CA ARG A 18 -1.93 -17.66 3.36
C ARG A 18 -1.27 -16.30 3.53
N PHE A 19 -0.80 -15.71 2.44
CA PHE A 19 -0.24 -14.37 2.49
C PHE A 19 -0.37 -13.68 1.14
N LEU A 20 -1.21 -12.65 1.10
CA LEU A 20 -1.41 -11.88 -0.12
C LEU A 20 -1.90 -10.49 0.23
N LEU A 21 -1.48 -9.51 -0.56
CA LEU A 21 -1.87 -8.14 -0.33
C LEU A 21 -3.12 -7.79 -1.13
N TYR A 22 -3.99 -6.99 -0.55
CA TYR A 22 -5.12 -6.45 -1.30
C TYR A 22 -4.94 -4.94 -1.42
N ALA A 23 -5.02 -4.44 -2.64
CA ALA A 23 -4.82 -3.02 -2.89
C ALA A 23 -5.62 -2.53 -4.09
N MET A 24 -6.26 -1.38 -3.93
CA MET A 24 -7.10 -0.80 -4.97
C MET A 24 -8.28 -1.71 -5.28
N ASP A 25 -8.73 -2.43 -4.25
CA ASP A 25 -9.82 -3.40 -4.36
C ASP A 25 -9.47 -4.53 -5.31
N SER A 26 -8.20 -4.63 -5.66
CA SER A 26 -7.69 -5.76 -6.41
C SER A 26 -6.80 -6.59 -5.51
N TYR A 27 -6.69 -7.87 -5.79
CA TYR A 27 -5.91 -8.75 -4.93
C TYR A 27 -4.57 -9.05 -5.58
N TRP A 28 -3.53 -9.09 -4.77
CA TRP A 28 -2.15 -9.18 -5.25
C TRP A 28 -1.34 -10.14 -4.39
N HIS A 29 -0.06 -10.28 -4.74
CA HIS A 29 0.89 -10.89 -3.83
C HIS A 29 1.67 -9.79 -3.14
N SER A 30 2.34 -10.12 -2.05
CA SER A 30 3.14 -9.15 -1.32
C SER A 30 4.22 -8.53 -2.21
N ARG A 31 4.88 -9.38 -3.00
CA ARG A 31 5.95 -8.91 -3.87
C ARG A 31 5.45 -8.63 -5.29
N CYS A 32 4.18 -8.92 -5.54
CA CYS A 32 3.60 -8.66 -6.86
C CYS A 32 3.14 -7.21 -6.97
N LEU A 33 2.58 -6.69 -5.89
CA LEU A 33 2.18 -5.28 -5.86
C LEU A 33 3.43 -4.41 -5.98
N LYS A 34 4.37 -4.66 -5.06
CA LYS A 34 5.72 -4.06 -5.07
C LYS A 34 5.77 -2.59 -5.43
N CYS A 35 6.99 -2.12 -5.44
CA CYS A 35 7.29 -0.73 -5.58
C CYS A 35 7.30 -0.32 -7.06
N SER A 36 7.35 0.98 -7.29
CA SER A 36 7.48 1.50 -8.64
C SER A 36 8.95 1.65 -9.02
N SER A 37 9.73 2.28 -8.16
CA SER A 37 11.13 2.53 -8.43
C SER A 37 12.05 1.65 -7.57
N CYS A 38 11.83 1.66 -6.25
CA CYS A 38 12.69 0.92 -5.33
C CYS A 38 12.64 -0.59 -5.57
N GLN A 39 11.45 -1.07 -5.94
CA GLN A 39 11.21 -2.49 -6.16
C GLN A 39 11.36 -3.30 -4.88
N ALA A 40 10.89 -2.75 -3.77
CA ALA A 40 10.87 -3.46 -2.52
C ALA A 40 9.48 -4.05 -2.28
N GLN A 41 9.20 -4.39 -1.05
CA GLN A 41 7.89 -4.91 -0.69
C GLN A 41 7.06 -3.82 -0.04
N LEU A 42 5.91 -3.53 -0.62
CA LEU A 42 5.06 -2.44 -0.19
C LEU A 42 4.55 -2.63 1.24
N GLY A 43 4.32 -3.89 1.62
CA GLY A 43 3.80 -4.17 2.94
C GLY A 43 4.89 -4.53 3.94
N ASP A 44 6.13 -4.57 3.46
CA ASP A 44 7.26 -4.88 4.32
C ASP A 44 7.77 -3.64 5.02
N ILE A 45 7.54 -2.50 4.39
CA ILE A 45 7.94 -1.21 4.95
C ILE A 45 6.84 -0.65 5.85
N GLY A 46 5.78 -1.42 6.02
CA GLY A 46 4.63 -0.98 6.77
C GLY A 46 3.37 -1.05 5.93
N THR A 47 2.30 -0.46 6.41
CA THR A 47 1.09 -0.42 5.61
C THR A 47 0.98 0.93 4.90
N SER A 48 1.31 0.95 3.62
CA SER A 48 1.26 2.19 2.85
C SER A 48 1.24 1.92 1.36
N SER A 49 0.45 2.70 0.63
CA SER A 49 0.38 2.59 -0.81
C SER A 49 -0.23 3.86 -1.40
N TYR A 50 0.41 4.39 -2.43
CA TYR A 50 -0.08 5.59 -3.10
C TYR A 50 -0.53 5.22 -4.50
N THR A 51 -1.73 5.62 -4.86
CA THR A 51 -2.25 5.36 -6.20
C THR A 51 -2.39 6.67 -6.96
N LYS A 52 -1.45 6.94 -7.85
CA LYS A 52 -1.46 8.14 -8.66
C LYS A 52 -0.93 7.81 -10.05
N SER A 53 -1.54 8.40 -11.08
CA SER A 53 -1.16 8.14 -12.47
C SER A 53 -1.42 6.68 -12.86
N GLY A 54 -2.34 6.04 -12.14
CA GLY A 54 -2.60 4.63 -12.38
C GLY A 54 -1.44 3.77 -11.91
N MET A 55 -0.57 4.35 -11.10
CA MET A 55 0.62 3.67 -10.62
C MET A 55 0.43 3.23 -9.18
N ILE A 56 1.33 2.38 -8.72
CA ILE A 56 1.34 1.93 -7.33
C ILE A 56 2.69 2.22 -6.72
N LEU A 57 2.70 3.14 -5.76
CA LEU A 57 3.94 3.60 -5.17
C LEU A 57 3.91 3.47 -3.66
N CYS A 58 5.07 3.22 -3.07
CA CYS A 58 5.20 3.26 -1.62
C CYS A 58 5.29 4.72 -1.16
N ARG A 59 5.54 4.92 0.11
CA ARG A 59 5.70 6.27 0.66
C ARG A 59 7.02 6.90 0.19
N ASN A 60 8.01 6.05 -0.06
CA ASN A 60 9.29 6.53 -0.58
C ASN A 60 9.19 6.82 -2.08
N ASP A 61 8.52 5.91 -2.79
CA ASP A 61 8.33 6.06 -4.23
C ASP A 61 7.58 7.34 -4.54
N TYR A 62 6.60 7.65 -3.70
CA TYR A 62 5.80 8.85 -3.85
C TYR A 62 6.70 10.08 -3.84
N ILE A 63 7.67 10.09 -2.94
CA ILE A 63 8.61 11.20 -2.83
C ILE A 63 9.59 11.19 -4.00
N ARG A 64 9.84 10.01 -4.54
CA ARG A 64 10.73 9.85 -5.69
C ARG A 64 10.07 10.42 -6.95
N LEU A 65 8.79 10.16 -7.11
CA LEU A 65 8.06 10.56 -8.31
C LEU A 65 7.46 11.95 -8.18
N PHE A 66 6.62 12.14 -7.17
CA PHE A 66 5.92 13.41 -6.99
C PHE A 66 6.29 14.08 -5.68
N GLY A 67 7.52 13.87 -5.24
CA GLY A 67 7.97 14.47 -4.01
C GLY A 67 8.87 15.66 -4.25
N ASN A 68 10.17 15.39 -4.31
CA ASN A 68 11.20 16.42 -4.53
C ASN A 68 11.39 17.30 -3.29
N SER A 69 10.32 17.93 -2.85
CA SER A 69 10.36 18.74 -1.65
C SER A 69 10.15 17.87 -0.41
N GLY A 70 10.66 18.33 0.73
CA GLY A 70 10.53 17.59 1.97
C GLY A 70 9.28 17.97 2.73
N ALA A 71 9.44 18.80 3.74
CA ALA A 71 8.33 19.28 4.54
C ALA A 71 8.51 20.74 4.91
N GLY A 72 9.73 21.22 4.81
CA GLY A 72 10.03 22.60 5.15
C GLY A 72 10.09 22.82 6.64
N GLY A 73 9.98 24.08 7.05
CA GLY A 73 10.00 24.40 8.46
C GLY A 73 8.67 24.11 9.12
N SER A 74 7.63 23.93 8.32
CA SER A 74 6.30 23.65 8.82
C SER A 74 6.18 22.19 9.22
N GLY A 75 6.59 21.30 8.32
CA GLY A 75 6.47 19.88 8.57
C GLY A 75 5.09 19.37 8.20
N GLY A 76 4.08 19.91 8.86
CA GLY A 76 2.72 19.55 8.56
C GLY A 76 2.24 18.36 9.37
N HIS A 77 2.73 17.19 9.02
CA HIS A 77 2.38 15.97 9.72
C HIS A 77 3.65 15.19 10.05
N MET A 78 3.51 14.11 10.81
CA MET A 78 4.65 13.27 11.16
C MET A 78 4.17 11.95 11.72
N GLY A 79 3.27 11.30 11.00
CA GLY A 79 2.72 10.04 11.44
C GLY A 79 3.18 8.88 10.58
N SER A 80 3.04 9.05 9.27
CA SER A 80 3.44 8.02 8.33
C SER A 80 4.97 7.99 8.19
N GLY A 81 5.48 6.88 7.67
CA GLY A 81 6.91 6.75 7.48
C GLY A 81 7.23 6.15 6.13
N GLY A 82 6.85 4.89 5.94
CA GLY A 82 7.08 4.23 4.66
C GLY A 82 8.55 4.16 4.30
N ASP A 83 9.37 3.81 5.28
CA ASP A 83 10.81 3.72 5.08
C ASP A 83 11.24 2.27 4.96
N VAL A 84 12.46 2.05 4.46
CA VAL A 84 12.99 0.71 4.32
C VAL A 84 13.78 0.31 5.56
N MET A 85 14.10 1.29 6.39
CA MET A 85 14.82 1.05 7.63
C MET A 85 13.87 1.16 8.82
N VAL A 86 14.21 2.03 9.76
CA VAL A 86 13.36 2.31 10.92
C VAL A 86 13.05 1.02 11.71
N VAL A 87 14.07 0.47 12.34
CA VAL A 87 13.90 -0.69 13.21
C VAL A 87 14.08 -0.26 14.66
N GLY A 88 15.21 0.36 14.93
CA GLY A 88 15.46 0.93 16.25
C GLY A 88 15.68 2.43 16.16
N GLU A 89 15.77 2.92 14.95
CA GLU A 89 15.98 4.33 14.68
C GLU A 89 14.66 4.99 14.32
N PRO A 90 14.49 6.29 14.62
CA PRO A 90 13.25 7.02 14.35
C PRO A 90 12.95 7.09 12.85
N THR A 91 11.67 7.15 12.51
CA THR A 91 11.23 7.19 11.12
C THR A 91 11.90 8.32 10.35
N LEU A 92 12.70 7.96 9.37
CA LEU A 92 13.46 8.92 8.58
C LEU A 92 12.57 9.63 7.56
N MET A 93 12.32 8.96 6.42
CA MET A 93 11.49 9.51 5.35
C MET A 93 12.03 10.86 4.88
N GLY A 94 11.39 11.94 5.32
CA GLY A 94 11.81 13.28 4.94
C GLY A 94 10.71 14.04 4.23
N GLY A 95 10.33 13.56 3.06
CA GLY A 95 9.25 14.17 2.32
C GLY A 95 7.90 13.90 2.97
N GLU A 96 7.30 14.94 3.51
CA GLU A 96 6.02 14.82 4.17
C GLU A 96 4.90 15.28 3.26
N PHE A 97 3.93 14.41 3.02
CA PHE A 97 2.80 14.74 2.16
C PHE A 97 1.50 14.20 2.73
N GLY A 98 1.41 14.17 4.05
CA GLY A 98 0.20 13.73 4.70
C GLY A 98 0.11 12.21 4.78
N ASP A 99 -1.09 11.70 4.56
CA ASP A 99 -1.34 10.25 4.62
C ASP A 99 -2.73 9.90 4.09
N GLU A 100 -3.47 10.91 3.63
CA GLU A 100 -4.83 10.71 3.14
C GLU A 100 -4.86 9.83 1.89
N ASP A 101 -3.75 9.76 1.19
CA ASP A 101 -3.68 8.95 -0.02
C ASP A 101 -2.83 7.71 0.23
N GLU A 102 -2.49 7.50 1.49
CA GLU A 102 -1.69 6.35 1.88
C GLU A 102 -2.55 5.25 2.48
N ARG A 103 -1.88 4.23 3.02
CA ARG A 103 -2.54 3.15 3.78
C ARG A 103 -3.68 2.50 3.00
N LEU A 104 -3.46 2.22 1.72
CA LEU A 104 -4.46 1.55 0.91
C LEU A 104 -4.18 0.04 0.88
N ILE A 105 -3.23 -0.38 1.70
CA ILE A 105 -2.83 -1.78 1.74
C ILE A 105 -3.71 -2.57 2.70
N THR A 106 -4.27 -3.66 2.19
CA THR A 106 -4.94 -4.64 3.03
C THR A 106 -3.99 -5.80 3.26
N ARG A 107 -3.79 -6.14 4.52
CA ARG A 107 -2.78 -7.11 4.92
C ARG A 107 -3.06 -8.50 4.39
N LEU A 108 -2.02 -9.32 4.42
CA LEU A 108 -2.04 -10.69 3.94
C LEU A 108 -3.02 -11.57 4.72
N GLU A 109 -3.01 -12.86 4.42
CA GLU A 109 -3.98 -13.77 5.00
C GLU A 109 -3.56 -14.23 6.40
N ASN A 110 -3.89 -13.42 7.38
CA ASN A 110 -3.55 -13.70 8.77
C ASN A 110 -4.40 -12.87 9.73
N THR A 111 -5.54 -12.38 9.24
CA THR A 111 -6.50 -11.62 10.06
C THR A 111 -5.98 -10.22 10.43
N GLN A 112 -4.76 -10.14 10.92
CA GLN A 112 -4.15 -8.86 11.26
C GLN A 112 -2.70 -8.85 10.82
N PHE A 113 -2.12 -7.65 10.69
CA PHE A 113 -0.74 -7.52 10.27
C PHE A 113 0.21 -8.18 11.26
N ASP A 114 -0.24 -8.26 12.51
CA ASP A 114 0.47 -9.02 13.53
C ASP A 114 0.34 -10.51 13.23
N ALA A 115 1.33 -11.05 12.55
CA ALA A 115 1.26 -12.41 12.05
C ALA A 115 1.38 -13.44 13.17
N ALA A 116 0.25 -13.90 13.66
CA ALA A 116 0.21 -14.95 14.66
C ALA A 116 -0.12 -16.28 14.00
N ASN A 117 0.81 -16.78 13.21
CA ASN A 117 0.61 -18.04 12.50
C ASN A 117 0.69 -19.21 13.48
N GLY A 118 1.54 -19.05 14.48
CA GLY A 118 1.69 -20.06 15.51
C GLY A 118 3.00 -19.91 16.25
N ILE A 119 3.38 -20.92 17.00
CA ILE A 119 4.66 -20.91 17.68
C ILE A 119 5.72 -21.57 16.81
N ASP A 120 5.25 -22.45 15.92
CA ASP A 120 6.12 -23.08 14.93
C ASP A 120 5.66 -22.70 13.54
N ASP A 121 6.53 -22.06 12.78
CA ASP A 121 6.20 -21.62 11.43
C ASP A 121 6.92 -22.48 10.40
N GLU A 122 8.03 -21.98 9.91
CA GLU A 122 8.87 -22.72 8.97
C GLU A 122 10.33 -22.43 9.26
ZN ZN B . 1.09 -12.55 -7.74
ZN ZN C . 9.17 2.07 -3.10
N GLY A 1 -20.00 -7.52 2.32
CA GLY A 1 -19.36 -6.62 1.34
C GLY A 1 -17.99 -7.10 0.94
N SER A 2 -17.49 -6.59 -0.19
CA SER A 2 -16.17 -6.97 -0.71
C SER A 2 -16.02 -8.50 -0.80
N LEU A 3 -17.07 -9.16 -1.30
CA LEU A 3 -17.06 -10.61 -1.41
C LEU A 3 -16.53 -11.04 -2.76
N SER A 4 -15.34 -10.55 -3.10
CA SER A 4 -14.69 -10.88 -4.35
C SER A 4 -13.90 -12.17 -4.23
N TRP A 5 -13.31 -12.62 -5.33
CA TRP A 5 -12.50 -13.84 -5.31
C TRP A 5 -11.02 -13.49 -5.29
N LYS A 6 -10.23 -14.35 -4.68
CA LYS A 6 -8.80 -14.11 -4.52
C LYS A 6 -8.09 -14.17 -5.86
N ARG A 7 -7.99 -13.02 -6.52
CA ARG A 7 -7.27 -12.91 -7.77
C ARG A 7 -6.32 -11.72 -7.71
N CYS A 8 -5.13 -11.92 -8.23
CA CYS A 8 -4.08 -10.92 -8.19
C CYS A 8 -4.28 -9.86 -9.25
N ALA A 9 -3.85 -8.65 -8.94
CA ALA A 9 -3.83 -7.56 -9.88
C ALA A 9 -2.39 -7.20 -10.22
N GLY A 10 -1.45 -7.92 -9.60
CA GLY A 10 -0.04 -7.68 -9.84
C GLY A 10 0.49 -8.57 -10.95
N CYS A 11 0.39 -9.88 -10.77
CA CYS A 11 0.77 -10.80 -11.81
C CYS A 11 -0.45 -11.17 -12.64
N GLY A 12 -1.60 -11.24 -11.97
CA GLY A 12 -2.85 -11.39 -12.68
C GLY A 12 -3.49 -12.74 -12.50
N GLY A 13 -2.82 -13.65 -11.79
CA GLY A 13 -3.37 -14.95 -11.58
C GLY A 13 -4.33 -14.99 -10.42
N LYS A 14 -4.48 -16.16 -9.87
CA LYS A 14 -5.30 -16.36 -8.69
C LYS A 14 -4.43 -16.52 -7.46
N ILE A 15 -4.93 -16.09 -6.32
CA ILE A 15 -4.19 -16.19 -5.08
C ILE A 15 -4.64 -17.39 -4.25
N ALA A 16 -3.81 -18.41 -4.25
CA ALA A 16 -4.04 -19.59 -3.43
C ALA A 16 -2.95 -19.71 -2.39
N ASP A 17 -2.21 -18.63 -2.24
CA ASP A 17 -1.15 -18.55 -1.26
C ASP A 17 -1.72 -18.28 0.11
N ARG A 18 -0.87 -18.33 1.11
CA ARG A 18 -1.26 -18.04 2.47
C ARG A 18 -1.07 -16.56 2.76
N PHE A 19 -0.08 -15.99 2.12
CA PHE A 19 0.24 -14.57 2.26
C PHE A 19 -0.32 -13.79 1.08
N LEU A 20 -1.29 -12.94 1.35
CA LEU A 20 -1.92 -12.16 0.29
C LEU A 20 -2.24 -10.74 0.78
N LEU A 21 -2.41 -9.83 -0.15
CA LEU A 21 -2.70 -8.45 0.16
C LEU A 21 -4.01 -7.99 -0.49
N TYR A 22 -4.72 -7.12 0.19
CA TYR A 22 -5.91 -6.50 -0.36
C TYR A 22 -5.63 -5.01 -0.55
N ALA A 23 -5.69 -4.55 -1.79
CA ALA A 23 -5.37 -3.16 -2.10
C ALA A 23 -6.23 -2.66 -3.26
N MET A 24 -6.82 -1.48 -3.07
CA MET A 24 -7.69 -0.86 -4.08
C MET A 24 -8.93 -1.71 -4.32
N ASP A 25 -9.35 -2.43 -3.28
CA ASP A 25 -10.48 -3.35 -3.34
C ASP A 25 -10.18 -4.51 -4.29
N SER A 26 -8.90 -4.67 -4.61
CA SER A 26 -8.45 -5.80 -5.40
C SER A 26 -7.44 -6.60 -4.57
N TYR A 27 -7.11 -7.79 -5.02
CA TYR A 27 -6.17 -8.63 -4.27
C TYR A 27 -4.85 -8.77 -5.02
N TRP A 28 -3.78 -8.95 -4.27
CA TRP A 28 -2.42 -8.96 -4.82
C TRP A 28 -1.59 -10.01 -4.09
N HIS A 29 -0.39 -10.23 -4.61
CA HIS A 29 0.61 -11.01 -3.90
C HIS A 29 1.54 -10.06 -3.16
N SER A 30 2.29 -10.58 -2.19
CA SER A 30 3.14 -9.75 -1.36
C SER A 30 4.14 -8.94 -2.18
N ARG A 31 4.80 -9.59 -3.14
CA ARG A 31 5.78 -8.90 -3.98
C ARG A 31 5.17 -8.50 -5.32
N CYS A 32 3.90 -8.82 -5.52
CA CYS A 32 3.20 -8.36 -6.72
C CYS A 32 2.77 -6.93 -6.54
N LEU A 33 2.51 -6.56 -5.29
CA LEU A 33 2.31 -5.17 -4.94
C LEU A 33 3.66 -4.54 -4.65
N LYS A 34 4.51 -4.54 -5.66
CA LYS A 34 5.85 -4.01 -5.54
C LYS A 34 5.88 -2.55 -5.95
N CYS A 35 6.88 -1.85 -5.48
CA CYS A 35 7.01 -0.44 -5.77
C CYS A 35 7.50 -0.23 -7.20
N SER A 36 7.74 1.03 -7.54
CA SER A 36 8.19 1.36 -8.87
C SER A 36 9.66 1.77 -8.89
N SER A 37 10.09 2.62 -7.95
CA SER A 37 11.46 3.08 -7.94
C SER A 37 12.29 2.38 -6.87
N CYS A 38 11.73 2.18 -5.68
CA CYS A 38 12.45 1.45 -4.65
C CYS A 38 12.20 -0.05 -4.81
N GLN A 39 11.11 -0.37 -5.50
CA GLN A 39 10.76 -1.74 -5.89
C GLN A 39 10.93 -2.70 -4.73
N ALA A 40 10.50 -2.27 -3.56
CA ALA A 40 10.55 -3.10 -2.39
C ALA A 40 9.26 -3.89 -2.30
N GLN A 41 9.28 -4.85 -1.41
CA GLN A 41 8.11 -5.64 -1.13
C GLN A 41 7.16 -4.85 -0.24
N LEU A 42 6.30 -4.08 -0.87
CA LEU A 42 5.38 -3.21 -0.16
C LEU A 42 4.47 -4.04 0.76
N GLY A 43 4.25 -5.29 0.36
CA GLY A 43 3.43 -6.18 1.15
C GLY A 43 4.13 -6.74 2.38
N ASP A 44 5.39 -6.34 2.57
CA ASP A 44 6.15 -6.81 3.72
C ASP A 44 6.06 -5.81 4.87
N ILE A 45 5.91 -4.54 4.52
CA ILE A 45 5.86 -3.48 5.52
C ILE A 45 4.43 -3.15 5.93
N GLY A 46 3.50 -3.26 4.98
CA GLY A 46 2.11 -3.02 5.28
C GLY A 46 1.81 -1.55 5.53
N THR A 47 2.68 -0.69 5.04
CA THR A 47 2.54 0.75 5.22
C THR A 47 1.73 1.37 4.07
N SER A 48 1.76 2.69 4.00
CA SER A 48 0.95 3.42 3.04
C SER A 48 1.53 3.35 1.63
N SER A 49 0.66 3.08 0.67
CA SER A 49 1.04 3.05 -0.73
C SER A 49 0.07 3.90 -1.53
N TYR A 50 0.53 4.44 -2.64
CA TYR A 50 -0.29 5.33 -3.45
C TYR A 50 -0.38 4.82 -4.88
N THR A 51 -1.45 5.21 -5.56
CA THR A 51 -1.70 4.73 -6.91
C THR A 51 -1.73 5.86 -7.93
N LYS A 52 -0.74 5.89 -8.79
CA LYS A 52 -0.67 6.87 -9.85
C LYS A 52 0.12 6.31 -11.02
N SER A 53 -0.31 6.65 -12.24
CA SER A 53 0.32 6.14 -13.47
C SER A 53 0.08 4.63 -13.62
N GLY A 54 -0.94 4.12 -12.94
CA GLY A 54 -1.20 2.69 -12.96
C GLY A 54 -0.14 1.92 -12.20
N MET A 55 0.60 2.64 -11.37
CA MET A 55 1.70 2.07 -10.62
C MET A 55 1.43 2.14 -9.13
N ILE A 56 2.21 1.38 -8.37
CA ILE A 56 2.10 1.39 -6.92
C ILE A 56 3.41 1.88 -6.31
N LEU A 57 3.29 2.85 -5.41
CA LEU A 57 4.47 3.49 -4.83
C LEU A 57 4.28 3.71 -3.33
N CYS A 58 5.36 3.59 -2.57
CA CYS A 58 5.34 3.92 -1.16
C CYS A 58 5.37 5.43 -1.00
N ARG A 59 5.25 5.91 0.24
CA ARG A 59 5.27 7.34 0.50
C ARG A 59 6.58 7.95 0.01
N ASN A 60 7.67 7.23 0.23
CA ASN A 60 8.99 7.66 -0.23
C ASN A 60 9.07 7.69 -1.75
N ASP A 61 8.52 6.66 -2.39
CA ASP A 61 8.47 6.58 -3.85
C ASP A 61 7.66 7.73 -4.43
N TYR A 62 6.54 8.01 -3.78
CA TYR A 62 5.62 9.04 -4.23
C TYR A 62 6.32 10.38 -4.41
N ILE A 63 7.04 10.83 -3.38
CA ILE A 63 7.73 12.10 -3.43
C ILE A 63 8.90 12.05 -4.43
N ARG A 64 9.48 10.87 -4.58
CA ARG A 64 10.56 10.66 -5.52
C ARG A 64 10.07 10.78 -6.97
N LEU A 65 8.90 10.20 -7.21
CA LEU A 65 8.39 10.11 -8.57
C LEU A 65 7.61 11.36 -8.97
N PHE A 66 6.58 11.70 -8.21
CA PHE A 66 5.69 12.80 -8.56
C PHE A 66 5.66 13.85 -7.45
N GLY A 67 6.66 13.83 -6.58
CA GLY A 67 6.70 14.75 -5.46
C GLY A 67 6.92 16.20 -5.88
N ASN A 68 7.31 16.38 -7.14
CA ASN A 68 7.52 17.71 -7.72
C ASN A 68 8.55 18.51 -6.92
N SER A 69 8.10 19.57 -6.26
CA SER A 69 8.98 20.43 -5.48
C SER A 69 9.23 19.87 -4.08
N GLY A 70 9.22 18.54 -3.97
CA GLY A 70 9.47 17.89 -2.70
C GLY A 70 8.37 18.14 -1.69
N ALA A 71 7.14 17.87 -2.09
CA ALA A 71 5.99 18.07 -1.21
C ALA A 71 5.85 16.91 -0.22
N GLY A 72 6.87 16.76 0.61
CA GLY A 72 6.86 15.72 1.62
C GLY A 72 7.42 16.20 2.93
N GLY A 73 6.54 16.35 3.91
CA GLY A 73 6.96 16.82 5.22
C GLY A 73 6.43 15.95 6.34
N SER A 74 7.08 14.81 6.55
CA SER A 74 6.67 13.87 7.58
C SER A 74 6.99 14.44 8.97
N GLY A 75 6.02 14.38 9.86
CA GLY A 75 6.20 14.91 11.20
C GLY A 75 4.94 14.82 12.02
N GLY A 76 5.02 15.26 13.27
CA GLY A 76 3.89 15.18 14.16
C GLY A 76 2.94 16.35 14.03
N HIS A 77 3.37 17.40 13.34
CA HIS A 77 2.56 18.60 13.15
C HIS A 77 1.40 18.33 12.19
N MET A 78 1.62 17.37 11.29
CA MET A 78 0.59 17.00 10.31
C MET A 78 1.00 15.72 9.60
N GLY A 79 2.22 15.70 9.10
CA GLY A 79 2.71 14.54 8.37
C GLY A 79 2.19 14.51 6.96
N SER A 80 1.20 13.68 6.73
CA SER A 80 0.58 13.59 5.41
C SER A 80 -0.65 14.48 5.34
N GLY A 81 -0.76 15.23 4.26
CA GLY A 81 -1.86 16.15 4.10
C GLY A 81 -1.43 17.38 3.30
N GLY A 82 -1.00 17.14 2.08
CA GLY A 82 -0.52 18.22 1.24
C GLY A 82 -1.54 18.66 0.21
N ASP A 83 -2.80 18.72 0.63
CA ASP A 83 -3.87 19.18 -0.24
C ASP A 83 -4.58 20.36 0.40
N VAL A 84 -5.49 20.98 -0.35
CA VAL A 84 -6.21 22.16 0.11
C VAL A 84 -5.23 23.28 0.41
N MET A 85 -4.66 23.83 -0.66
CA MET A 85 -3.59 24.82 -0.58
C MET A 85 -2.27 24.16 -0.22
N VAL A 86 -1.20 24.94 -0.27
CA VAL A 86 0.17 24.47 -0.02
C VAL A 86 0.82 23.96 -1.30
N VAL A 87 -0.01 23.64 -2.28
CA VAL A 87 0.49 23.20 -3.58
C VAL A 87 0.69 24.39 -4.51
N GLY A 88 1.92 24.86 -4.61
CA GLY A 88 2.22 26.00 -5.44
C GLY A 88 2.44 27.27 -4.63
N GLU A 89 1.41 27.69 -3.92
CA GLU A 89 1.50 28.89 -3.09
C GLU A 89 2.29 28.62 -1.82
N PRO A 90 2.96 29.66 -1.29
CA PRO A 90 3.80 29.53 -0.09
C PRO A 90 2.98 29.47 1.20
N THR A 91 2.00 28.58 1.22
CA THR A 91 1.17 28.38 2.40
C THR A 91 1.93 27.59 3.46
N LEU A 92 1.94 28.11 4.68
CA LEU A 92 2.67 27.48 5.77
C LEU A 92 1.78 26.47 6.50
N MET A 93 1.56 25.33 5.87
CA MET A 93 0.71 24.28 6.43
C MET A 93 0.93 22.97 5.68
N GLY A 94 -0.01 22.05 5.82
CA GLY A 94 0.04 20.80 5.09
C GLY A 94 1.27 19.97 5.42
N GLY A 95 1.63 19.09 4.50
CA GLY A 95 2.78 18.23 4.67
C GLY A 95 3.09 17.47 3.42
N GLU A 96 3.21 16.15 3.53
CA GLU A 96 3.40 15.30 2.36
C GLU A 96 2.06 15.12 1.66
N PHE A 97 2.05 15.38 0.36
CA PHE A 97 0.82 15.27 -0.42
C PHE A 97 0.59 13.83 -0.87
N GLY A 98 -0.61 13.54 -1.34
CA GLY A 98 -0.96 12.18 -1.69
C GLY A 98 -1.72 11.51 -0.58
N ASP A 99 -2.06 12.28 0.45
CA ASP A 99 -2.79 11.78 1.60
C ASP A 99 -4.21 11.37 1.21
N GLU A 100 -4.69 11.90 0.10
CA GLU A 100 -6.01 11.54 -0.43
C GLU A 100 -6.02 10.11 -0.95
N ASP A 101 -4.84 9.57 -1.19
CA ASP A 101 -4.72 8.19 -1.69
C ASP A 101 -4.21 7.27 -0.59
N GLU A 102 -4.32 7.71 0.65
CA GLU A 102 -3.86 6.92 1.79
C GLU A 102 -4.73 5.68 1.98
N ARG A 103 -4.25 4.77 2.82
CA ARG A 103 -4.97 3.53 3.15
C ARG A 103 -5.16 2.67 1.91
N LEU A 104 -4.07 2.08 1.44
CA LEU A 104 -4.12 1.24 0.26
C LEU A 104 -3.80 -0.21 0.62
N ILE A 105 -2.80 -0.40 1.48
CA ILE A 105 -2.38 -1.74 1.85
C ILE A 105 -3.22 -2.30 2.99
N THR A 106 -3.87 -3.41 2.72
CA THR A 106 -4.57 -4.18 3.72
C THR A 106 -4.06 -5.61 3.67
N ARG A 107 -3.18 -5.97 4.60
CA ARG A 107 -2.50 -7.24 4.52
C ARG A 107 -2.88 -8.15 5.67
N LEU A 108 -2.76 -9.46 5.45
CA LEU A 108 -3.01 -10.44 6.49
C LEU A 108 -2.06 -11.62 6.30
N GLU A 109 -1.05 -11.67 7.14
CA GLU A 109 -0.02 -12.69 7.03
C GLU A 109 -0.05 -13.62 8.25
N ASN A 110 0.15 -14.91 8.00
CA ASN A 110 0.08 -15.92 9.05
C ASN A 110 1.07 -15.64 10.18
N THR A 111 2.35 -15.59 9.84
CA THR A 111 3.40 -15.40 10.84
C THR A 111 3.55 -13.92 11.21
N GLN A 112 2.48 -13.33 11.71
CA GLN A 112 2.50 -11.93 12.16
C GLN A 112 1.17 -11.57 12.80
N PHE A 113 0.09 -11.86 12.08
CA PHE A 113 -1.26 -11.58 12.57
C PHE A 113 -1.72 -12.69 13.51
N ASP A 114 -2.77 -12.42 14.27
CA ASP A 114 -3.32 -13.40 15.19
C ASP A 114 -4.07 -14.48 14.43
N ALA A 115 -4.90 -14.06 13.48
CA ALA A 115 -5.63 -14.98 12.64
C ALA A 115 -4.78 -15.45 11.47
N ALA A 116 -5.17 -16.57 10.88
CA ALA A 116 -4.45 -17.13 9.75
C ALA A 116 -5.01 -16.59 8.44
N ASN A 117 -4.39 -16.99 7.33
CA ASN A 117 -4.86 -16.59 6.02
C ASN A 117 -4.55 -17.68 5.00
N GLY A 118 -5.06 -17.51 3.78
CA GLY A 118 -4.89 -18.52 2.75
C GLY A 118 -5.89 -19.64 2.93
N ILE A 119 -5.68 -20.44 3.96
CA ILE A 119 -6.64 -21.45 4.36
C ILE A 119 -7.26 -21.05 5.69
N ASP A 120 -7.86 -19.87 5.68
CA ASP A 120 -8.40 -19.28 6.91
C ASP A 120 -9.82 -19.78 7.17
N ASP A 121 -10.06 -20.17 8.41
CA ASP A 121 -11.36 -20.71 8.80
C ASP A 121 -12.18 -19.65 9.52
N GLU A 122 -13.21 -19.16 8.86
CA GLU A 122 -14.10 -18.16 9.43
C GLU A 122 -15.51 -18.38 8.89
ZN ZN B . 0.48 -11.98 -8.09
ZN ZN C . 8.84 2.42 -2.65
N GLY A 1 -13.92 -25.49 0.86
CA GLY A 1 -14.91 -24.41 1.07
C GLY A 1 -14.56 -23.16 0.31
N SER A 2 -15.04 -22.02 0.77
CA SER A 2 -14.74 -20.75 0.12
C SER A 2 -13.54 -20.10 0.78
N LEU A 3 -12.65 -19.56 -0.04
CA LEU A 3 -11.46 -18.90 0.44
C LEU A 3 -11.22 -17.61 -0.36
N SER A 4 -10.26 -16.80 0.07
CA SER A 4 -9.95 -15.57 -0.64
C SER A 4 -9.13 -15.87 -1.88
N TRP A 5 -9.80 -16.44 -2.89
CA TRP A 5 -9.16 -16.81 -4.12
C TRP A 5 -8.89 -15.59 -4.97
N LYS A 6 -9.93 -15.12 -5.67
CA LYS A 6 -9.82 -13.95 -6.53
C LYS A 6 -8.69 -14.16 -7.54
N ARG A 7 -7.82 -13.17 -7.62
CA ARG A 7 -6.60 -13.29 -8.42
C ARG A 7 -5.65 -12.19 -8.05
N CYS A 8 -4.37 -12.44 -8.25
CA CYS A 8 -3.35 -11.45 -8.05
C CYS A 8 -3.36 -10.47 -9.20
N ALA A 9 -3.29 -9.20 -8.89
CA ALA A 9 -3.23 -8.16 -9.91
C ALA A 9 -1.77 -7.82 -10.21
N GLY A 10 -0.87 -8.52 -9.54
CA GLY A 10 0.55 -8.27 -9.73
C GLY A 10 1.17 -9.21 -10.74
N CYS A 11 1.03 -10.51 -10.50
CA CYS A 11 1.60 -11.49 -11.42
C CYS A 11 0.51 -12.11 -12.28
N GLY A 12 -0.71 -12.10 -11.77
CA GLY A 12 -1.82 -12.69 -12.49
C GLY A 12 -1.97 -14.17 -12.18
N GLY A 13 -3.01 -14.51 -11.45
CA GLY A 13 -3.20 -15.87 -11.05
C GLY A 13 -4.02 -15.99 -9.79
N LYS A 14 -4.85 -17.01 -9.74
CA LYS A 14 -5.68 -17.29 -8.58
C LYS A 14 -4.80 -17.56 -7.37
N ILE A 15 -5.01 -16.78 -6.30
CA ILE A 15 -4.14 -16.85 -5.14
C ILE A 15 -4.65 -17.88 -4.13
N ALA A 16 -5.41 -17.40 -3.14
CA ALA A 16 -5.86 -18.22 -2.02
C ALA A 16 -4.66 -18.79 -1.26
N ASP A 17 -3.58 -18.03 -1.26
CA ASP A 17 -2.35 -18.42 -0.58
C ASP A 17 -2.47 -18.15 0.90
N ARG A 18 -1.55 -18.71 1.67
CA ARG A 18 -1.48 -18.42 3.10
C ARG A 18 -0.98 -16.99 3.29
N PHE A 19 -0.14 -16.58 2.36
CA PHE A 19 0.44 -15.25 2.38
C PHE A 19 0.04 -14.46 1.14
N LEU A 20 -0.99 -13.66 1.25
CA LEU A 20 -1.42 -12.81 0.15
C LEU A 20 -1.68 -11.38 0.63
N LEU A 21 -2.01 -10.52 -0.31
CA LEU A 21 -2.33 -9.14 -0.02
C LEU A 21 -3.64 -8.78 -0.70
N TYR A 22 -4.25 -7.71 -0.25
CA TYR A 22 -5.44 -7.18 -0.91
C TYR A 22 -5.30 -5.68 -1.03
N ALA A 23 -5.63 -5.14 -2.17
CA ALA A 23 -5.45 -3.72 -2.41
C ALA A 23 -6.49 -3.18 -3.39
N MET A 24 -7.43 -2.41 -2.85
CA MET A 24 -8.51 -1.82 -3.64
C MET A 24 -9.35 -2.91 -4.31
N ASP A 25 -9.93 -3.77 -3.48
CA ASP A 25 -10.80 -4.87 -3.94
C ASP A 25 -10.04 -6.01 -4.62
N SER A 26 -8.97 -5.69 -5.32
CA SER A 26 -8.19 -6.70 -6.02
C SER A 26 -7.12 -7.27 -5.10
N TYR A 27 -6.79 -8.52 -5.29
CA TYR A 27 -5.81 -9.19 -4.45
C TYR A 27 -4.44 -9.16 -5.10
N TRP A 28 -3.42 -9.38 -4.28
CA TRP A 28 -2.05 -9.32 -4.74
C TRP A 28 -1.21 -10.33 -3.97
N HIS A 29 0.06 -10.40 -4.31
CA HIS A 29 1.04 -11.05 -3.46
C HIS A 29 1.80 -9.97 -2.71
N SER A 30 2.49 -10.30 -1.64
CA SER A 30 3.21 -9.30 -0.88
C SER A 30 4.45 -8.82 -1.65
N ARG A 31 4.87 -9.62 -2.63
CA ARG A 31 5.99 -9.24 -3.49
C ARG A 31 5.47 -8.57 -4.77
N CYS A 32 4.25 -8.95 -5.18
CA CYS A 32 3.61 -8.35 -6.35
C CYS A 32 3.05 -6.98 -5.97
N LEU A 33 2.91 -6.76 -4.68
CA LEU A 33 2.64 -5.44 -4.12
C LEU A 33 3.93 -4.62 -4.18
N LYS A 34 4.24 -4.15 -5.38
CA LYS A 34 5.57 -3.61 -5.66
C LYS A 34 5.51 -2.21 -6.26
N CYS A 35 6.65 -1.53 -6.19
CA CYS A 35 6.80 -0.20 -6.76
C CYS A 35 6.93 -0.29 -8.28
N SER A 36 6.80 0.84 -8.94
CA SER A 36 7.17 0.95 -10.34
C SER A 36 8.55 1.58 -10.43
N SER A 37 9.18 1.76 -9.26
CA SER A 37 10.46 2.41 -9.18
C SER A 37 11.51 1.51 -8.53
N CYS A 38 11.45 1.37 -7.20
CA CYS A 38 12.41 0.54 -6.49
C CYS A 38 12.05 -0.94 -6.59
N GLN A 39 10.76 -1.21 -6.80
CA GLN A 39 10.24 -2.56 -6.92
C GLN A 39 10.63 -3.42 -5.72
N ALA A 40 10.59 -2.82 -4.55
CA ALA A 40 10.89 -3.54 -3.33
C ALA A 40 9.64 -4.27 -2.84
N GLN A 41 9.58 -4.51 -1.54
CA GLN A 41 8.41 -5.13 -0.95
C GLN A 41 7.48 -4.06 -0.41
N LEU A 42 6.60 -3.58 -1.27
CA LEU A 42 5.67 -2.52 -0.90
C LEU A 42 4.50 -3.11 -0.11
N GLY A 43 4.47 -4.43 -0.04
CA GLY A 43 3.43 -5.10 0.72
C GLY A 43 3.96 -5.66 2.02
N ASP A 44 4.85 -4.90 2.66
CA ASP A 44 5.43 -5.29 3.94
C ASP A 44 5.82 -4.03 4.71
N ILE A 45 4.89 -3.09 4.76
CA ILE A 45 5.15 -1.78 5.33
C ILE A 45 4.02 -1.32 6.25
N GLY A 46 3.12 -2.24 6.55
CA GLY A 46 1.93 -1.88 7.31
C GLY A 46 0.73 -1.75 6.40
N THR A 47 0.10 -0.59 6.40
CA THR A 47 -0.92 -0.32 5.39
C THR A 47 -0.91 1.14 4.98
N SER A 48 -0.27 1.40 3.84
CA SER A 48 -0.33 2.71 3.19
C SER A 48 0.20 2.58 1.77
N SER A 49 -0.64 2.78 0.78
CA SER A 49 -0.19 2.70 -0.60
C SER A 49 -0.16 4.11 -1.20
N TYR A 50 0.28 4.24 -2.43
CA TYR A 50 0.27 5.53 -3.09
C TYR A 50 -0.31 5.42 -4.49
N THR A 51 -1.57 5.82 -4.61
CA THR A 51 -2.25 5.80 -5.88
C THR A 51 -2.04 7.12 -6.62
N LYS A 52 -1.15 7.13 -7.61
CA LYS A 52 -0.85 8.35 -8.35
C LYS A 52 -0.45 8.03 -9.79
N SER A 53 -1.15 8.66 -10.75
CA SER A 53 -0.81 8.55 -12.17
C SER A 53 -0.91 7.13 -12.71
N GLY A 54 -1.52 6.24 -11.95
CA GLY A 54 -1.52 4.84 -12.33
C GLY A 54 -0.12 4.25 -12.17
N MET A 55 0.64 4.86 -11.27
CA MET A 55 1.99 4.45 -10.99
C MET A 55 2.09 4.05 -9.53
N ILE A 56 2.80 2.97 -9.27
CA ILE A 56 2.97 2.49 -7.89
C ILE A 56 4.22 3.08 -7.28
N LEU A 57 4.05 3.73 -6.14
CA LEU A 57 5.20 4.33 -5.46
C LEU A 57 5.18 4.03 -3.98
N CYS A 58 6.36 3.99 -3.39
CA CYS A 58 6.49 3.90 -1.94
C CYS A 58 6.53 5.32 -1.37
N ARG A 59 6.72 5.46 -0.07
CA ARG A 59 6.82 6.78 0.52
C ARG A 59 8.03 7.53 -0.03
N ASN A 60 9.15 6.83 -0.07
CA ASN A 60 10.40 7.39 -0.60
C ASN A 60 10.27 7.71 -2.09
N ASP A 61 9.73 6.76 -2.86
CA ASP A 61 9.67 6.91 -4.31
C ASP A 61 8.58 7.87 -4.73
N TYR A 62 7.62 8.11 -3.84
CA TYR A 62 6.58 9.10 -4.08
C TYR A 62 7.21 10.50 -4.09
N ILE A 63 8.06 10.77 -3.11
CA ILE A 63 8.76 12.05 -3.03
C ILE A 63 9.80 12.15 -4.15
N ARG A 64 10.24 11.00 -4.64
CA ARG A 64 11.23 10.94 -5.70
C ARG A 64 10.58 11.27 -7.06
N LEU A 65 9.46 10.63 -7.33
CA LEU A 65 8.82 10.76 -8.64
C LEU A 65 7.81 11.91 -8.66
N PHE A 66 7.14 12.12 -7.53
CA PHE A 66 6.07 13.12 -7.47
C PHE A 66 6.30 14.11 -6.34
N GLY A 67 7.55 14.29 -5.95
CA GLY A 67 7.87 15.28 -4.95
C GLY A 67 7.58 16.67 -5.46
N ASN A 68 7.76 16.84 -6.77
CA ASN A 68 7.38 18.05 -7.45
C ASN A 68 6.32 17.73 -8.49
N SER A 69 5.08 17.64 -8.03
CA SER A 69 3.99 17.18 -8.86
C SER A 69 3.27 18.34 -9.54
N GLY A 70 3.55 19.54 -9.08
CA GLY A 70 2.91 20.72 -9.64
C GLY A 70 2.41 21.66 -8.57
N ALA A 71 1.94 21.08 -7.47
CA ALA A 71 1.47 21.86 -6.33
C ALA A 71 2.01 21.27 -5.03
N GLY A 72 2.00 22.06 -3.97
CA GLY A 72 2.52 21.60 -2.70
C GLY A 72 1.42 21.26 -1.71
N GLY A 73 1.52 21.78 -0.50
CA GLY A 73 0.52 21.52 0.51
C GLY A 73 0.74 20.19 1.21
N SER A 74 1.86 20.06 1.89
CA SER A 74 2.20 18.83 2.58
C SER A 74 2.85 19.13 3.93
N GLY A 75 2.40 18.43 4.96
CA GLY A 75 2.93 18.64 6.30
C GLY A 75 2.96 17.38 7.15
N GLY A 76 2.51 16.27 6.57
CA GLY A 76 2.46 15.03 7.30
C GLY A 76 3.69 14.17 7.05
N HIS A 77 3.91 13.20 7.94
CA HIS A 77 5.05 12.30 7.82
C HIS A 77 4.61 10.84 7.90
N MET A 78 3.48 10.60 8.53
CA MET A 78 2.97 9.25 8.72
C MET A 78 2.35 8.70 7.45
N GLY A 79 2.75 7.50 7.05
CA GLY A 79 2.21 6.89 5.87
C GLY A 79 3.29 6.49 4.88
N SER A 80 3.31 5.22 4.51
CA SER A 80 4.27 4.72 3.54
C SER A 80 3.62 4.59 2.15
N GLY A 81 4.27 3.87 1.26
CA GLY A 81 3.75 3.72 -0.09
C GLY A 81 3.55 2.27 -0.50
N GLY A 82 2.74 2.06 -1.51
CA GLY A 82 2.46 0.72 -1.97
C GLY A 82 1.46 0.70 -3.12
N ASP A 83 0.99 -0.50 -3.46
CA ASP A 83 0.06 -0.71 -4.56
C ASP A 83 -1.39 -0.74 -4.08
N VAL A 84 -2.31 -0.50 -5.00
CA VAL A 84 -3.74 -0.60 -4.74
C VAL A 84 -4.49 -0.77 -6.05
N MET A 85 -4.09 -1.78 -6.82
CA MET A 85 -4.61 -1.98 -8.17
C MET A 85 -4.27 -0.77 -9.02
N VAL A 86 -3.01 -0.34 -8.88
CA VAL A 86 -2.54 0.85 -9.54
C VAL A 86 -1.78 0.46 -10.82
N VAL A 87 -1.75 -0.83 -11.10
CA VAL A 87 -1.10 -1.33 -12.30
C VAL A 87 -1.98 -1.14 -13.53
N GLY A 88 -1.39 -1.36 -14.70
CA GLY A 88 -2.11 -1.16 -15.94
C GLY A 88 -1.95 0.24 -16.45
N GLU A 89 -3.05 0.85 -16.84
CA GLU A 89 -3.06 2.23 -17.27
C GLU A 89 -4.32 2.94 -16.80
N PRO A 90 -4.46 3.13 -15.47
CA PRO A 90 -5.62 3.79 -14.89
C PRO A 90 -5.59 5.29 -15.14
N THR A 91 -6.72 5.84 -15.52
CA THR A 91 -6.82 7.28 -15.81
C THR A 91 -6.93 8.08 -14.52
N LEU A 92 -5.97 7.89 -13.64
CA LEU A 92 -5.93 8.57 -12.36
C LEU A 92 -5.70 10.06 -12.54
N MET A 93 -6.59 10.86 -11.97
CA MET A 93 -6.48 12.32 -12.07
C MET A 93 -5.30 12.81 -11.23
N GLY A 94 -4.63 13.84 -11.72
CA GLY A 94 -3.50 14.40 -11.02
C GLY A 94 -3.91 15.30 -9.88
N GLY A 95 -2.95 15.71 -9.08
CA GLY A 95 -3.25 16.59 -7.96
C GLY A 95 -2.01 17.31 -7.48
N GLU A 96 -1.91 17.50 -6.18
CA GLU A 96 -0.77 18.17 -5.59
C GLU A 96 0.19 17.15 -4.98
N PHE A 97 1.13 17.65 -4.18
CA PHE A 97 2.06 16.80 -3.45
C PHE A 97 1.35 16.18 -2.26
N GLY A 98 0.99 14.91 -2.40
CA GLY A 98 0.16 14.26 -1.41
C GLY A 98 0.95 13.65 -0.28
N ASP A 99 1.00 14.36 0.83
CA ASP A 99 1.55 13.81 2.07
C ASP A 99 0.51 12.91 2.71
N GLU A 100 -0.75 13.31 2.58
CA GLU A 100 -1.86 12.49 3.05
C GLU A 100 -2.46 11.71 1.90
N ASP A 101 -1.62 11.39 0.92
CA ASP A 101 -2.05 10.64 -0.26
C ASP A 101 -1.91 9.14 -0.02
N GLU A 102 -1.48 8.79 1.18
CA GLU A 102 -1.26 7.40 1.54
C GLU A 102 -2.59 6.65 1.65
N ARG A 103 -2.73 5.63 0.83
CA ARG A 103 -3.95 4.86 0.76
C ARG A 103 -3.86 3.64 1.66
N LEU A 104 -4.48 2.55 1.25
CA LEU A 104 -4.56 1.35 2.09
C LEU A 104 -3.82 0.16 1.48
N ILE A 105 -3.30 -0.70 2.34
CA ILE A 105 -2.74 -1.97 1.92
C ILE A 105 -3.22 -3.06 2.88
N THR A 106 -3.94 -4.03 2.35
CA THR A 106 -4.50 -5.09 3.19
C THR A 106 -3.53 -6.26 3.27
N ARG A 107 -2.63 -6.19 4.23
CA ARG A 107 -1.66 -7.26 4.43
C ARG A 107 -2.16 -8.20 5.50
N LEU A 108 -3.03 -9.11 5.11
CA LEU A 108 -3.60 -10.05 6.06
C LEU A 108 -3.38 -11.49 5.60
N GLU A 109 -2.42 -12.14 6.22
CA GLU A 109 -2.11 -13.53 5.93
C GLU A 109 -3.16 -14.44 6.56
N ASN A 110 -3.29 -15.63 6.02
CA ASN A 110 -4.25 -16.61 6.54
C ASN A 110 -3.96 -16.92 8.01
N THR A 111 -2.68 -16.99 8.34
CA THR A 111 -2.25 -17.29 9.70
C THR A 111 -2.27 -16.05 10.58
N GLN A 112 -2.51 -14.89 9.98
CA GLN A 112 -2.57 -13.64 10.73
C GLN A 112 -4.00 -13.30 11.11
N PHE A 113 -4.93 -14.17 10.72
CA PHE A 113 -6.34 -13.94 10.99
C PHE A 113 -6.71 -14.44 12.39
N ASP A 114 -5.93 -15.37 12.91
CA ASP A 114 -6.22 -15.96 14.22
C ASP A 114 -4.95 -16.38 14.94
N ALA A 115 -4.09 -17.11 14.23
CA ALA A 115 -2.85 -17.63 14.83
C ALA A 115 -1.96 -16.48 15.28
N ALA A 116 -1.59 -15.61 14.36
CA ALA A 116 -0.83 -14.42 14.68
C ALA A 116 -1.76 -13.22 14.75
N ASN A 117 -1.35 -12.21 15.53
CA ASN A 117 -2.13 -10.98 15.72
C ASN A 117 -3.43 -11.26 16.47
N GLY A 118 -4.42 -11.82 15.79
CA GLY A 118 -5.67 -12.16 16.42
C GLY A 118 -6.85 -11.52 15.72
N ILE A 119 -6.73 -10.23 15.43
CA ILE A 119 -7.79 -9.49 14.77
C ILE A 119 -7.24 -8.19 14.18
N ASP A 120 -7.87 -7.71 13.12
CA ASP A 120 -7.41 -6.50 12.46
C ASP A 120 -8.58 -5.55 12.24
N ASP A 121 -8.28 -4.34 11.81
CA ASP A 121 -9.31 -3.34 11.53
C ASP A 121 -9.84 -3.50 10.10
N GLU A 122 -10.41 -4.67 9.84
CA GLU A 122 -10.91 -4.98 8.51
C GLU A 122 -12.36 -5.43 8.58
ZN ZN B . 1.25 -12.29 -7.53
ZN ZN C . 9.65 2.44 -4.23
N GLY A 1 -18.08 -11.16 -0.54
CA GLY A 1 -18.06 -9.72 -0.88
C GLY A 1 -19.14 -9.38 -1.89
N SER A 2 -18.74 -8.74 -2.98
CA SER A 2 -19.69 -8.39 -4.03
C SER A 2 -19.10 -8.77 -5.39
N LEU A 3 -19.11 -10.08 -5.66
CA LEU A 3 -18.47 -10.64 -6.86
C LEU A 3 -16.97 -10.41 -6.81
N SER A 4 -16.45 -10.35 -5.60
CA SER A 4 -15.03 -10.14 -5.37
C SER A 4 -14.36 -11.43 -4.91
N TRP A 5 -13.48 -11.96 -5.74
CA TRP A 5 -12.81 -13.21 -5.43
C TRP A 5 -11.33 -12.98 -5.20
N LYS A 6 -10.75 -13.79 -4.32
CA LYS A 6 -9.34 -13.67 -3.95
C LYS A 6 -8.43 -13.99 -5.14
N ARG A 7 -8.25 -13.01 -6.01
CA ARG A 7 -7.36 -13.15 -7.15
C ARG A 7 -6.28 -12.09 -7.12
N CYS A 8 -5.11 -12.46 -7.61
CA CYS A 8 -3.98 -11.56 -7.68
C CYS A 8 -4.01 -10.76 -8.97
N ALA A 9 -3.60 -9.51 -8.88
CA ALA A 9 -3.48 -8.65 -10.03
C ALA A 9 -2.02 -8.49 -10.41
N GLY A 10 -1.16 -9.20 -9.69
CA GLY A 10 0.26 -9.08 -9.91
C GLY A 10 0.81 -10.14 -10.85
N CYS A 11 0.33 -11.37 -10.71
CA CYS A 11 0.83 -12.46 -11.53
C CYS A 11 -0.26 -13.05 -12.41
N GLY A 12 -0.97 -14.03 -11.89
CA GLY A 12 -1.96 -14.74 -12.67
C GLY A 12 -3.39 -14.46 -12.25
N GLY A 13 -4.05 -15.47 -11.73
CA GLY A 13 -5.45 -15.34 -11.39
C GLY A 13 -5.71 -15.49 -9.90
N LYS A 14 -6.52 -16.49 -9.56
CA LYS A 14 -6.91 -16.72 -8.17
C LYS A 14 -5.70 -17.06 -7.30
N ILE A 15 -5.68 -16.49 -6.10
CA ILE A 15 -4.59 -16.71 -5.18
C ILE A 15 -4.85 -17.96 -4.35
N ALA A 16 -4.14 -19.03 -4.68
CA ALA A 16 -4.24 -20.26 -3.94
C ALA A 16 -3.30 -20.22 -2.74
N ASP A 17 -2.51 -19.16 -2.68
CA ASP A 17 -1.60 -18.93 -1.57
C ASP A 17 -2.38 -18.63 -0.30
N ARG A 18 -1.82 -18.98 0.83
CA ARG A 18 -2.46 -18.69 2.11
C ARG A 18 -2.00 -17.34 2.63
N PHE A 19 -0.88 -16.87 2.10
CA PHE A 19 -0.38 -15.55 2.46
C PHE A 19 -0.43 -14.63 1.25
N LEU A 20 -1.24 -13.59 1.34
CA LEU A 20 -1.43 -12.67 0.23
C LEU A 20 -1.68 -11.26 0.74
N LEU A 21 -1.82 -10.31 -0.17
CA LEU A 21 -2.00 -8.92 0.22
C LEU A 21 -3.16 -8.32 -0.58
N TYR A 22 -3.77 -7.28 -0.06
CA TYR A 22 -4.87 -6.62 -0.74
C TYR A 22 -4.52 -5.15 -0.93
N ALA A 23 -4.68 -4.64 -2.14
CA ALA A 23 -4.28 -3.26 -2.41
C ALA A 23 -5.07 -2.66 -3.56
N MET A 24 -5.48 -1.40 -3.37
CA MET A 24 -6.17 -0.62 -4.41
C MET A 24 -7.45 -1.32 -4.86
N ASP A 25 -8.14 -1.92 -3.90
CA ASP A 25 -9.40 -2.62 -4.14
C ASP A 25 -9.21 -3.86 -5.02
N SER A 26 -7.96 -4.25 -5.19
CA SER A 26 -7.64 -5.51 -5.86
C SER A 26 -6.82 -6.36 -4.91
N TYR A 27 -6.74 -7.65 -5.18
CA TYR A 27 -5.95 -8.53 -4.33
C TYR A 27 -4.65 -8.89 -5.03
N TRP A 28 -3.62 -9.15 -4.25
CA TRP A 28 -2.26 -9.32 -4.75
C TRP A 28 -1.53 -10.40 -3.96
N HIS A 29 -0.29 -10.64 -4.35
CA HIS A 29 0.62 -11.40 -3.52
C HIS A 29 1.53 -10.43 -2.80
N SER A 30 2.20 -10.89 -1.77
CA SER A 30 3.18 -10.07 -1.07
C SER A 30 4.35 -9.76 -2.01
N ARG A 31 4.66 -10.73 -2.85
CA ARG A 31 5.75 -10.61 -3.82
C ARG A 31 5.28 -9.94 -5.11
N CYS A 32 3.97 -9.89 -5.32
CA CYS A 32 3.41 -9.30 -6.54
C CYS A 32 3.06 -7.84 -6.34
N LEU A 33 2.70 -7.47 -5.12
CA LEU A 33 2.46 -6.07 -4.80
C LEU A 33 3.79 -5.40 -4.50
N LYS A 34 4.41 -4.92 -5.55
CA LYS A 34 5.75 -4.36 -5.45
C LYS A 34 5.79 -2.97 -6.06
N CYS A 35 6.72 -2.15 -5.58
CA CYS A 35 6.93 -0.85 -6.14
C CYS A 35 7.45 -0.97 -7.56
N SER A 36 7.17 0.02 -8.39
CA SER A 36 7.70 0.03 -9.74
C SER A 36 9.17 0.43 -9.73
N SER A 37 9.61 0.99 -8.61
CA SER A 37 11.00 1.42 -8.47
C SER A 37 11.75 0.55 -7.47
N CYS A 38 11.06 0.16 -6.41
CA CYS A 38 11.70 -0.57 -5.31
C CYS A 38 11.40 -2.06 -5.32
N GLN A 39 10.14 -2.40 -5.61
CA GLN A 39 9.64 -3.78 -5.58
C GLN A 39 9.44 -4.27 -4.13
N ALA A 40 10.33 -3.88 -3.24
CA ALA A 40 10.25 -4.35 -1.85
C ALA A 40 9.61 -3.32 -0.93
N GLN A 41 9.72 -2.06 -1.30
CA GLN A 41 9.28 -0.96 -0.44
C GLN A 41 7.78 -0.98 -0.17
N LEU A 42 7.02 -1.58 -1.07
CA LEU A 42 5.56 -1.61 -0.95
C LEU A 42 5.11 -2.30 0.33
N GLY A 43 5.90 -3.27 0.78
CA GLY A 43 5.59 -3.97 2.00
C GLY A 43 6.76 -3.99 2.95
N ASP A 44 7.52 -2.91 2.99
CA ASP A 44 8.71 -2.83 3.85
C ASP A 44 8.61 -1.66 4.82
N ILE A 45 8.57 -0.46 4.27
CA ILE A 45 8.53 0.76 5.08
C ILE A 45 7.12 1.07 5.56
N GLY A 46 6.40 0.03 5.96
CA GLY A 46 5.01 0.20 6.32
C GLY A 46 4.13 0.06 5.11
N THR A 47 3.05 -0.69 5.23
CA THR A 47 2.23 -0.98 4.08
C THR A 47 1.34 0.21 3.75
N SER A 48 1.72 0.93 2.70
CA SER A 48 1.00 2.13 2.27
C SER A 48 1.34 2.46 0.83
N SER A 49 0.35 2.36 -0.05
CA SER A 49 0.56 2.65 -1.46
C SER A 49 -0.12 3.97 -1.84
N TYR A 50 0.15 4.46 -3.05
CA TYR A 50 -0.42 5.71 -3.50
C TYR A 50 -0.86 5.61 -4.96
N THR A 51 -2.15 5.80 -5.20
CA THR A 51 -2.71 5.65 -6.53
C THR A 51 -2.65 6.96 -7.31
N LYS A 52 -1.69 7.06 -8.23
CA LYS A 52 -1.60 8.20 -9.14
C LYS A 52 -0.81 7.78 -10.37
N SER A 53 -1.22 8.29 -11.54
CA SER A 53 -0.55 7.99 -12.81
C SER A 53 -0.68 6.52 -13.21
N GLY A 54 -1.43 5.74 -12.43
CA GLY A 54 -1.54 4.32 -12.69
C GLY A 54 -0.23 3.60 -12.44
N MET A 55 0.68 4.28 -11.76
CA MET A 55 2.01 3.75 -11.51
C MET A 55 2.19 3.46 -10.03
N ILE A 56 2.40 2.20 -9.70
CA ILE A 56 2.48 1.77 -8.31
C ILE A 56 3.75 2.31 -7.65
N LEU A 57 3.58 3.20 -6.68
CA LEU A 57 4.71 3.76 -5.94
C LEU A 57 4.58 3.41 -4.46
N CYS A 58 5.68 3.53 -3.75
CA CYS A 58 5.66 3.39 -2.31
C CYS A 58 5.31 4.73 -1.68
N ARG A 59 5.15 4.72 -0.37
CA ARG A 59 4.85 5.94 0.36
C ARG A 59 6.03 6.92 0.30
N ASN A 60 7.23 6.36 0.17
CA ASN A 60 8.45 7.17 0.11
C ASN A 60 8.69 7.70 -1.30
N ASP A 61 8.40 6.88 -2.31
CA ASP A 61 8.62 7.27 -3.69
C ASP A 61 7.62 8.35 -4.10
N TYR A 62 6.47 8.33 -3.46
CA TYR A 62 5.49 9.38 -3.67
C TYR A 62 6.08 10.73 -3.30
N ILE A 63 6.71 10.80 -2.14
CA ILE A 63 7.35 12.03 -1.70
C ILE A 63 8.60 12.32 -2.52
N ARG A 64 9.20 11.26 -3.05
CA ARG A 64 10.39 11.38 -3.88
C ARG A 64 10.10 12.16 -5.16
N LEU A 65 9.02 11.81 -5.84
CA LEU A 65 8.71 12.40 -7.13
C LEU A 65 7.57 13.41 -7.05
N PHE A 66 6.54 13.07 -6.30
CA PHE A 66 5.34 13.92 -6.21
C PHE A 66 5.40 14.84 -5.00
N GLY A 67 6.25 14.49 -4.03
CA GLY A 67 6.34 15.26 -2.81
C GLY A 67 7.11 16.55 -2.98
N ASN A 68 6.48 17.53 -3.61
CA ASN A 68 7.15 18.80 -3.86
C ASN A 68 6.31 19.98 -3.36
N SER A 69 5.19 19.68 -2.73
CA SER A 69 4.28 20.70 -2.23
C SER A 69 4.77 21.30 -0.91
N GLY A 70 5.54 20.51 -0.17
CA GLY A 70 6.05 20.97 1.11
C GLY A 70 5.12 20.63 2.25
N ALA A 71 5.61 19.83 3.18
CA ALA A 71 4.83 19.43 4.34
C ALA A 71 5.61 19.70 5.62
N GLY A 72 4.91 19.65 6.74
CA GLY A 72 5.54 19.85 8.02
C GLY A 72 5.42 18.63 8.91
N GLY A 73 6.52 17.89 9.04
CA GLY A 73 6.51 16.67 9.83
C GLY A 73 6.36 16.93 11.31
N SER A 74 6.58 18.17 11.73
CA SER A 74 6.43 18.55 13.13
C SER A 74 4.97 18.79 13.49
N GLY A 75 4.15 17.78 13.29
CA GLY A 75 2.75 17.88 13.60
C GLY A 75 2.11 16.51 13.74
N GLY A 76 1.70 15.94 12.62
CA GLY A 76 1.19 14.58 12.63
C GLY A 76 2.32 13.58 12.69
N HIS A 77 2.21 12.62 13.60
CA HIS A 77 3.25 11.62 13.78
C HIS A 77 3.12 10.50 12.75
N MET A 78 3.14 10.87 11.48
CA MET A 78 3.03 9.91 10.38
C MET A 78 4.17 10.09 9.40
N GLY A 79 5.26 10.69 9.88
CA GLY A 79 6.40 10.95 9.03
C GLY A 79 6.34 12.30 8.36
N SER A 80 5.72 12.36 7.20
CA SER A 80 5.60 13.59 6.45
C SER A 80 4.57 14.52 7.07
N GLY A 81 3.65 13.93 7.84
CA GLY A 81 2.61 14.71 8.48
C GLY A 81 1.36 13.90 8.67
N GLY A 82 0.48 13.92 7.68
CA GLY A 82 -0.74 13.16 7.74
C GLY A 82 -1.78 13.81 8.63
N ASP A 83 -1.53 13.78 9.94
CA ASP A 83 -2.43 14.34 10.93
C ASP A 83 -3.77 13.62 10.91
N VAL A 84 -3.73 12.33 10.65
CA VAL A 84 -4.93 11.50 10.65
C VAL A 84 -5.38 11.23 12.07
N MET A 85 -6.68 10.98 12.24
CA MET A 85 -7.28 10.75 13.56
C MET A 85 -7.21 12.01 14.41
N VAL A 86 -7.14 13.16 13.75
CA VAL A 86 -7.09 14.44 14.45
C VAL A 86 -8.46 14.79 15.05
N VAL A 87 -8.44 15.42 16.21
CA VAL A 87 -9.67 15.76 16.91
C VAL A 87 -10.16 17.14 16.51
N GLY A 88 -11.44 17.40 16.73
CA GLY A 88 -12.03 18.65 16.34
C GLY A 88 -12.63 18.58 14.95
N GLU A 89 -11.78 18.35 13.97
CA GLU A 89 -12.23 18.16 12.60
C GLU A 89 -11.89 16.74 12.14
N PRO A 90 -12.90 15.90 11.92
CA PRO A 90 -12.71 14.49 11.59
C PRO A 90 -12.18 14.28 10.17
N THR A 91 -11.17 13.41 10.04
CA THR A 91 -10.59 13.04 8.75
C THR A 91 -10.13 14.27 7.97
N LEU A 92 -9.12 14.94 8.50
CA LEU A 92 -8.53 16.08 7.82
C LEU A 92 -7.12 15.73 7.32
N MET A 93 -6.72 16.34 6.21
CA MET A 93 -5.41 16.10 5.63
C MET A 93 -4.52 17.32 5.83
N GLY A 94 -4.35 17.71 7.08
CA GLY A 94 -3.56 18.89 7.39
C GLY A 94 -2.10 18.69 7.06
N GLY A 95 -1.63 17.47 7.27
CA GLY A 95 -0.27 17.14 6.91
C GLY A 95 -0.18 16.59 5.50
N GLU A 96 0.63 17.23 4.67
CA GLU A 96 0.79 16.80 3.29
C GLU A 96 1.62 15.53 3.22
N PHE A 97 1.46 14.78 2.13
CA PHE A 97 2.15 13.49 1.93
C PHE A 97 1.80 12.52 3.05
N GLY A 98 0.64 12.73 3.65
CA GLY A 98 0.18 11.87 4.72
C GLY A 98 -1.27 11.48 4.53
N ASP A 99 -1.47 10.28 4.00
CA ASP A 99 -2.80 9.79 3.66
C ASP A 99 -3.48 10.69 2.63
N GLU A 100 -2.75 10.99 1.57
CA GLU A 100 -3.33 11.72 0.44
C GLU A 100 -4.23 10.77 -0.35
N ASP A 101 -3.93 9.49 -0.19
CA ASP A 101 -4.66 8.40 -0.81
C ASP A 101 -4.05 7.09 -0.33
N GLU A 102 -3.96 6.95 0.98
CA GLU A 102 -3.22 5.84 1.57
C GLU A 102 -4.18 4.73 2.03
N ARG A 103 -3.70 3.89 2.94
CA ARG A 103 -4.50 2.83 3.55
C ARG A 103 -5.11 1.91 2.50
N LEU A 104 -4.41 1.76 1.37
CA LEU A 104 -4.89 0.91 0.29
C LEU A 104 -4.47 -0.53 0.48
N ILE A 105 -3.40 -0.74 1.23
CA ILE A 105 -2.86 -2.07 1.43
C ILE A 105 -3.43 -2.73 2.68
N THR A 106 -4.09 -3.85 2.47
CA THR A 106 -4.63 -4.66 3.53
C THR A 106 -3.76 -5.91 3.73
N ARG A 107 -3.34 -6.16 4.96
CA ARG A 107 -2.55 -7.35 5.26
C ARG A 107 -3.40 -8.34 6.04
N LEU A 108 -3.88 -9.37 5.35
CA LEU A 108 -4.73 -10.37 5.98
C LEU A 108 -4.47 -11.74 5.37
N GLU A 109 -3.76 -12.56 6.12
CA GLU A 109 -3.46 -13.92 5.70
C GLU A 109 -4.73 -14.77 5.72
N ASN A 110 -4.65 -15.97 5.13
CA ASN A 110 -5.81 -16.86 5.04
C ASN A 110 -6.53 -16.96 6.37
N THR A 111 -7.67 -16.28 6.46
CA THR A 111 -8.45 -16.17 7.69
C THR A 111 -7.80 -15.19 8.67
N GLN A 112 -6.52 -15.38 8.93
CA GLN A 112 -5.72 -14.53 9.83
C GLN A 112 -6.21 -14.66 11.27
N PHE A 113 -7.36 -14.05 11.57
CA PHE A 113 -7.95 -14.10 12.90
C PHE A 113 -8.21 -15.54 13.33
N ASP A 114 -7.42 -16.00 14.30
CA ASP A 114 -7.55 -17.36 14.85
C ASP A 114 -7.32 -18.41 13.79
N ALA A 115 -6.37 -18.16 12.89
CA ALA A 115 -6.04 -19.12 11.86
C ALA A 115 -4.78 -19.90 12.23
N ALA A 116 -4.82 -21.21 12.05
CA ALA A 116 -3.71 -22.08 12.42
C ALA A 116 -2.61 -22.04 11.37
N ASN A 117 -3.00 -21.91 10.10
CA ASN A 117 -2.03 -21.85 9.02
C ASN A 117 -1.86 -20.42 8.54
N GLY A 118 -2.95 -19.69 8.45
CA GLY A 118 -2.89 -18.28 8.10
C GLY A 118 -2.57 -17.41 9.29
N ILE A 119 -1.45 -17.70 9.95
CA ILE A 119 -1.07 -16.98 11.15
C ILE A 119 -0.39 -15.66 10.80
N ASP A 120 0.64 -15.73 9.95
CA ASP A 120 1.40 -14.55 9.56
C ASP A 120 2.30 -14.89 8.39
N ASP A 121 3.03 -13.91 7.89
CA ASP A 121 4.00 -14.12 6.82
C ASP A 121 5.30 -13.42 7.13
N GLU A 122 5.20 -12.20 7.63
CA GLU A 122 6.37 -11.41 8.00
C GLU A 122 6.14 -10.75 9.35
ZN ZN B . 0.54 -12.89 -7.53
ZN ZN C . 9.36 2.75 -4.20
N GLY A 1 -22.29 -6.74 -11.62
CA GLY A 1 -22.16 -8.08 -10.97
C GLY A 1 -20.77 -8.65 -11.13
N SER A 2 -20.50 -9.75 -10.45
CA SER A 2 -19.19 -10.39 -10.53
C SER A 2 -19.02 -11.07 -11.88
N LEU A 3 -17.78 -11.11 -12.36
CA LEU A 3 -17.48 -11.71 -13.65
C LEU A 3 -16.29 -12.65 -13.55
N SER A 4 -15.17 -12.12 -13.10
CA SER A 4 -13.96 -12.91 -12.95
C SER A 4 -13.43 -12.82 -11.52
N TRP A 5 -12.43 -13.63 -11.19
CA TRP A 5 -11.85 -13.63 -9.87
C TRP A 5 -10.98 -12.39 -9.67
N LYS A 6 -10.70 -12.07 -8.41
CA LYS A 6 -9.91 -10.90 -8.08
C LYS A 6 -8.52 -10.99 -8.69
N ARG A 7 -7.88 -12.10 -8.38
CA ARG A 7 -6.55 -12.42 -8.91
C ARG A 7 -5.50 -11.43 -8.45
N CYS A 8 -4.24 -11.78 -8.64
CA CYS A 8 -3.14 -10.89 -8.29
C CYS A 8 -2.96 -9.84 -9.38
N ALA A 9 -2.85 -8.60 -8.97
CA ALA A 9 -2.59 -7.50 -9.88
C ALA A 9 -1.10 -7.20 -9.94
N GLY A 10 -0.31 -8.06 -9.28
CA GLY A 10 1.13 -7.88 -9.26
C GLY A 10 1.82 -8.73 -10.30
N CYS A 11 1.35 -9.95 -10.50
CA CYS A 11 1.92 -10.82 -11.51
C CYS A 11 0.86 -11.25 -12.52
N GLY A 12 0.27 -12.40 -12.26
CA GLY A 12 -0.74 -12.94 -13.13
C GLY A 12 -1.09 -14.35 -12.70
N GLY A 13 -1.66 -14.46 -11.51
CA GLY A 13 -1.97 -15.75 -10.96
C GLY A 13 -3.08 -15.67 -9.94
N LYS A 14 -4.15 -16.38 -10.21
CA LYS A 14 -5.31 -16.38 -9.34
C LYS A 14 -4.96 -16.96 -7.98
N ILE A 15 -4.64 -16.09 -7.04
CA ILE A 15 -4.21 -16.52 -5.71
C ILE A 15 -5.35 -17.22 -4.97
N ALA A 16 -5.25 -18.53 -4.89
CA ALA A 16 -6.25 -19.33 -4.21
C ALA A 16 -5.87 -19.54 -2.75
N ASP A 17 -4.66 -19.13 -2.41
CA ASP A 17 -4.15 -19.25 -1.05
C ASP A 17 -4.94 -18.42 -0.07
N ARG A 18 -4.94 -18.84 1.19
CA ARG A 18 -5.65 -18.15 2.25
C ARG A 18 -4.80 -16.99 2.80
N PHE A 19 -3.65 -16.77 2.18
CA PHE A 19 -2.74 -15.71 2.57
C PHE A 19 -2.50 -14.77 1.40
N LEU A 20 -3.33 -13.75 1.26
CA LEU A 20 -3.21 -12.82 0.14
C LEU A 20 -3.25 -11.38 0.64
N LEU A 21 -2.80 -10.47 -0.22
CA LEU A 21 -2.86 -9.04 0.07
C LEU A 21 -4.02 -8.43 -0.69
N TYR A 22 -4.65 -7.43 -0.11
CA TYR A 22 -5.82 -6.80 -0.71
C TYR A 22 -5.51 -5.35 -1.04
N ALA A 23 -5.65 -4.98 -2.30
CA ALA A 23 -5.46 -3.60 -2.70
C ALA A 23 -6.27 -3.26 -3.94
N MET A 24 -7.06 -2.18 -3.83
CA MET A 24 -7.94 -1.72 -4.92
C MET A 24 -8.99 -2.77 -5.24
N ASP A 25 -9.48 -3.44 -4.19
CA ASP A 25 -10.48 -4.52 -4.33
C ASP A 25 -9.95 -5.69 -5.14
N SER A 26 -8.64 -5.68 -5.39
CA SER A 26 -7.98 -6.78 -6.05
C SER A 26 -6.96 -7.40 -5.09
N TYR A 27 -6.39 -8.53 -5.48
CA TYR A 27 -5.46 -9.22 -4.62
C TYR A 27 -4.04 -9.08 -5.15
N TRP A 28 -3.08 -9.22 -4.25
CA TRP A 28 -1.68 -9.04 -4.58
C TRP A 28 -0.83 -10.07 -3.85
N HIS A 29 0.39 -10.24 -4.33
CA HIS A 29 1.38 -11.00 -3.59
C HIS A 29 2.25 -10.02 -2.82
N SER A 30 2.99 -10.50 -1.85
CA SER A 30 3.85 -9.64 -1.06
C SER A 30 4.95 -9.03 -1.93
N ARG A 31 5.53 -9.84 -2.80
CA ARG A 31 6.58 -9.39 -3.71
C ARG A 31 5.99 -8.71 -4.94
N CYS A 32 4.69 -8.90 -5.15
CA CYS A 32 4.00 -8.31 -6.29
C CYS A 32 3.56 -6.89 -5.97
N LEU A 33 3.13 -6.68 -4.74
CA LEU A 33 2.84 -5.33 -4.27
C LEU A 33 4.14 -4.69 -3.83
N LYS A 34 4.97 -4.41 -4.82
CA LYS A 34 6.32 -3.92 -4.59
C LYS A 34 6.52 -2.58 -5.22
N CYS A 35 7.59 -1.95 -4.80
CA CYS A 35 8.06 -0.70 -5.32
C CYS A 35 7.96 -0.68 -6.85
N SER A 36 7.20 0.27 -7.39
CA SER A 36 6.90 0.32 -8.81
C SER A 36 8.14 0.39 -9.69
N SER A 37 9.06 1.27 -9.31
CA SER A 37 10.23 1.52 -10.14
C SER A 37 11.52 1.13 -9.40
N CYS A 38 11.42 1.06 -8.09
CA CYS A 38 12.57 0.86 -7.25
C CYS A 38 12.75 -0.62 -6.88
N GLN A 39 11.67 -1.38 -7.07
CA GLN A 39 11.64 -2.83 -6.86
C GLN A 39 12.12 -3.27 -5.47
N ALA A 40 12.00 -2.40 -4.48
CA ALA A 40 12.23 -2.81 -3.11
C ALA A 40 10.95 -3.44 -2.56
N GLN A 41 10.86 -3.53 -1.25
CA GLN A 41 9.67 -4.06 -0.60
C GLN A 41 8.81 -2.92 -0.07
N LEU A 42 7.59 -2.81 -0.57
CA LEU A 42 6.70 -1.70 -0.19
C LEU A 42 6.44 -1.69 1.31
N GLY A 43 5.86 -2.78 1.82
CA GLY A 43 5.50 -2.85 3.22
C GLY A 43 6.65 -3.31 4.10
N ASP A 44 7.85 -2.84 3.82
CA ASP A 44 9.02 -3.20 4.61
C ASP A 44 9.49 -2.02 5.45
N ILE A 45 9.18 -0.82 5.00
CA ILE A 45 9.55 0.38 5.73
C ILE A 45 8.28 1.08 6.23
N GLY A 46 7.20 0.34 6.22
CA GLY A 46 5.91 0.90 6.59
C GLY A 46 4.88 0.62 5.51
N THR A 47 3.77 0.00 5.88
CA THR A 47 2.80 -0.42 4.89
C THR A 47 1.91 0.73 4.44
N SER A 48 2.21 1.25 3.25
CA SER A 48 1.40 2.29 2.63
C SER A 48 1.71 2.39 1.14
N SER A 49 0.75 2.02 0.33
CA SER A 49 0.90 2.09 -1.11
C SER A 49 0.12 3.28 -1.66
N TYR A 50 0.71 3.97 -2.62
CA TYR A 50 0.09 5.15 -3.19
C TYR A 50 -0.54 4.84 -4.54
N THR A 51 -1.83 5.10 -4.64
CA THR A 51 -2.56 4.87 -5.87
C THR A 51 -2.68 6.16 -6.68
N LYS A 52 -1.89 6.26 -7.74
CA LYS A 52 -1.90 7.43 -8.59
C LYS A 52 -1.45 7.07 -9.99
N SER A 53 -2.08 7.69 -10.99
CA SER A 53 -1.77 7.43 -12.39
C SER A 53 -2.12 6.00 -12.80
N GLY A 54 -3.01 5.38 -12.03
CA GLY A 54 -3.37 3.99 -12.28
C GLY A 54 -2.27 3.05 -11.84
N MET A 55 -1.28 3.59 -11.15
CA MET A 55 -0.15 2.80 -10.68
C MET A 55 -0.05 2.90 -9.16
N ILE A 56 0.78 2.05 -8.58
CA ILE A 56 0.95 2.01 -7.13
C ILE A 56 2.41 2.19 -6.76
N LEU A 57 2.70 3.21 -5.97
CA LEU A 57 4.05 3.47 -5.50
C LEU A 57 4.16 3.26 -4.01
N CYS A 58 5.34 3.55 -3.55
CA CYS A 58 5.74 3.43 -2.18
C CYS A 58 5.53 4.75 -1.44
N ARG A 59 5.22 4.67 -0.16
CA ARG A 59 5.13 5.88 0.66
C ARG A 59 6.50 6.54 0.75
N ASN A 60 7.53 5.75 0.51
CA ASN A 60 8.90 6.22 0.57
C ASN A 60 9.34 6.88 -0.73
N ASP A 61 8.92 6.34 -1.87
CA ASP A 61 9.48 6.76 -3.15
C ASP A 61 8.48 7.61 -3.95
N TYR A 62 7.21 7.56 -3.56
CA TYR A 62 6.19 8.41 -4.17
C TYR A 62 6.59 9.88 -4.09
N ILE A 63 7.33 10.23 -3.05
CA ILE A 63 7.78 11.61 -2.83
C ILE A 63 8.83 12.01 -3.86
N ARG A 64 9.41 11.03 -4.55
CA ARG A 64 10.39 11.30 -5.60
C ARG A 64 9.73 11.23 -6.98
N LEU A 65 8.44 10.91 -6.98
CA LEU A 65 7.67 10.85 -8.22
C LEU A 65 6.67 11.99 -8.28
N PHE A 66 5.88 12.14 -7.21
CA PHE A 66 4.85 13.17 -7.16
C PHE A 66 4.98 13.97 -5.87
N GLY A 67 6.21 14.17 -5.42
CA GLY A 67 6.42 14.90 -4.19
C GLY A 67 7.47 15.98 -4.34
N ASN A 68 8.02 16.41 -3.21
CA ASN A 68 9.03 17.46 -3.19
C ASN A 68 10.08 17.16 -2.13
N SER A 69 11.04 18.06 -1.96
CA SER A 69 12.10 17.87 -0.98
C SER A 69 11.69 18.41 0.38
N GLY A 70 11.02 19.56 0.37
CA GLY A 70 10.56 20.18 1.61
C GLY A 70 9.28 19.54 2.13
N ALA A 71 9.34 18.25 2.37
CA ALA A 71 8.19 17.52 2.88
C ALA A 71 8.46 17.01 4.28
N GLY A 72 7.65 17.44 5.23
CA GLY A 72 7.81 17.01 6.60
C GLY A 72 6.49 16.94 7.32
N GLY A 73 6.44 16.23 8.43
CA GLY A 73 5.23 16.11 9.20
C GLY A 73 5.01 17.30 10.12
N SER A 74 4.84 18.46 9.51
CA SER A 74 4.71 19.71 10.25
C SER A 74 3.38 19.80 11.00
N GLY A 75 2.35 19.16 10.46
CA GLY A 75 1.05 19.22 11.08
C GLY A 75 0.65 17.92 11.75
N GLY A 76 -0.10 18.02 12.82
CA GLY A 76 -0.58 16.86 13.53
C GLY A 76 -1.80 16.24 12.86
N HIS A 77 -1.64 15.83 11.61
CA HIS A 77 -2.72 15.20 10.87
C HIS A 77 -2.22 13.96 10.14
N MET A 78 -1.22 13.31 10.74
CA MET A 78 -0.69 12.07 10.18
C MET A 78 -1.59 10.91 10.53
N GLY A 79 -2.63 10.71 9.72
CA GLY A 79 -3.60 9.67 10.00
C GLY A 79 -3.05 8.29 9.72
N SER A 80 -2.55 8.09 8.51
CA SER A 80 -1.99 6.83 8.11
C SER A 80 -0.55 6.68 8.61
N GLY A 81 -0.33 5.70 9.46
CA GLY A 81 0.98 5.49 10.02
C GLY A 81 1.00 4.32 10.98
N GLY A 82 2.19 3.94 11.41
CA GLY A 82 2.32 2.83 12.35
C GLY A 82 1.76 3.16 13.71
N ASP A 83 2.39 4.11 14.39
CA ASP A 83 1.94 4.54 15.71
C ASP A 83 2.37 5.97 15.96
N VAL A 84 1.68 6.64 16.87
CA VAL A 84 2.05 8.00 17.26
C VAL A 84 3.28 7.96 18.16
N MET A 85 3.40 6.91 18.94
CA MET A 85 4.57 6.71 19.79
C MET A 85 5.45 5.60 19.24
N VAL A 86 5.93 5.80 18.02
CA VAL A 86 6.76 4.81 17.34
C VAL A 86 8.15 4.72 17.97
N VAL A 87 8.38 3.64 18.72
CA VAL A 87 9.65 3.40 19.40
C VAL A 87 10.02 4.58 20.29
N GLY A 88 11.09 5.28 19.93
CA GLY A 88 11.52 6.44 20.68
C GLY A 88 12.07 7.51 19.80
N GLU A 89 11.46 7.70 18.63
CA GLU A 89 11.91 8.68 17.67
C GLU A 89 10.79 9.66 17.34
N PRO A 90 10.85 10.87 17.92
CA PRO A 90 9.82 11.89 17.77
C PRO A 90 9.56 12.28 16.31
N THR A 91 8.37 11.96 15.83
CA THR A 91 7.94 12.32 14.47
C THR A 91 8.87 11.74 13.40
N LEU A 92 9.55 10.65 13.73
CA LEU A 92 10.44 9.99 12.77
C LEU A 92 9.69 8.88 12.04
N MET A 93 8.53 9.21 11.52
CA MET A 93 7.72 8.27 10.76
C MET A 93 7.31 8.91 9.44
N GLY A 94 6.70 8.13 8.57
CA GLY A 94 6.27 8.66 7.28
C GLY A 94 5.12 9.64 7.43
N GLY A 95 5.43 10.92 7.32
CA GLY A 95 4.41 11.95 7.45
C GLY A 95 4.75 13.17 6.64
N GLU A 96 5.70 13.01 5.72
CA GLU A 96 6.14 14.10 4.87
C GLU A 96 5.05 14.50 3.89
N PHE A 97 4.22 13.54 3.51
CA PHE A 97 3.11 13.80 2.61
C PHE A 97 1.79 13.43 3.28
N GLY A 98 0.84 14.34 3.21
CA GLY A 98 -0.47 14.11 3.79
C GLY A 98 -1.49 13.73 2.73
N ASP A 99 -0.97 13.30 1.59
CA ASP A 99 -1.81 12.90 0.47
C ASP A 99 -2.59 11.63 0.81
N GLU A 100 -3.90 11.77 0.91
CA GLU A 100 -4.76 10.66 1.32
C GLU A 100 -5.04 9.71 0.16
N ASP A 101 -3.98 9.27 -0.49
CA ASP A 101 -4.09 8.30 -1.58
C ASP A 101 -3.25 7.08 -1.26
N GLU A 102 -2.81 7.01 -0.01
CA GLU A 102 -1.95 5.93 0.45
C GLU A 102 -2.77 4.90 1.24
N ARG A 103 -2.06 4.14 2.09
CA ARG A 103 -2.70 3.17 3.00
C ARG A 103 -3.52 2.14 2.24
N LEU A 104 -3.16 1.89 0.99
CA LEU A 104 -3.90 0.92 0.17
C LEU A 104 -3.33 -0.48 0.35
N ILE A 105 -2.91 -0.81 1.56
CA ILE A 105 -2.45 -2.16 1.86
C ILE A 105 -3.32 -2.79 2.92
N THR A 106 -4.20 -3.67 2.48
CA THR A 106 -5.05 -4.42 3.39
C THR A 106 -4.54 -5.85 3.46
N ARG A 107 -3.98 -6.20 4.61
CA ARG A 107 -3.33 -7.49 4.77
C ARG A 107 -4.22 -8.44 5.56
N LEU A 108 -4.91 -9.31 4.86
CA LEU A 108 -5.73 -10.30 5.51
C LEU A 108 -5.26 -11.71 5.14
N GLU A 109 -4.52 -12.31 6.07
CA GLU A 109 -4.12 -13.69 5.95
C GLU A 109 -4.96 -14.50 6.93
N ASN A 110 -5.35 -15.69 6.54
CA ASN A 110 -6.27 -16.47 7.38
C ASN A 110 -5.62 -16.95 8.68
N THR A 111 -4.40 -16.49 8.92
CA THR A 111 -3.71 -16.72 10.18
C THR A 111 -4.17 -15.71 11.23
N GLN A 112 -5.03 -14.77 10.80
CA GLN A 112 -5.58 -13.75 11.69
C GLN A 112 -6.73 -14.32 12.53
N PHE A 113 -7.65 -13.46 12.93
CA PHE A 113 -8.82 -13.87 13.68
C PHE A 113 -9.87 -14.48 12.74
N ASP A 114 -9.52 -15.61 12.15
CA ASP A 114 -10.39 -16.32 11.21
C ASP A 114 -10.02 -17.79 11.23
N ALA A 115 -10.59 -18.56 10.32
CA ALA A 115 -10.24 -19.97 10.17
C ALA A 115 -8.93 -20.08 9.42
N ALA A 116 -7.95 -20.73 10.04
CA ALA A 116 -6.62 -20.83 9.45
C ALA A 116 -6.63 -21.65 8.17
N ASN A 117 -7.61 -22.54 8.03
CA ASN A 117 -7.71 -23.38 6.85
C ASN A 117 -8.08 -22.55 5.62
N GLY A 118 -8.87 -21.51 5.83
CA GLY A 118 -9.25 -20.65 4.73
C GLY A 118 -10.52 -19.88 5.03
N ILE A 119 -10.81 -18.88 4.21
CA ILE A 119 -12.01 -18.07 4.37
C ILE A 119 -13.20 -18.78 3.73
N ASP A 120 -12.90 -19.68 2.81
CA ASP A 120 -13.93 -20.48 2.17
C ASP A 120 -14.37 -21.63 3.08
N ASP A 121 -15.04 -21.27 4.16
CA ASP A 121 -15.50 -22.23 5.15
C ASP A 121 -17.00 -22.07 5.39
N GLU A 122 -17.77 -23.05 4.92
CA GLU A 122 -19.23 -23.02 5.02
C GLU A 122 -19.80 -21.86 4.20
ZN ZN B . 1.41 -11.97 -7.78
ZN ZN C . 9.75 2.50 -4.25
N GLY A 1 -15.26 -8.62 -11.06
CA GLY A 1 -16.61 -9.18 -11.30
C GLY A 1 -17.00 -10.16 -10.21
N SER A 2 -17.08 -11.44 -10.58
CA SER A 2 -17.37 -12.47 -9.60
C SER A 2 -16.05 -12.99 -9.01
N LEU A 3 -15.68 -12.44 -7.87
CA LEU A 3 -14.42 -12.77 -7.24
C LEU A 3 -14.63 -13.37 -5.86
N SER A 4 -15.00 -14.63 -5.82
CA SER A 4 -15.22 -15.33 -4.56
C SER A 4 -13.94 -16.07 -4.15
N TRP A 5 -12.87 -15.80 -4.87
CA TRP A 5 -11.57 -16.38 -4.60
C TRP A 5 -10.51 -15.29 -4.59
N LYS A 6 -9.26 -15.68 -4.46
CA LYS A 6 -8.18 -14.71 -4.41
C LYS A 6 -7.54 -14.55 -5.79
N ARG A 7 -7.72 -13.37 -6.37
CA ARG A 7 -7.21 -13.07 -7.69
C ARG A 7 -6.22 -11.92 -7.64
N CYS A 8 -4.99 -12.19 -8.03
CA CYS A 8 -3.94 -11.19 -8.01
C CYS A 8 -4.02 -10.26 -9.22
N ALA A 9 -3.95 -8.97 -8.94
CA ALA A 9 -3.89 -7.96 -9.99
C ALA A 9 -2.46 -7.45 -10.14
N GLY A 10 -1.56 -8.03 -9.36
CA GLY A 10 -0.16 -7.64 -9.42
C GLY A 10 0.56 -8.30 -10.56
N CYS A 11 0.50 -9.62 -10.60
CA CYS A 11 1.11 -10.37 -11.69
C CYS A 11 0.04 -10.85 -12.66
N GLY A 12 -1.19 -10.92 -12.17
CA GLY A 12 -2.30 -11.35 -12.99
C GLY A 12 -2.46 -12.85 -12.99
N GLY A 13 -2.60 -13.44 -11.81
CA GLY A 13 -2.78 -14.86 -11.71
C GLY A 13 -3.66 -15.23 -10.54
N LYS A 14 -3.42 -16.41 -10.01
CA LYS A 14 -4.14 -16.91 -8.86
C LYS A 14 -3.30 -16.78 -7.60
N ILE A 15 -3.91 -16.31 -6.52
CA ILE A 15 -3.19 -16.21 -5.26
C ILE A 15 -3.29 -17.51 -4.47
N ALA A 16 -2.33 -18.39 -4.71
CA ALA A 16 -2.27 -19.66 -4.01
C ALA A 16 -1.22 -19.58 -2.91
N ASP A 17 -0.88 -18.36 -2.52
CA ASP A 17 0.10 -18.13 -1.48
C ASP A 17 -0.60 -17.92 -0.14
N ARG A 18 0.11 -18.22 0.94
CA ARG A 18 -0.44 -18.05 2.28
C ARG A 18 -0.26 -16.62 2.76
N PHE A 19 0.14 -15.74 1.85
CA PHE A 19 0.33 -14.32 2.14
C PHE A 19 -0.18 -13.47 0.97
N LEU A 20 -1.28 -12.75 1.18
CA LEU A 20 -1.87 -11.96 0.12
C LEU A 20 -2.25 -10.55 0.61
N LEU A 21 -2.78 -9.74 -0.28
CA LEU A 21 -3.17 -8.38 0.05
C LEU A 21 -4.41 -7.97 -0.76
N TYR A 22 -5.19 -7.04 -0.23
CA TYR A 22 -6.29 -6.46 -0.98
C TYR A 22 -6.09 -4.94 -1.07
N ALA A 23 -6.14 -4.40 -2.27
CA ALA A 23 -5.94 -2.97 -2.47
C ALA A 23 -6.66 -2.49 -3.71
N MET A 24 -7.53 -1.49 -3.54
CA MET A 24 -8.31 -0.91 -4.61
C MET A 24 -9.31 -1.93 -5.16
N ASP A 25 -9.81 -2.78 -4.27
CA ASP A 25 -10.77 -3.85 -4.60
C ASP A 25 -10.09 -5.00 -5.36
N SER A 26 -8.89 -4.75 -5.86
CA SER A 26 -8.12 -5.79 -6.50
C SER A 26 -7.28 -6.52 -5.45
N TYR A 27 -7.10 -7.81 -5.63
CA TYR A 27 -6.31 -8.58 -4.68
C TYR A 27 -4.90 -8.77 -5.22
N TRP A 28 -3.98 -9.04 -4.32
CA TRP A 28 -2.56 -9.09 -4.65
C TRP A 28 -1.91 -10.27 -3.95
N HIS A 29 -0.71 -10.62 -4.39
CA HIS A 29 0.04 -11.72 -3.78
C HIS A 29 0.76 -11.26 -2.52
N SER A 30 1.94 -11.79 -2.32
CA SER A 30 2.76 -11.41 -1.19
C SER A 30 3.67 -10.24 -1.55
N ARG A 31 4.50 -10.43 -2.57
CA ARG A 31 5.40 -9.38 -3.03
C ARG A 31 4.88 -8.70 -4.29
N CYS A 32 3.64 -9.01 -4.67
CA CYS A 32 3.08 -8.45 -5.90
C CYS A 32 2.59 -7.02 -5.67
N LEU A 33 2.34 -6.67 -4.43
CA LEU A 33 2.08 -5.27 -4.08
C LEU A 33 3.37 -4.61 -3.67
N LYS A 34 4.15 -4.23 -4.66
CA LYS A 34 5.48 -3.71 -4.45
C LYS A 34 5.68 -2.43 -5.24
N CYS A 35 6.76 -1.72 -4.93
CA CYS A 35 7.09 -0.49 -5.63
C CYS A 35 7.27 -0.73 -7.13
N SER A 36 7.17 0.32 -7.91
CA SER A 36 7.39 0.23 -9.33
C SER A 36 8.88 0.33 -9.65
N SER A 37 9.65 0.88 -8.73
CA SER A 37 11.09 1.05 -8.95
C SER A 37 11.90 0.17 -8.00
N CYS A 38 11.55 0.19 -6.71
CA CYS A 38 12.25 -0.63 -5.73
C CYS A 38 11.86 -2.09 -5.88
N GLN A 39 10.58 -2.30 -6.17
CA GLN A 39 10.01 -3.64 -6.29
C GLN A 39 10.11 -4.37 -4.96
N ALA A 40 10.08 -3.60 -3.88
CA ALA A 40 10.00 -4.14 -2.55
C ALA A 40 8.57 -4.02 -2.06
N GLN A 41 8.17 -4.98 -1.25
CA GLN A 41 6.81 -5.08 -0.76
C GLN A 41 6.42 -3.84 0.03
N LEU A 42 5.30 -3.23 -0.35
CA LEU A 42 4.82 -2.02 0.29
C LEU A 42 4.24 -2.31 1.67
N GLY A 43 4.25 -3.58 2.06
CA GLY A 43 3.74 -3.97 3.35
C GLY A 43 4.84 -4.32 4.33
N ASP A 44 6.08 -4.15 3.90
CA ASP A 44 7.23 -4.44 4.76
C ASP A 44 7.76 -3.16 5.38
N ILE A 45 7.92 -2.13 4.56
CA ILE A 45 8.34 -0.81 5.03
C ILE A 45 7.13 -0.02 5.51
N GLY A 46 6.42 -0.59 6.47
CA GLY A 46 5.16 -0.05 6.89
C GLY A 46 4.04 -0.64 6.06
N THR A 47 2.89 0.02 6.02
CA THR A 47 1.82 -0.46 5.16
C THR A 47 1.06 0.70 4.52
N SER A 48 1.35 0.96 3.25
CA SER A 48 0.65 1.98 2.49
C SER A 48 0.86 1.78 0.99
N SER A 49 -0.21 1.53 0.26
CA SER A 49 -0.13 1.43 -1.17
C SER A 49 -0.62 2.71 -1.81
N TYR A 50 0.30 3.43 -2.43
CA TYR A 50 -0.01 4.73 -3.01
C TYR A 50 -0.67 4.57 -4.37
N THR A 51 -1.32 5.63 -4.82
CA THR A 51 -1.97 5.64 -6.12
C THR A 51 -1.60 6.89 -6.90
N LYS A 52 -0.79 6.71 -7.94
CA LYS A 52 -0.35 7.82 -8.78
C LYS A 52 -0.04 7.31 -10.18
N SER A 53 -0.70 7.89 -11.18
CA SER A 53 -0.53 7.46 -12.58
C SER A 53 -1.08 6.04 -12.78
N GLY A 54 -1.89 5.59 -11.83
CA GLY A 54 -2.34 4.21 -11.86
C GLY A 54 -1.25 3.27 -11.43
N MET A 55 -0.20 3.83 -10.85
CA MET A 55 0.96 3.09 -10.42
C MET A 55 1.02 3.01 -8.91
N ILE A 56 1.74 2.01 -8.40
CA ILE A 56 1.93 1.86 -6.97
C ILE A 56 3.41 2.03 -6.62
N LEU A 57 3.69 2.94 -5.70
CA LEU A 57 5.07 3.27 -5.36
C LEU A 57 5.25 3.27 -3.85
N CYS A 58 6.51 3.32 -3.41
CA CYS A 58 6.82 3.45 -2.00
C CYS A 58 6.67 4.91 -1.58
N ARG A 59 7.02 5.22 -0.33
CA ARG A 59 6.99 6.60 0.12
C ARG A 59 8.07 7.41 -0.57
N ASN A 60 9.29 6.91 -0.52
CA ASN A 60 10.42 7.56 -1.16
C ASN A 60 10.14 7.81 -2.63
N ASP A 61 9.71 6.77 -3.34
CA ASP A 61 9.41 6.89 -4.76
C ASP A 61 8.27 7.87 -5.02
N TYR A 62 7.25 7.83 -4.17
CA TYR A 62 6.11 8.72 -4.30
C TYR A 62 6.54 10.18 -4.31
N ILE A 63 7.35 10.56 -3.33
CA ILE A 63 7.80 11.95 -3.21
C ILE A 63 8.80 12.29 -4.31
N ARG A 64 9.65 11.34 -4.68
CA ARG A 64 10.67 11.57 -5.70
C ARG A 64 10.05 11.67 -7.09
N LEU A 65 9.16 10.75 -7.40
CA LEU A 65 8.56 10.68 -8.73
C LEU A 65 7.64 11.86 -9.00
N PHE A 66 6.63 12.04 -8.15
CA PHE A 66 5.62 13.06 -8.40
C PHE A 66 5.61 14.12 -7.32
N GLY A 67 5.75 13.69 -6.07
CA GLY A 67 5.70 14.63 -4.96
C GLY A 67 4.28 14.99 -4.57
N ASN A 68 3.48 15.35 -5.57
CA ASN A 68 2.08 15.74 -5.35
C ASN A 68 1.34 14.72 -4.50
N SER A 69 1.09 15.08 -3.25
CA SER A 69 0.42 14.21 -2.32
C SER A 69 -0.97 14.76 -1.99
N GLY A 70 -1.71 14.06 -1.14
CA GLY A 70 -3.01 14.53 -0.72
C GLY A 70 -2.90 15.45 0.48
N ALA A 71 -1.74 15.40 1.13
CA ALA A 71 -1.47 16.22 2.31
C ALA A 71 -2.46 15.91 3.42
N GLY A 72 -2.69 14.63 3.65
CA GLY A 72 -3.63 14.22 4.67
C GLY A 72 -3.04 13.26 5.66
N GLY A 73 -2.40 12.21 5.16
CA GLY A 73 -1.88 11.18 6.04
C GLY A 73 -3.00 10.45 6.75
N SER A 74 -2.81 10.16 8.02
CA SER A 74 -3.87 9.56 8.84
C SER A 74 -3.66 9.87 10.32
N GLY A 75 -2.41 10.15 10.69
CA GLY A 75 -2.09 10.42 12.08
C GLY A 75 -1.11 9.41 12.63
N GLY A 76 -0.24 8.91 11.76
CA GLY A 76 0.74 7.93 12.16
C GLY A 76 1.85 8.54 12.99
N HIS A 77 2.30 7.80 13.99
CA HIS A 77 3.36 8.27 14.87
C HIS A 77 4.68 7.59 14.53
N MET A 78 4.65 6.74 13.52
CA MET A 78 5.85 6.03 13.06
C MET A 78 5.66 5.59 11.62
N GLY A 79 5.32 6.55 10.76
CA GLY A 79 5.06 6.24 9.37
C GLY A 79 6.31 6.06 8.55
N SER A 80 6.67 7.08 7.78
CA SER A 80 7.84 7.03 6.93
C SER A 80 9.11 7.23 7.75
N GLY A 81 9.08 8.19 8.66
CA GLY A 81 10.23 8.45 9.51
C GLY A 81 10.04 9.68 10.36
N GLY A 82 9.38 9.51 11.48
CA GLY A 82 9.09 10.62 12.36
C GLY A 82 7.64 10.64 12.79
N ASP A 83 7.21 11.71 13.45
CA ASP A 83 5.84 11.82 13.90
C ASP A 83 4.97 12.54 12.87
N VAL A 84 3.66 12.58 13.12
CA VAL A 84 2.72 13.20 12.20
C VAL A 84 2.86 14.73 12.23
N MET A 85 3.32 15.29 11.11
CA MET A 85 3.56 16.73 11.00
C MET A 85 4.51 17.22 12.09
N VAL A 86 5.66 16.57 12.16
CA VAL A 86 6.66 16.88 13.17
C VAL A 86 7.27 18.26 12.92
N VAL A 87 7.36 18.65 11.66
CA VAL A 87 7.86 19.97 11.30
C VAL A 87 6.70 20.94 11.15
N GLY A 88 6.27 21.49 12.28
CA GLY A 88 5.13 22.40 12.28
C GLY A 88 4.25 22.20 13.49
N GLU A 89 3.04 22.72 13.42
CA GLU A 89 2.09 22.58 14.52
C GLU A 89 1.46 21.19 14.50
N PRO A 90 1.28 20.58 15.68
CA PRO A 90 0.73 19.22 15.81
C PRO A 90 -0.68 19.10 15.24
N THR A 91 -0.76 18.78 13.96
CA THR A 91 -2.03 18.62 13.27
C THR A 91 -1.95 17.44 12.33
N LEU A 92 -2.95 16.57 12.37
CA LEU A 92 -2.96 15.37 11.53
C LEU A 92 -3.04 15.76 10.06
N MET A 93 -4.00 16.60 9.74
CA MET A 93 -4.14 17.14 8.40
C MET A 93 -4.19 18.67 8.46
N GLY A 94 -3.02 19.29 8.36
CA GLY A 94 -2.95 20.73 8.52
C GLY A 94 -1.99 21.38 7.55
N GLY A 95 -2.23 21.18 6.26
CA GLY A 95 -1.38 21.76 5.25
C GLY A 95 -0.35 20.79 4.73
N GLU A 96 0.40 20.19 5.64
CA GLU A 96 1.37 19.19 5.28
C GLU A 96 0.81 17.81 5.57
N PHE A 97 1.23 16.81 4.79
CA PHE A 97 0.82 15.44 5.03
C PHE A 97 1.50 14.91 6.29
N GLY A 98 0.68 14.60 7.29
CA GLY A 98 1.19 14.27 8.62
C GLY A 98 2.26 13.20 8.61
N ASP A 99 1.85 11.97 8.32
CA ASP A 99 2.77 10.85 8.29
C ASP A 99 3.17 10.53 6.85
N GLU A 100 2.49 9.56 6.25
CA GLU A 100 2.67 9.26 4.85
C GLU A 100 1.52 9.88 4.07
N ASP A 101 0.55 9.05 3.68
CA ASP A 101 -0.65 9.55 3.04
C ASP A 101 -1.65 8.43 2.82
N GLU A 102 -1.18 7.35 2.19
CA GLU A 102 -2.05 6.24 1.86
C GLU A 102 -2.12 5.21 2.97
N ARG A 103 -3.09 4.32 2.88
CA ARG A 103 -3.28 3.25 3.84
C ARG A 103 -4.19 2.17 3.26
N LEU A 104 -4.26 2.09 1.94
CA LEU A 104 -5.14 1.15 1.26
C LEU A 104 -4.55 -0.25 1.23
N ILE A 105 -3.94 -0.67 2.34
CA ILE A 105 -3.39 -2.01 2.44
C ILE A 105 -4.25 -2.89 3.34
N THR A 106 -4.96 -3.81 2.73
CA THR A 106 -5.75 -4.78 3.45
C THR A 106 -4.99 -6.09 3.50
N ARG A 107 -4.33 -6.36 4.63
CA ARG A 107 -3.45 -7.51 4.71
C ARG A 107 -3.81 -8.42 5.87
N LEU A 108 -4.37 -9.56 5.54
CA LEU A 108 -4.54 -10.62 6.52
C LEU A 108 -4.38 -11.97 5.82
N GLU A 109 -3.20 -12.55 5.91
CA GLU A 109 -2.96 -13.87 5.36
C GLU A 109 -2.00 -14.65 6.24
N ASN A 110 -2.48 -15.78 6.72
CA ASN A 110 -1.71 -16.72 7.50
C ASN A 110 -2.66 -17.82 7.93
N THR A 111 -3.68 -17.39 8.65
CA THR A 111 -4.74 -18.27 9.11
C THR A 111 -6.05 -17.51 9.13
N GLN A 112 -6.26 -16.67 8.12
CA GLN A 112 -7.46 -15.86 8.01
C GLN A 112 -8.68 -16.75 7.71
N PHE A 113 -9.87 -16.18 7.79
CA PHE A 113 -11.08 -16.95 7.51
C PHE A 113 -11.11 -17.36 6.05
N ASP A 114 -11.04 -18.67 5.82
CA ASP A 114 -10.87 -19.22 4.47
C ASP A 114 -9.54 -18.75 3.88
N ALA A 115 -8.46 -19.01 4.61
CA ALA A 115 -7.13 -18.57 4.22
C ALA A 115 -6.66 -19.30 2.98
N ALA A 116 -5.72 -18.69 2.27
CA ALA A 116 -5.11 -19.33 1.14
C ALA A 116 -3.94 -20.18 1.60
N ASN A 117 -3.79 -21.36 1.02
CA ASN A 117 -2.72 -22.26 1.40
C ASN A 117 -1.85 -22.57 0.21
N GLY A 118 -0.54 -22.53 0.41
CA GLY A 118 0.40 -22.82 -0.65
C GLY A 118 0.31 -24.25 -1.10
N ILE A 119 0.36 -25.16 -0.14
CA ILE A 119 0.24 -26.58 -0.44
C ILE A 119 -0.41 -27.32 0.72
N ASP A 120 -1.43 -28.10 0.41
CA ASP A 120 -2.06 -28.96 1.38
C ASP A 120 -1.37 -30.31 1.38
N ASP A 121 -0.20 -30.35 1.99
CA ASP A 121 0.67 -31.51 1.91
C ASP A 121 0.20 -32.64 2.83
N GLU A 122 -0.87 -33.30 2.42
CA GLU A 122 -1.37 -34.45 3.14
C GLU A 122 -0.76 -35.72 2.59
ZN ZN B . 0.72 -11.99 -8.07
ZN ZN C . 10.32 2.71 -4.32
N GLY A 1 -17.11 -5.35 -4.93
CA GLY A 1 -16.58 -6.69 -4.58
C GLY A 1 -16.42 -7.57 -5.80
N SER A 2 -15.76 -8.70 -5.62
CA SER A 2 -15.54 -9.62 -6.72
C SER A 2 -16.65 -10.67 -6.78
N LEU A 3 -17.48 -10.59 -7.81
CA LEU A 3 -18.55 -11.55 -8.01
C LEU A 3 -17.99 -12.85 -8.57
N SER A 4 -16.99 -12.71 -9.43
CA SER A 4 -16.25 -13.85 -9.93
C SER A 4 -15.00 -14.03 -9.10
N TRP A 5 -14.11 -14.91 -9.52
CA TRP A 5 -12.90 -15.11 -8.75
C TRP A 5 -11.92 -13.98 -8.97
N LYS A 6 -11.31 -13.57 -7.88
CA LYS A 6 -10.36 -12.47 -7.88
C LYS A 6 -9.01 -12.98 -8.36
N ARG A 7 -8.09 -12.06 -8.61
CA ARG A 7 -6.75 -12.41 -9.04
C ARG A 7 -5.76 -11.34 -8.62
N CYS A 8 -4.49 -11.70 -8.62
CA CYS A 8 -3.42 -10.78 -8.31
C CYS A 8 -3.06 -9.94 -9.53
N ALA A 9 -3.04 -8.63 -9.35
CA ALA A 9 -2.65 -7.73 -10.41
C ALA A 9 -1.15 -7.43 -10.33
N GLY A 10 -0.50 -8.03 -9.34
CA GLY A 10 0.91 -7.79 -9.13
C GLY A 10 1.79 -8.61 -10.04
N CYS A 11 1.70 -9.93 -9.94
CA CYS A 11 2.50 -10.80 -10.77
C CYS A 11 1.80 -11.03 -12.11
N GLY A 12 0.85 -11.94 -12.12
CA GLY A 12 0.09 -12.19 -13.32
C GLY A 12 -0.57 -13.55 -13.33
N GLY A 13 -1.25 -13.90 -12.24
CA GLY A 13 -1.97 -15.14 -12.19
C GLY A 13 -3.04 -15.10 -11.13
N LYS A 14 -3.28 -16.25 -10.54
CA LYS A 14 -4.25 -16.39 -9.48
C LYS A 14 -3.56 -16.42 -8.13
N ILE A 15 -4.24 -15.94 -7.10
CA ILE A 15 -3.69 -15.92 -5.76
C ILE A 15 -3.92 -17.26 -5.08
N ALA A 16 -2.98 -18.16 -5.26
CA ALA A 16 -3.09 -19.50 -4.70
C ALA A 16 -2.26 -19.62 -3.43
N ASP A 17 -1.82 -18.48 -2.92
CA ASP A 17 -1.02 -18.45 -1.71
C ASP A 17 -1.87 -18.09 -0.51
N ARG A 18 -1.38 -18.42 0.67
CA ARG A 18 -2.12 -18.14 1.91
C ARG A 18 -1.78 -16.76 2.44
N PHE A 19 -0.79 -16.12 1.83
CA PHE A 19 -0.40 -14.77 2.19
C PHE A 19 -0.66 -13.84 1.01
N LEU A 20 -1.57 -12.91 1.19
CA LEU A 20 -1.96 -12.01 0.12
C LEU A 20 -2.29 -10.63 0.66
N LEU A 21 -2.53 -9.69 -0.24
CA LEU A 21 -2.88 -8.34 0.12
C LEU A 21 -4.04 -7.83 -0.73
N TYR A 22 -4.90 -7.04 -0.12
CA TYR A 22 -6.00 -6.40 -0.84
C TYR A 22 -5.78 -4.89 -0.82
N ALA A 23 -5.70 -4.29 -2.01
CA ALA A 23 -5.43 -2.86 -2.09
C ALA A 23 -6.02 -2.25 -3.36
N MET A 24 -6.69 -1.12 -3.19
CA MET A 24 -7.29 -0.38 -4.31
C MET A 24 -8.34 -1.23 -5.01
N ASP A 25 -9.07 -2.02 -4.23
CA ASP A 25 -10.11 -2.93 -4.75
C ASP A 25 -9.52 -4.04 -5.61
N SER A 26 -8.20 -4.09 -5.69
CA SER A 26 -7.53 -5.14 -6.42
C SER A 26 -6.81 -6.05 -5.44
N TYR A 27 -6.63 -7.30 -5.82
CA TYR A 27 -6.00 -8.27 -4.95
C TYR A 27 -4.57 -8.55 -5.44
N TRP A 28 -3.69 -8.82 -4.49
CA TRP A 28 -2.26 -8.92 -4.77
C TRP A 28 -1.65 -10.01 -3.89
N HIS A 29 -0.36 -10.28 -4.10
CA HIS A 29 0.40 -11.11 -3.19
C HIS A 29 1.19 -10.20 -2.25
N SER A 30 1.81 -10.78 -1.23
CA SER A 30 2.62 -9.99 -0.31
C SER A 30 3.81 -9.36 -1.04
N ARG A 31 4.46 -10.13 -1.90
CA ARG A 31 5.60 -9.63 -2.66
C ARG A 31 5.16 -9.02 -4.00
N CYS A 32 3.85 -8.85 -4.18
CA CYS A 32 3.33 -8.26 -5.40
C CYS A 32 2.81 -6.86 -5.16
N LEU A 33 2.28 -6.61 -3.97
CA LEU A 33 1.86 -5.26 -3.60
C LEU A 33 3.08 -4.46 -3.17
N LYS A 34 3.77 -3.91 -4.16
CA LYS A 34 5.04 -3.24 -3.93
C LYS A 34 5.24 -2.11 -4.92
N CYS A 35 6.36 -1.42 -4.77
CA CYS A 35 6.76 -0.38 -5.69
C CYS A 35 6.92 -0.94 -7.10
N SER A 36 6.32 -0.27 -8.07
CA SER A 36 6.47 -0.66 -9.45
C SER A 36 7.75 -0.08 -10.03
N SER A 37 8.55 0.53 -9.17
CA SER A 37 9.77 1.20 -9.59
C SER A 37 11.01 0.51 -9.03
N CYS A 38 11.14 0.47 -7.70
CA CYS A 38 12.31 -0.12 -7.07
C CYS A 38 11.98 -1.47 -6.44
N GLN A 39 10.71 -1.86 -6.53
CA GLN A 39 10.24 -3.14 -5.99
C GLN A 39 10.23 -3.17 -4.47
N ALA A 40 10.23 -1.99 -3.86
CA ALA A 40 10.12 -1.89 -2.41
C ALA A 40 8.82 -2.49 -1.94
N GLN A 41 8.95 -3.52 -1.13
CA GLN A 41 7.81 -4.28 -0.63
C GLN A 41 6.94 -3.40 0.26
N LEU A 42 5.82 -2.94 -0.29
CA LEU A 42 4.95 -1.96 0.37
C LEU A 42 4.14 -2.58 1.51
N GLY A 43 4.28 -3.88 1.70
CA GLY A 43 3.60 -4.56 2.77
C GLY A 43 4.57 -5.07 3.82
N ASP A 44 5.84 -4.70 3.67
CA ASP A 44 6.89 -5.15 4.57
C ASP A 44 7.39 -3.99 5.43
N ILE A 45 7.82 -2.92 4.79
CA ILE A 45 8.32 -1.73 5.49
C ILE A 45 7.17 -0.82 5.85
N GLY A 46 6.18 -1.39 6.54
CA GLY A 46 4.98 -0.64 6.87
C GLY A 46 3.90 -0.87 5.83
N THR A 47 2.81 -1.52 6.22
CA THR A 47 1.79 -1.89 5.25
C THR A 47 0.95 -0.69 4.88
N SER A 48 1.18 -0.18 3.68
CA SER A 48 0.46 0.96 3.15
C SER A 48 0.58 1.01 1.64
N SER A 49 -0.55 1.14 0.95
CA SER A 49 -0.54 1.18 -0.49
C SER A 49 -0.49 2.62 -0.97
N TYR A 50 0.47 2.92 -1.83
CA TYR A 50 0.60 4.26 -2.35
C TYR A 50 -0.10 4.34 -3.68
N THR A 51 -0.80 5.42 -3.89
CA THR A 51 -1.73 5.49 -4.98
C THR A 51 -1.65 6.81 -5.74
N LYS A 52 -1.05 6.76 -6.92
CA LYS A 52 -1.02 7.88 -7.83
C LYS A 52 -0.84 7.35 -9.25
N SER A 53 -1.73 7.75 -10.15
CA SER A 53 -1.79 7.15 -11.49
C SER A 53 -2.25 5.70 -11.41
N GLY A 54 -2.88 5.35 -10.30
CA GLY A 54 -3.23 3.96 -10.05
C GLY A 54 -1.99 3.11 -9.86
N MET A 55 -0.87 3.77 -9.66
CA MET A 55 0.42 3.10 -9.55
C MET A 55 0.83 3.00 -8.09
N ILE A 56 1.57 1.95 -7.77
CA ILE A 56 2.05 1.72 -6.42
C ILE A 56 3.55 1.97 -6.32
N LEU A 57 3.94 2.82 -5.39
CA LEU A 57 5.35 3.16 -5.20
C LEU A 57 5.70 3.27 -3.73
N CYS A 58 6.98 3.42 -3.43
CA CYS A 58 7.42 3.69 -2.07
C CYS A 58 7.33 5.19 -1.81
N ARG A 59 7.62 5.60 -0.58
CA ARG A 59 7.57 7.03 -0.24
C ARG A 59 8.65 7.80 -0.98
N ASN A 60 9.77 7.14 -1.26
CA ASN A 60 10.87 7.76 -1.97
C ASN A 60 10.57 7.86 -3.46
N ASP A 61 10.08 6.75 -4.03
CA ASP A 61 9.74 6.72 -5.45
C ASP A 61 8.52 7.59 -5.74
N TYR A 62 7.67 7.74 -4.72
CA TYR A 62 6.50 8.60 -4.82
C TYR A 62 6.89 10.01 -5.24
N ILE A 63 7.85 10.59 -4.51
CA ILE A 63 8.29 11.95 -4.78
C ILE A 63 9.26 11.99 -5.96
N ARG A 64 9.71 10.83 -6.40
CA ARG A 64 10.59 10.76 -7.56
C ARG A 64 9.77 10.77 -8.84
N LEU A 65 8.65 10.06 -8.82
CA LEU A 65 7.81 9.92 -10.00
C LEU A 65 6.83 11.10 -10.12
N PHE A 66 6.27 11.52 -8.99
CA PHE A 66 5.22 12.54 -9.01
C PHE A 66 5.63 13.77 -8.22
N GLY A 67 6.88 13.82 -7.78
CA GLY A 67 7.35 14.95 -7.02
C GLY A 67 7.50 16.20 -7.86
N ASN A 68 6.45 17.01 -7.89
CA ASN A 68 6.44 18.24 -8.68
C ASN A 68 6.89 19.41 -7.83
N SER A 69 7.99 20.04 -8.23
CA SER A 69 8.55 21.15 -7.48
C SER A 69 7.82 22.47 -7.78
N GLY A 70 6.58 22.36 -8.22
CA GLY A 70 5.77 23.54 -8.48
C GLY A 70 5.28 24.18 -7.19
N ALA A 71 6.11 25.01 -6.60
CA ALA A 71 5.80 25.64 -5.33
C ALA A 71 6.43 27.01 -5.24
N GLY A 72 5.77 27.91 -4.51
CA GLY A 72 6.29 29.24 -4.32
C GLY A 72 6.54 29.53 -2.86
N GLY A 73 6.37 28.51 -2.02
CA GLY A 73 6.58 28.67 -0.59
C GLY A 73 5.41 29.35 0.08
N SER A 74 4.22 29.15 -0.45
CA SER A 74 3.03 29.81 0.08
C SER A 74 1.92 28.80 0.35
N GLY A 75 2.29 27.55 0.62
CA GLY A 75 1.31 26.53 0.92
C GLY A 75 1.79 25.14 0.56
N GLY A 76 1.01 24.45 -0.26
CA GLY A 76 1.36 23.11 -0.67
C GLY A 76 0.97 22.07 0.37
N HIS A 77 1.81 21.92 1.38
CA HIS A 77 1.56 20.98 2.47
C HIS A 77 2.62 21.16 3.54
N MET A 78 2.29 20.82 4.78
CA MET A 78 3.25 20.81 5.85
C MET A 78 3.98 19.47 5.86
N GLY A 79 4.56 19.14 4.71
CA GLY A 79 5.14 17.84 4.51
C GLY A 79 4.18 16.88 3.83
N SER A 80 4.63 16.29 2.73
CA SER A 80 3.81 15.33 2.01
C SER A 80 3.53 14.13 2.91
N GLY A 81 2.26 13.76 3.01
CA GLY A 81 1.84 12.75 3.96
C GLY A 81 1.00 13.34 5.06
N GLY A 82 1.26 14.61 5.38
CA GLY A 82 0.48 15.29 6.38
C GLY A 82 0.80 14.83 7.79
N ASP A 83 -0.14 14.13 8.40
CA ASP A 83 0.04 13.60 9.74
C ASP A 83 0.87 12.33 9.70
N VAL A 84 0.86 11.69 8.54
CA VAL A 84 1.63 10.46 8.34
C VAL A 84 3.13 10.73 8.36
N MET A 85 3.79 10.30 9.45
CA MET A 85 5.24 10.43 9.64
C MET A 85 5.66 11.88 9.87
N VAL A 86 5.23 12.78 9.00
CA VAL A 86 5.60 14.18 9.08
C VAL A 86 4.95 14.84 10.29
N VAL A 87 3.65 14.57 10.46
CA VAL A 87 2.86 15.15 11.54
C VAL A 87 2.84 16.67 11.45
N GLY A 88 2.91 17.17 10.21
CA GLY A 88 2.89 18.61 9.99
C GLY A 88 4.23 19.25 10.28
N GLU A 89 5.19 19.05 9.39
CA GLU A 89 6.53 19.59 9.58
C GLU A 89 7.02 20.30 8.31
N PRO A 90 7.43 21.58 8.43
CA PRO A 90 7.88 22.38 7.30
C PRO A 90 9.27 21.99 6.81
N THR A 91 10.04 21.34 7.68
CA THR A 91 11.39 20.90 7.33
C THR A 91 11.35 19.73 6.36
N LEU A 92 10.20 19.06 6.34
CA LEU A 92 9.98 17.98 5.38
C LEU A 92 9.40 18.55 4.10
N MET A 93 9.71 17.91 2.97
CA MET A 93 9.18 18.34 1.68
C MET A 93 7.68 18.18 1.66
N GLY A 94 6.98 19.22 1.25
CA GLY A 94 5.54 19.19 1.24
C GLY A 94 4.94 20.36 0.50
N GLY A 95 5.63 21.51 0.54
CA GLY A 95 5.18 22.67 -0.20
C GLY A 95 5.21 22.41 -1.69
N GLU A 96 6.25 21.70 -2.11
CA GLU A 96 6.34 21.22 -3.47
C GLU A 96 5.82 19.79 -3.54
N PHE A 97 4.65 19.63 -4.14
CA PHE A 97 3.94 18.35 -4.19
C PHE A 97 3.30 18.04 -2.84
N GLY A 98 2.16 18.68 -2.59
CA GLY A 98 1.48 18.52 -1.33
C GLY A 98 0.48 17.38 -1.33
N ASP A 99 0.97 16.19 -1.62
CA ASP A 99 0.12 14.99 -1.59
C ASP A 99 0.27 14.30 -0.24
N GLU A 100 -0.36 13.14 -0.12
CA GLU A 100 -0.15 12.29 1.03
C GLU A 100 0.82 11.18 0.63
N ASP A 101 0.36 9.94 0.72
CA ASP A 101 1.10 8.80 0.20
C ASP A 101 0.32 7.52 0.39
N GLU A 102 0.17 7.10 1.63
CA GLU A 102 -0.50 5.84 1.95
C GLU A 102 -2.00 5.96 1.82
N ARG A 103 -2.62 4.95 1.25
CA ARG A 103 -4.05 4.93 1.07
C ARG A 103 -4.70 3.78 1.83
N LEU A 104 -5.23 2.80 1.10
CA LEU A 104 -5.98 1.72 1.73
C LEU A 104 -5.32 0.35 1.52
N ILE A 105 -4.72 -0.20 2.58
CA ILE A 105 -4.23 -1.57 2.54
C ILE A 105 -5.07 -2.45 3.43
N THR A 106 -5.50 -3.57 2.89
CA THR A 106 -6.26 -4.55 3.63
C THR A 106 -5.56 -5.90 3.52
N ARG A 107 -5.00 -6.37 4.62
CA ARG A 107 -4.17 -7.57 4.60
C ARG A 107 -4.75 -8.65 5.48
N LEU A 108 -4.71 -9.89 4.99
CA LEU A 108 -5.13 -11.05 5.76
C LEU A 108 -4.22 -12.22 5.44
N GLU A 109 -3.76 -12.89 6.48
CA GLU A 109 -2.80 -13.96 6.31
C GLU A 109 -3.39 -15.30 6.74
N ASN A 110 -2.73 -16.38 6.30
CA ASN A 110 -3.10 -17.79 6.56
C ASN A 110 -4.34 -17.97 7.43
N THR A 111 -5.51 -17.76 6.81
CA THR A 111 -6.81 -17.97 7.46
C THR A 111 -6.84 -17.45 8.90
N GLN A 112 -6.39 -16.20 9.09
CA GLN A 112 -6.26 -15.62 10.42
C GLN A 112 -7.62 -15.40 11.09
N PHE A 113 -8.68 -15.45 10.31
CA PHE A 113 -10.03 -15.25 10.85
C PHE A 113 -10.74 -16.58 11.08
N ASP A 114 -10.01 -17.67 10.93
CA ASP A 114 -10.57 -19.01 11.09
C ASP A 114 -9.45 -19.99 11.44
N ALA A 115 -9.56 -21.22 10.98
CA ALA A 115 -8.53 -22.23 11.18
C ALA A 115 -7.41 -22.02 10.16
N ALA A 116 -6.24 -21.63 10.65
CA ALA A 116 -5.09 -21.37 9.78
C ALA A 116 -4.66 -22.62 9.02
N ASN A 117 -5.01 -22.67 7.75
CA ASN A 117 -4.68 -23.81 6.92
C ASN A 117 -3.99 -23.35 5.63
N GLY A 118 -4.71 -22.59 4.82
CA GLY A 118 -4.14 -22.08 3.60
C GLY A 118 -5.20 -21.67 2.60
N ILE A 119 -5.32 -22.43 1.52
CA ILE A 119 -6.28 -22.14 0.46
C ILE A 119 -6.33 -23.29 -0.54
N ASP A 120 -7.38 -23.33 -1.35
CA ASP A 120 -7.58 -24.38 -2.36
C ASP A 120 -7.73 -25.75 -1.70
N ASP A 121 -8.40 -25.75 -0.55
CA ASP A 121 -8.59 -26.97 0.23
C ASP A 121 -10.02 -27.49 0.08
N GLU A 122 -10.30 -28.63 0.72
CA GLU A 122 -11.63 -29.22 0.68
C GLU A 122 -12.42 -28.87 1.93
ZN ZN B . 0.96 -11.92 -7.25
ZN ZN C . 10.36 2.53 -4.75
N GLY A 1 -19.05 -18.26 3.08
CA GLY A 1 -18.24 -18.80 1.95
C GLY A 1 -17.71 -17.69 1.07
N SER A 2 -16.44 -17.79 0.70
CA SER A 2 -15.81 -16.77 -0.13
C SER A 2 -16.43 -16.74 -1.52
N LEU A 3 -16.38 -17.89 -2.21
CA LEU A 3 -16.93 -18.03 -3.56
C LEU A 3 -16.19 -17.15 -4.56
N SER A 4 -16.51 -15.87 -4.55
CA SER A 4 -15.80 -14.90 -5.34
C SER A 4 -14.45 -14.61 -4.71
N TRP A 5 -13.38 -15.01 -5.39
CA TRP A 5 -12.06 -14.99 -4.81
C TRP A 5 -11.23 -13.83 -5.32
N LYS A 6 -11.83 -13.00 -6.15
CA LYS A 6 -11.13 -11.85 -6.72
C LYS A 6 -9.92 -12.32 -7.53
N ARG A 7 -8.91 -11.46 -7.67
CA ARG A 7 -7.73 -11.79 -8.44
C ARG A 7 -6.56 -10.90 -8.03
N CYS A 8 -5.35 -11.45 -8.06
CA CYS A 8 -4.16 -10.66 -7.78
C CYS A 8 -3.84 -9.79 -8.99
N ALA A 9 -3.79 -8.48 -8.76
CA ALA A 9 -3.47 -7.54 -9.80
C ALA A 9 -1.96 -7.39 -9.94
N GLY A 10 -1.23 -8.07 -9.05
CA GLY A 10 0.21 -8.02 -9.10
C GLY A 10 0.77 -8.93 -10.17
N CYS A 11 0.28 -10.17 -10.22
CA CYS A 11 0.71 -11.09 -11.25
C CYS A 11 -0.41 -11.29 -12.27
N GLY A 12 -1.12 -12.40 -12.15
CA GLY A 12 -2.22 -12.68 -13.04
C GLY A 12 -2.97 -13.94 -12.66
N GLY A 13 -3.00 -14.27 -11.38
CA GLY A 13 -3.73 -15.42 -10.94
C GLY A 13 -4.37 -15.20 -9.59
N LYS A 14 -4.49 -16.26 -8.84
CA LYS A 14 -5.01 -16.19 -7.49
C LYS A 14 -3.86 -16.24 -6.51
N ILE A 15 -4.11 -15.85 -5.28
CA ILE A 15 -3.06 -15.74 -4.30
C ILE A 15 -2.97 -16.99 -3.42
N ALA A 16 -1.89 -17.73 -3.57
CA ALA A 16 -1.68 -18.94 -2.78
C ALA A 16 -1.09 -18.58 -1.42
N ASP A 17 -0.57 -17.36 -1.32
CA ASP A 17 -0.02 -16.85 -0.06
C ASP A 17 -1.09 -16.79 1.02
N ARG A 18 -0.68 -17.12 2.25
CA ARG A 18 -1.58 -17.05 3.39
C ARG A 18 -1.80 -15.60 3.79
N PHE A 19 -0.75 -14.81 3.71
CA PHE A 19 -0.83 -13.41 4.03
C PHE A 19 -0.99 -12.61 2.74
N LEU A 20 -2.23 -12.36 2.37
CA LEU A 20 -2.53 -11.67 1.13
C LEU A 20 -2.84 -10.20 1.40
N LEU A 21 -3.27 -9.50 0.37
CA LEU A 21 -3.57 -8.10 0.49
C LEU A 21 -4.72 -7.69 -0.42
N TYR A 22 -5.54 -6.77 0.05
CA TYR A 22 -6.62 -6.23 -0.74
C TYR A 22 -6.28 -4.80 -1.14
N ALA A 23 -6.17 -4.54 -2.44
CA ALA A 23 -5.91 -3.19 -2.89
C ALA A 23 -6.49 -2.95 -4.28
N MET A 24 -7.17 -1.82 -4.43
CA MET A 24 -7.80 -1.43 -5.69
C MET A 24 -8.91 -2.41 -6.06
N ASP A 25 -9.57 -2.96 -5.04
CA ASP A 25 -10.66 -3.93 -5.22
C ASP A 25 -10.15 -5.21 -5.84
N SER A 26 -8.84 -5.39 -5.79
CA SER A 26 -8.20 -6.59 -6.25
C SER A 26 -7.23 -7.09 -5.20
N TYR A 27 -6.54 -8.16 -5.48
CA TYR A 27 -5.62 -8.73 -4.51
C TYR A 27 -4.18 -8.47 -4.92
N TRP A 28 -3.27 -8.59 -3.96
CA TRP A 28 -1.85 -8.37 -4.22
C TRP A 28 -1.01 -9.35 -3.41
N HIS A 29 -0.05 -9.98 -4.08
CA HIS A 29 0.85 -10.93 -3.43
C HIS A 29 1.86 -10.18 -2.57
N SER A 30 2.70 -10.94 -1.87
CA SER A 30 3.78 -10.37 -1.09
C SER A 30 4.82 -9.70 -2.00
N ARG A 31 5.10 -10.36 -3.12
CA ARG A 31 6.08 -9.82 -4.08
C ARG A 31 5.40 -9.07 -5.20
N CYS A 32 4.08 -9.25 -5.33
CA CYS A 32 3.33 -8.57 -6.38
C CYS A 32 3.04 -7.13 -5.99
N LEU A 33 2.78 -6.90 -4.71
CA LEU A 33 2.65 -5.54 -4.21
C LEU A 33 4.02 -4.97 -3.96
N LYS A 34 4.62 -4.45 -5.01
CA LYS A 34 5.94 -3.86 -4.94
C LYS A 34 5.95 -2.54 -5.68
N CYS A 35 6.87 -1.67 -5.33
CA CYS A 35 7.02 -0.40 -6.00
C CYS A 35 7.31 -0.62 -7.47
N SER A 36 6.67 0.13 -8.33
CA SER A 36 6.94 0.07 -9.75
C SER A 36 8.15 0.95 -10.07
N SER A 37 8.69 1.59 -9.05
CA SER A 37 9.80 2.50 -9.25
C SER A 37 11.10 1.94 -8.67
N CYS A 38 11.10 1.57 -7.39
CA CYS A 38 12.32 1.07 -6.76
C CYS A 38 12.20 -0.39 -6.37
N GLN A 39 11.04 -0.98 -6.64
CA GLN A 39 10.76 -2.40 -6.36
C GLN A 39 10.73 -2.68 -4.86
N ALA A 40 10.52 -1.66 -4.05
CA ALA A 40 10.37 -1.82 -2.63
C ALA A 40 9.22 -2.76 -2.34
N GLN A 41 9.51 -3.77 -1.55
CA GLN A 41 8.56 -4.83 -1.24
C GLN A 41 7.49 -4.32 -0.29
N LEU A 42 6.59 -3.53 -0.86
CA LEU A 42 5.53 -2.88 -0.13
C LEU A 42 4.72 -3.86 0.73
N GLY A 43 4.41 -5.02 0.18
CA GLY A 43 3.64 -6.01 0.90
C GLY A 43 4.51 -7.04 1.61
N ASP A 44 5.57 -6.57 2.27
CA ASP A 44 6.46 -7.46 3.00
C ASP A 44 7.22 -6.73 4.10
N ILE A 45 7.88 -5.64 3.75
CA ILE A 45 8.67 -4.87 4.71
C ILE A 45 7.83 -3.80 5.39
N GLY A 46 6.69 -4.21 5.90
CA GLY A 46 5.77 -3.28 6.52
C GLY A 46 4.48 -3.20 5.74
N THR A 47 3.74 -2.12 5.90
CA THR A 47 2.51 -1.95 5.14
C THR A 47 2.39 -0.53 4.58
N SER A 48 2.64 -0.39 3.30
CA SER A 48 2.52 0.89 2.61
C SER A 48 2.39 0.66 1.11
N SER A 49 1.71 1.57 0.43
CA SER A 49 1.57 1.49 -1.01
C SER A 49 0.84 2.72 -1.54
N TYR A 50 1.14 3.07 -2.78
CA TYR A 50 0.55 4.22 -3.41
C TYR A 50 0.26 3.93 -4.87
N THR A 51 -0.79 4.53 -5.40
CA THR A 51 -1.16 4.31 -6.79
C THR A 51 -1.57 5.62 -7.45
N LYS A 52 -0.73 6.07 -8.37
CA LYS A 52 -1.00 7.29 -9.14
C LYS A 52 -0.25 7.20 -10.45
N SER A 53 -0.78 7.86 -11.49
CA SER A 53 -0.19 7.83 -12.83
C SER A 53 -0.30 6.43 -13.45
N GLY A 54 -1.10 5.57 -12.83
CA GLY A 54 -1.23 4.21 -13.32
C GLY A 54 -0.09 3.33 -12.83
N MET A 55 0.78 3.89 -12.01
CA MET A 55 1.88 3.12 -11.44
C MET A 55 1.73 3.02 -9.93
N ILE A 56 2.48 2.11 -9.35
CA ILE A 56 2.47 1.89 -7.92
C ILE A 56 3.79 2.31 -7.31
N LEU A 57 3.72 3.02 -6.19
CA LEU A 57 4.92 3.56 -5.56
C LEU A 57 4.98 3.18 -4.10
N CYS A 58 6.14 3.44 -3.51
CA CYS A 58 6.31 3.30 -2.08
C CYS A 58 5.92 4.59 -1.39
N ARG A 59 6.12 4.65 -0.09
CA ARG A 59 5.91 5.88 0.64
C ARG A 59 6.95 6.93 0.22
N ASN A 60 8.20 6.49 0.11
CA ASN A 60 9.29 7.36 -0.28
C ASN A 60 9.15 7.86 -1.71
N ASP A 61 8.87 6.93 -2.63
CA ASP A 61 8.81 7.26 -4.05
C ASP A 61 7.61 8.13 -4.37
N TYR A 62 6.54 8.00 -3.59
CA TYR A 62 5.35 8.82 -3.80
C TYR A 62 5.67 10.30 -3.60
N ILE A 63 6.25 10.63 -2.45
CA ILE A 63 6.55 12.02 -2.13
C ILE A 63 7.63 12.56 -3.06
N ARG A 64 8.50 11.67 -3.52
CA ARG A 64 9.55 12.04 -4.46
C ARG A 64 8.96 12.35 -5.84
N LEU A 65 8.06 11.48 -6.29
CA LEU A 65 7.46 11.62 -7.61
C LEU A 65 6.46 12.76 -7.66
N PHE A 66 5.42 12.67 -6.85
CA PHE A 66 4.32 13.64 -6.91
C PHE A 66 4.32 14.56 -5.69
N GLY A 67 4.58 13.99 -4.53
CA GLY A 67 4.61 14.79 -3.31
C GLY A 67 3.31 14.73 -2.55
N ASN A 68 3.40 14.99 -1.25
CA ASN A 68 2.22 15.04 -0.41
C ASN A 68 1.46 16.34 -0.65
N SER A 69 0.31 16.23 -1.28
CA SER A 69 -0.44 17.40 -1.72
C SER A 69 -1.06 18.16 -0.53
N GLY A 70 -1.05 17.52 0.63
CA GLY A 70 -1.48 18.21 1.84
C GLY A 70 -2.92 17.95 2.21
N ALA A 71 -3.50 16.91 1.63
CA ALA A 71 -4.88 16.54 1.93
C ALA A 71 -4.97 15.74 3.23
N GLY A 72 -4.77 16.43 4.35
CA GLY A 72 -4.80 15.78 5.63
C GLY A 72 -3.70 16.25 6.54
N GLY A 73 -3.75 15.82 7.79
CA GLY A 73 -2.72 16.18 8.75
C GLY A 73 -1.84 15.02 9.10
N SER A 74 -2.00 13.92 8.37
CA SER A 74 -1.23 12.71 8.59
C SER A 74 0.26 12.96 8.40
N GLY A 75 1.05 12.57 9.39
CA GLY A 75 2.48 12.80 9.33
C GLY A 75 2.83 14.24 9.65
N GLY A 76 2.75 14.59 10.93
CA GLY A 76 3.00 15.96 11.36
C GLY A 76 4.48 16.33 11.34
N HIS A 77 5.08 16.29 10.16
CA HIS A 77 6.47 16.69 9.98
C HIS A 77 6.78 16.78 8.49
N MET A 78 7.86 17.46 8.15
CA MET A 78 8.26 17.65 6.75
C MET A 78 8.37 16.32 6.03
N GLY A 79 7.45 16.07 5.13
CA GLY A 79 7.41 14.80 4.43
C GLY A 79 5.97 14.38 4.14
N SER A 80 5.06 14.77 5.02
CA SER A 80 3.65 14.46 4.86
C SER A 80 2.80 15.70 5.11
N GLY A 81 1.60 15.52 5.68
CA GLY A 81 0.71 16.64 5.93
C GLY A 81 1.01 17.34 7.25
N GLY A 82 2.26 17.75 7.43
CA GLY A 82 2.64 18.45 8.64
C GLY A 82 2.38 19.94 8.54
N ASP A 83 1.11 20.30 8.40
CA ASP A 83 0.73 21.71 8.28
C ASP A 83 -0.10 22.13 9.49
N VAL A 84 0.09 23.38 9.90
CA VAL A 84 -0.67 23.93 11.01
C VAL A 84 -2.12 24.19 10.60
N MET A 85 -2.30 25.15 9.71
CA MET A 85 -3.62 25.46 9.18
C MET A 85 -3.88 24.67 7.91
N VAL A 86 -4.29 23.42 8.08
CA VAL A 86 -4.53 22.52 6.96
C VAL A 86 -5.75 22.96 6.16
N VAL A 87 -5.53 23.30 4.90
CA VAL A 87 -6.62 23.73 4.03
C VAL A 87 -7.20 22.53 3.30
N GLY A 88 -6.33 21.62 2.90
CA GLY A 88 -6.76 20.38 2.29
C GLY A 88 -7.26 19.40 3.33
N GLU A 89 -8.59 19.34 3.48
CA GLU A 89 -9.23 18.53 4.50
C GLU A 89 -8.82 18.97 5.91
N PRO A 90 -9.42 20.06 6.41
CA PRO A 90 -9.13 20.59 7.75
C PRO A 90 -9.59 19.63 8.84
N THR A 91 -10.43 18.67 8.44
CA THR A 91 -10.90 17.63 9.33
C THR A 91 -9.75 16.72 9.75
N LEU A 92 -9.21 16.96 10.95
CA LEU A 92 -8.05 16.22 11.43
C LEU A 92 -8.34 14.73 11.52
N MET A 93 -9.58 14.40 11.83
CA MET A 93 -10.02 13.02 11.84
C MET A 93 -10.44 12.59 10.43
N GLY A 94 -9.49 12.60 9.51
CA GLY A 94 -9.77 12.27 8.14
C GLY A 94 -8.59 12.53 7.23
N GLY A 95 -8.85 12.80 5.97
CA GLY A 95 -7.79 13.05 5.01
C GLY A 95 -7.56 11.86 4.11
N GLU A 96 -6.96 12.10 2.95
CA GLU A 96 -6.73 11.04 1.97
C GLU A 96 -5.52 10.21 2.35
N PHE A 97 -4.49 10.88 2.86
CA PHE A 97 -3.29 10.20 3.35
C PHE A 97 -3.62 9.47 4.66
N GLY A 98 -3.24 8.21 4.73
CA GLY A 98 -3.67 7.37 5.84
C GLY A 98 -2.88 7.57 7.11
N ASP A 99 -1.95 6.66 7.37
CA ASP A 99 -1.14 6.71 8.60
C ASP A 99 -0.22 7.92 8.57
N GLU A 100 0.87 7.79 7.83
CA GLU A 100 1.70 8.94 7.53
C GLU A 100 1.38 9.40 6.11
N ASP A 101 1.21 8.40 5.25
CA ASP A 101 0.79 8.62 3.87
C ASP A 101 -0.02 7.42 3.43
N GLU A 102 0.59 6.25 3.61
CA GLU A 102 0.02 4.96 3.24
C GLU A 102 -1.44 4.82 3.65
N ARG A 103 -2.26 4.42 2.67
CA ARG A 103 -3.69 4.25 2.88
C ARG A 103 -4.27 3.34 1.79
N LEU A 104 -3.42 2.52 1.20
CA LEU A 104 -3.85 1.66 0.10
C LEU A 104 -3.81 0.20 0.51
N ILE A 105 -2.81 -0.17 1.31
CA ILE A 105 -2.67 -1.56 1.73
C ILE A 105 -3.77 -1.95 2.70
N THR A 106 -4.55 -2.94 2.31
CA THR A 106 -5.55 -3.54 3.17
C THR A 106 -5.10 -4.95 3.52
N ARG A 107 -4.36 -5.06 4.61
CA ARG A 107 -3.72 -6.32 4.98
C ARG A 107 -4.75 -7.31 5.53
N LEU A 108 -4.89 -8.43 4.84
CA LEU A 108 -5.83 -9.45 5.24
C LEU A 108 -5.25 -10.83 4.94
N GLU A 109 -5.18 -11.68 5.95
CA GLU A 109 -4.71 -13.03 5.75
C GLU A 109 -5.87 -13.93 5.36
N ASN A 110 -5.55 -15.10 4.81
CA ASN A 110 -6.55 -16.02 4.28
C ASN A 110 -7.66 -16.32 5.29
N THR A 111 -7.29 -16.43 6.55
CA THR A 111 -8.24 -16.74 7.61
C THR A 111 -8.49 -15.54 8.52
N GLN A 112 -8.36 -14.34 7.98
CA GLN A 112 -8.59 -13.13 8.76
C GLN A 112 -10.09 -12.84 8.90
N PHE A 113 -10.78 -13.76 9.55
CA PHE A 113 -12.21 -13.60 9.81
C PHE A 113 -12.41 -13.04 11.21
N ASP A 114 -11.93 -13.77 12.20
CA ASP A 114 -11.97 -13.31 13.58
C ASP A 114 -10.65 -13.63 14.29
N ALA A 115 -10.22 -14.87 14.15
CA ALA A 115 -8.95 -15.30 14.72
C ALA A 115 -7.86 -15.31 13.66
N ALA A 116 -6.62 -15.29 14.09
CA ALA A 116 -5.49 -15.31 13.17
C ALA A 116 -5.02 -16.75 12.96
N ASN A 117 -4.56 -17.05 11.75
CA ASN A 117 -4.06 -18.38 11.44
C ASN A 117 -2.55 -18.39 11.54
N GLY A 118 -1.90 -17.60 10.70
CA GLY A 118 -0.46 -17.48 10.76
C GLY A 118 0.24 -18.45 9.84
N ILE A 119 0.20 -19.73 10.18
CA ILE A 119 0.83 -20.77 9.36
C ILE A 119 0.55 -22.17 9.92
N ASP A 120 0.53 -22.28 11.26
CA ASP A 120 0.28 -23.53 12.02
C ASP A 120 0.69 -24.80 11.26
N ASP A 121 -0.25 -25.34 10.48
CA ASP A 121 -0.08 -26.61 9.78
C ASP A 121 -0.15 -27.76 10.77
N GLU A 122 -1.13 -27.67 11.66
CA GLU A 122 -1.34 -28.68 12.67
C GLU A 122 -2.50 -29.58 12.26
ZN ZN B . 0.32 -12.05 -7.49
ZN ZN C . 9.76 3.01 -4.40
#